data_4GEI
# 
_entry.id   4GEI 
# 
_audit_conform.dict_name       mmcif_pdbx.dic 
_audit_conform.dict_version    5.389 
_audit_conform.dict_location   http://mmcif.pdb.org/dictionaries/ascii/mmcif_pdbx.dic 
# 
loop_
_database_2.database_id 
_database_2.database_code 
_database_2.pdbx_database_accession 
_database_2.pdbx_DOI 
PDB   4GEI         pdb_00004gei 10.2210/pdb4gei/pdb 
RCSB  RCSB074082   ?            ?                   
WWPDB D_1000074082 ?            ?                   
# 
loop_
_pdbx_audit_revision_history.ordinal 
_pdbx_audit_revision_history.data_content_type 
_pdbx_audit_revision_history.major_revision 
_pdbx_audit_revision_history.minor_revision 
_pdbx_audit_revision_history.revision_date 
1 'Structure model' 1 0 2013-02-27 
2 'Structure model' 1 1 2013-07-10 
3 'Structure model' 1 2 2017-11-15 
4 'Structure model' 1 3 2024-02-28 
5 'Structure model' 1 4 2024-04-03 
# 
_pdbx_audit_revision_details.ordinal             1 
_pdbx_audit_revision_details.revision_ordinal    1 
_pdbx_audit_revision_details.data_content_type   'Structure model' 
_pdbx_audit_revision_details.provider            repository 
_pdbx_audit_revision_details.type                'Initial release' 
_pdbx_audit_revision_details.description         ? 
_pdbx_audit_revision_details.details             ? 
# 
loop_
_pdbx_audit_revision_group.ordinal 
_pdbx_audit_revision_group.revision_ordinal 
_pdbx_audit_revision_group.data_content_type 
_pdbx_audit_revision_group.group 
1 2 'Structure model' 'Database references'    
2 3 'Structure model' 'Refinement description' 
3 4 'Structure model' 'Data collection'        
4 4 'Structure model' 'Database references'    
5 5 'Structure model' 'Refinement description' 
# 
loop_
_pdbx_audit_revision_category.ordinal 
_pdbx_audit_revision_category.revision_ordinal 
_pdbx_audit_revision_category.data_content_type 
_pdbx_audit_revision_category.category 
1 3 'Structure model' software                      
2 4 'Structure model' chem_comp_atom                
3 4 'Structure model' chem_comp_bond                
4 4 'Structure model' database_2                    
5 4 'Structure model' struct_ref_seq_dif            
6 5 'Structure model' pdbx_initial_refinement_model 
# 
loop_
_pdbx_audit_revision_item.ordinal 
_pdbx_audit_revision_item.revision_ordinal 
_pdbx_audit_revision_item.data_content_type 
_pdbx_audit_revision_item.item 
1 3 'Structure model' '_software.name'                      
2 4 'Structure model' '_database_2.pdbx_DOI'                
3 4 'Structure model' '_database_2.pdbx_database_accession' 
4 4 'Structure model' '_struct_ref_seq_dif.details'         
# 
_pdbx_database_status.status_code                     REL 
_pdbx_database_status.entry_id                        4GEI 
_pdbx_database_status.recvd_initial_deposition_date   2012-08-02 
_pdbx_database_status.deposit_site                    RCSB 
_pdbx_database_status.process_site                    RCSB 
_pdbx_database_status.status_code_sf                  REL 
_pdbx_database_status.status_code_mr                  ? 
_pdbx_database_status.SG_entry                        ? 
_pdbx_database_status.status_code_cs                  ? 
_pdbx_database_status.methods_development_category    ? 
_pdbx_database_status.pdb_format_compatible           Y 
_pdbx_database_status.status_code_nmr_data            ? 
# 
_pdbx_database_related.db_name        PDB 
_pdbx_database_related.db_id          4GEJ 
_pdbx_database_related.details        . 
_pdbx_database_related.content_type   unspecified 
# 
loop_
_audit_author.name 
_audit_author.pdbx_ordinal 
'Polekhina, G.' 1 
'Kok, S.F.'     2 
'Ascher, D.B.'  3 
'Waltham, M.'   4 
# 
_citation.id                        primary 
_citation.title                     'Structure of the N-terminal domain of human thioredoxin-interacting protein.' 
_citation.journal_abbrev            'Acta Crystallogr.,Sect.D' 
_citation.journal_volume            69 
_citation.page_first                333 
_citation.page_last                 344 
_citation.year                      2013 
_citation.journal_id_ASTM           ABCRE6 
_citation.country                   DK 
_citation.journal_id_ISSN           0907-4449 
_citation.journal_id_CSD            0766 
_citation.book_publisher            ? 
_citation.pdbx_database_id_PubMed   23519408 
_citation.pdbx_database_id_DOI      10.1107/S0907444912047099 
# 
loop_
_citation_author.citation_id 
_citation_author.name 
_citation_author.ordinal 
_citation_author.identifier_ORCID 
primary 'Polekhina, G.' 1 ? 
primary 'Ascher, D.B.'  2 ? 
primary 'Kok, S.F.'     3 ? 
primary 'Beckham, S.'   4 ? 
primary 'Wilce, M.'     5 ? 
primary 'Waltham, M.'   6 ? 
# 
loop_
_entity.id 
_entity.type 
_entity.src_method 
_entity.pdbx_description 
_entity.formula_weight 
_entity.pdbx_number_of_molecules 
_entity.pdbx_ec 
_entity.pdbx_mutation 
_entity.pdbx_fragment 
_entity.details 
1 polymer man 'Thioredoxin-interacting protein' 17048.428 1   ? 'K64A, C36S, C49S, C120S' 'N-terminal domain, UNP residues 2-149' 
? 
2 water   nat water                             18.015    219 ? ?                         ?                                       
? 
# 
_entity_name_com.entity_id   1 
_entity_name_com.name        'Thioredoxin-binding protein 2, Vitamin D3 up-regulated protein 1' 
# 
_entity_poly.entity_id                      1 
_entity_poly.type                           'polypeptide(L)' 
_entity_poly.nstd_linkage                   no 
_entity_poly.nstd_monomer                   no 
_entity_poly.pdbx_seq_one_letter_code       
;SNVMFKKIKSFEVVFNDPEKVYGSGERVAGRVIVEVSEVTRVKAVRILASGVAKVLWMQGSQQCAQTSEYLRYEDTLLLE
DQPTGENEMVIMRPGNKYEYKFGFELPQGPLGTSFKGKYGSVDYWVKAFLDRPSQPTQETKKNFEVVDLV
;
_entity_poly.pdbx_seq_one_letter_code_can   
;SNVMFKKIKSFEVVFNDPEKVYGSGERVAGRVIVEVSEVTRVKAVRILASGVAKVLWMQGSQQCAQTSEYLRYEDTLLLE
DQPTGENEMVIMRPGNKYEYKFGFELPQGPLGTSFKGKYGSVDYWVKAFLDRPSQPTQETKKNFEVVDLV
;
_entity_poly.pdbx_strand_id                 A 
_entity_poly.pdbx_target_identifier         ? 
# 
_pdbx_entity_nonpoly.entity_id   2 
_pdbx_entity_nonpoly.name        water 
_pdbx_entity_nonpoly.comp_id     HOH 
# 
loop_
_entity_poly_seq.entity_id 
_entity_poly_seq.num 
_entity_poly_seq.mon_id 
_entity_poly_seq.hetero 
1 1   SER n 
1 2   ASN n 
1 3   VAL n 
1 4   MET n 
1 5   PHE n 
1 6   LYS n 
1 7   LYS n 
1 8   ILE n 
1 9   LYS n 
1 10  SER n 
1 11  PHE n 
1 12  GLU n 
1 13  VAL n 
1 14  VAL n 
1 15  PHE n 
1 16  ASN n 
1 17  ASP n 
1 18  PRO n 
1 19  GLU n 
1 20  LYS n 
1 21  VAL n 
1 22  TYR n 
1 23  GLY n 
1 24  SER n 
1 25  GLY n 
1 26  GLU n 
1 27  ARG n 
1 28  VAL n 
1 29  ALA n 
1 30  GLY n 
1 31  ARG n 
1 32  VAL n 
1 33  ILE n 
1 34  VAL n 
1 35  GLU n 
1 36  VAL n 
1 37  SER n 
1 38  GLU n 
1 39  VAL n 
1 40  THR n 
1 41  ARG n 
1 42  VAL n 
1 43  LYS n 
1 44  ALA n 
1 45  VAL n 
1 46  ARG n 
1 47  ILE n 
1 48  LEU n 
1 49  ALA n 
1 50  SER n 
1 51  GLY n 
1 52  VAL n 
1 53  ALA n 
1 54  LYS n 
1 55  VAL n 
1 56  LEU n 
1 57  TRP n 
1 58  MET n 
1 59  GLN n 
1 60  GLY n 
1 61  SER n 
1 62  GLN n 
1 63  GLN n 
1 64  CYS n 
1 65  ALA n 
1 66  GLN n 
1 67  THR n 
1 68  SER n 
1 69  GLU n 
1 70  TYR n 
1 71  LEU n 
1 72  ARG n 
1 73  TYR n 
1 74  GLU n 
1 75  ASP n 
1 76  THR n 
1 77  LEU n 
1 78  LEU n 
1 79  LEU n 
1 80  GLU n 
1 81  ASP n 
1 82  GLN n 
1 83  PRO n 
1 84  THR n 
1 85  GLY n 
1 86  GLU n 
1 87  ASN n 
1 88  GLU n 
1 89  MET n 
1 90  VAL n 
1 91  ILE n 
1 92  MET n 
1 93  ARG n 
1 94  PRO n 
1 95  GLY n 
1 96  ASN n 
1 97  LYS n 
1 98  TYR n 
1 99  GLU n 
1 100 TYR n 
1 101 LYS n 
1 102 PHE n 
1 103 GLY n 
1 104 PHE n 
1 105 GLU n 
1 106 LEU n 
1 107 PRO n 
1 108 GLN n 
1 109 GLY n 
1 110 PRO n 
1 111 LEU n 
1 112 GLY n 
1 113 THR n 
1 114 SER n 
1 115 PHE n 
1 116 LYS n 
1 117 GLY n 
1 118 LYS n 
1 119 TYR n 
1 120 GLY n 
1 121 SER n 
1 122 VAL n 
1 123 ASP n 
1 124 TYR n 
1 125 TRP n 
1 126 VAL n 
1 127 LYS n 
1 128 ALA n 
1 129 PHE n 
1 130 LEU n 
1 131 ASP n 
1 132 ARG n 
1 133 PRO n 
1 134 SER n 
1 135 GLN n 
1 136 PRO n 
1 137 THR n 
1 138 GLN n 
1 139 GLU n 
1 140 THR n 
1 141 LYS n 
1 142 LYS n 
1 143 ASN n 
1 144 PHE n 
1 145 GLU n 
1 146 VAL n 
1 147 VAL n 
1 148 ASP n 
1 149 LEU n 
1 150 VAL n 
# 
_entity_src_gen.entity_id                          1 
_entity_src_gen.pdbx_src_id                        1 
_entity_src_gen.pdbx_alt_source_flag               sample 
_entity_src_gen.pdbx_seq_type                      ? 
_entity_src_gen.pdbx_beg_seq_num                   ? 
_entity_src_gen.pdbx_end_seq_num                   ? 
_entity_src_gen.gene_src_common_name               human 
_entity_src_gen.gene_src_genus                     ? 
_entity_src_gen.pdbx_gene_src_gene                 'TXNIP, VDUP1' 
_entity_src_gen.gene_src_species                   ? 
_entity_src_gen.gene_src_strain                    ? 
_entity_src_gen.gene_src_tissue                    ? 
_entity_src_gen.gene_src_tissue_fraction           ? 
_entity_src_gen.gene_src_details                   ? 
_entity_src_gen.pdbx_gene_src_fragment             ? 
_entity_src_gen.pdbx_gene_src_scientific_name      'Homo sapiens' 
_entity_src_gen.pdbx_gene_src_ncbi_taxonomy_id     9606 
_entity_src_gen.pdbx_gene_src_variant              ? 
_entity_src_gen.pdbx_gene_src_cell_line            ? 
_entity_src_gen.pdbx_gene_src_atcc                 ? 
_entity_src_gen.pdbx_gene_src_organ                ? 
_entity_src_gen.pdbx_gene_src_organelle            ? 
_entity_src_gen.pdbx_gene_src_cell                 ? 
_entity_src_gen.pdbx_gene_src_cellular_location    ? 
_entity_src_gen.host_org_common_name               ? 
_entity_src_gen.pdbx_host_org_scientific_name      'Escherichia coli' 
_entity_src_gen.pdbx_host_org_ncbi_taxonomy_id     562 
_entity_src_gen.host_org_genus                     ? 
_entity_src_gen.pdbx_host_org_gene                 ? 
_entity_src_gen.pdbx_host_org_organ                ? 
_entity_src_gen.host_org_species                   ? 
_entity_src_gen.pdbx_host_org_tissue               ? 
_entity_src_gen.pdbx_host_org_tissue_fraction      ? 
_entity_src_gen.pdbx_host_org_strain               EC538 
_entity_src_gen.pdbx_host_org_variant              ? 
_entity_src_gen.pdbx_host_org_cell_line            ? 
_entity_src_gen.pdbx_host_org_atcc                 ? 
_entity_src_gen.pdbx_host_org_culture_collection   ? 
_entity_src_gen.pdbx_host_org_cell                 ? 
_entity_src_gen.pdbx_host_org_organelle            ? 
_entity_src_gen.pdbx_host_org_cellular_location    ? 
_entity_src_gen.pdbx_host_org_vector_type          plasmid 
_entity_src_gen.pdbx_host_org_vector               ? 
_entity_src_gen.host_org_details                   ? 
_entity_src_gen.expression_system_id               ? 
_entity_src_gen.plasmid_name                       'modified pMCSG7' 
_entity_src_gen.plasmid_details                    ? 
_entity_src_gen.pdbx_description                   ? 
# 
loop_
_chem_comp.id 
_chem_comp.type 
_chem_comp.mon_nstd_flag 
_chem_comp.name 
_chem_comp.pdbx_synonyms 
_chem_comp.formula 
_chem_comp.formula_weight 
ALA 'L-peptide linking' y ALANINE         ? 'C3 H7 N O2'     89.093  
ARG 'L-peptide linking' y ARGININE        ? 'C6 H15 N4 O2 1' 175.209 
ASN 'L-peptide linking' y ASPARAGINE      ? 'C4 H8 N2 O3'    132.118 
ASP 'L-peptide linking' y 'ASPARTIC ACID' ? 'C4 H7 N O4'     133.103 
CYS 'L-peptide linking' y CYSTEINE        ? 'C3 H7 N O2 S'   121.158 
GLN 'L-peptide linking' y GLUTAMINE       ? 'C5 H10 N2 O3'   146.144 
GLU 'L-peptide linking' y 'GLUTAMIC ACID' ? 'C5 H9 N O4'     147.129 
GLY 'peptide linking'   y GLYCINE         ? 'C2 H5 N O2'     75.067  
HOH non-polymer         . WATER           ? 'H2 O'           18.015  
ILE 'L-peptide linking' y ISOLEUCINE      ? 'C6 H13 N O2'    131.173 
LEU 'L-peptide linking' y LEUCINE         ? 'C6 H13 N O2'    131.173 
LYS 'L-peptide linking' y LYSINE          ? 'C6 H15 N2 O2 1' 147.195 
MET 'L-peptide linking' y METHIONINE      ? 'C5 H11 N O2 S'  149.211 
PHE 'L-peptide linking' y PHENYLALANINE   ? 'C9 H11 N O2'    165.189 
PRO 'L-peptide linking' y PROLINE         ? 'C5 H9 N O2'     115.130 
SER 'L-peptide linking' y SERINE          ? 'C3 H7 N O3'     105.093 
THR 'L-peptide linking' y THREONINE       ? 'C4 H9 N O3'     119.119 
TRP 'L-peptide linking' y TRYPTOPHAN      ? 'C11 H12 N2 O2'  204.225 
TYR 'L-peptide linking' y TYROSINE        ? 'C9 H11 N O3'    181.189 
VAL 'L-peptide linking' y VALINE          ? 'C5 H11 N O2'    117.146 
# 
loop_
_pdbx_poly_seq_scheme.asym_id 
_pdbx_poly_seq_scheme.entity_id 
_pdbx_poly_seq_scheme.seq_id 
_pdbx_poly_seq_scheme.mon_id 
_pdbx_poly_seq_scheme.ndb_seq_num 
_pdbx_poly_seq_scheme.pdb_seq_num 
_pdbx_poly_seq_scheme.auth_seq_num 
_pdbx_poly_seq_scheme.pdb_mon_id 
_pdbx_poly_seq_scheme.auth_mon_id 
_pdbx_poly_seq_scheme.pdb_strand_id 
_pdbx_poly_seq_scheme.pdb_ins_code 
_pdbx_poly_seq_scheme.hetero 
A 1 1   SER 1   0   ?   ?   ?   A . n 
A 1 2   ASN 2   1   ?   ?   ?   A . n 
A 1 3   VAL 3   2   ?   ?   ?   A . n 
A 1 4   MET 4   3   ?   ?   ?   A . n 
A 1 5   PHE 5   4   ?   ?   ?   A . n 
A 1 6   LYS 6   5   ?   ?   ?   A . n 
A 1 7   LYS 7   6   6   LYS LYS A . n 
A 1 8   ILE 8   7   7   ILE ILE A . n 
A 1 9   LYS 9   8   8   LYS LYS A . n 
A 1 10  SER 10  9   9   SER SER A . n 
A 1 11  PHE 11  10  10  PHE PHE A . n 
A 1 12  GLU 12  11  11  GLU GLU A . n 
A 1 13  VAL 13  12  12  VAL VAL A . n 
A 1 14  VAL 14  13  13  VAL VAL A . n 
A 1 15  PHE 15  14  14  PHE PHE A . n 
A 1 16  ASN 16  15  15  ASN ASN A . n 
A 1 17  ASP 17  16  16  ASP ASP A . n 
A 1 18  PRO 18  17  17  PRO PRO A . n 
A 1 19  GLU 19  18  18  GLU GLU A . n 
A 1 20  LYS 20  19  19  LYS LYS A . n 
A 1 21  VAL 21  20  20  VAL VAL A . n 
A 1 22  TYR 22  21  21  TYR TYR A . n 
A 1 23  GLY 23  22  22  GLY GLY A . n 
A 1 24  SER 24  23  23  SER SER A . n 
A 1 25  GLY 25  24  24  GLY GLY A . n 
A 1 26  GLU 26  25  25  GLU GLU A . n 
A 1 27  ARG 27  26  26  ARG ARG A . n 
A 1 28  VAL 28  27  27  VAL VAL A . n 
A 1 29  ALA 29  28  28  ALA ALA A . n 
A 1 30  GLY 30  29  29  GLY GLY A . n 
A 1 31  ARG 31  30  30  ARG ARG A . n 
A 1 32  VAL 32  31  31  VAL VAL A . n 
A 1 33  ILE 33  32  32  ILE ILE A . n 
A 1 34  VAL 34  33  33  VAL VAL A . n 
A 1 35  GLU 35  34  34  GLU GLU A . n 
A 1 36  VAL 36  35  35  VAL VAL A . n 
A 1 37  SER 37  36  36  SER SER A . n 
A 1 38  GLU 38  37  37  GLU GLU A . n 
A 1 39  VAL 39  38  38  VAL VAL A . n 
A 1 40  THR 40  39  39  THR THR A . n 
A 1 41  ARG 41  40  40  ARG ARG A . n 
A 1 42  VAL 42  41  41  VAL VAL A . n 
A 1 43  LYS 43  42  42  LYS LYS A . n 
A 1 44  ALA 44  43  43  ALA ALA A . n 
A 1 45  VAL 45  44  44  VAL VAL A . n 
A 1 46  ARG 46  45  45  ARG ARG A . n 
A 1 47  ILE 47  46  46  ILE ILE A . n 
A 1 48  LEU 48  47  47  LEU LEU A . n 
A 1 49  ALA 49  48  48  ALA ALA A . n 
A 1 50  SER 50  49  49  SER SER A . n 
A 1 51  GLY 51  50  50  GLY GLY A . n 
A 1 52  VAL 52  51  51  VAL VAL A . n 
A 1 53  ALA 53  52  52  ALA ALA A . n 
A 1 54  LYS 54  53  53  LYS LYS A . n 
A 1 55  VAL 55  54  54  VAL VAL A . n 
A 1 56  LEU 56  55  55  LEU LEU A . n 
A 1 57  TRP 57  56  56  TRP TRP A . n 
A 1 58  MET 58  57  57  MET MET A . n 
A 1 59  GLN 59  58  58  GLN GLN A . n 
A 1 60  GLY 60  59  59  GLY GLY A . n 
A 1 61  SER 61  60  60  SER SER A . n 
A 1 62  GLN 62  61  61  GLN GLN A . n 
A 1 63  GLN 63  62  62  GLN GLN A . n 
A 1 64  CYS 64  63  63  CYS CYS A . n 
A 1 65  ALA 65  64  64  ALA ALA A . n 
A 1 66  GLN 66  65  65  GLN GLN A . n 
A 1 67  THR 67  66  66  THR THR A . n 
A 1 68  SER 68  67  67  SER SER A . n 
A 1 69  GLU 69  68  68  GLU GLU A . n 
A 1 70  TYR 70  69  69  TYR TYR A . n 
A 1 71  LEU 71  70  70  LEU LEU A . n 
A 1 72  ARG 72  71  71  ARG ARG A . n 
A 1 73  TYR 73  72  72  TYR TYR A . n 
A 1 74  GLU 74  73  73  GLU GLU A . n 
A 1 75  ASP 75  74  74  ASP ASP A . n 
A 1 76  THR 76  75  75  THR THR A . n 
A 1 77  LEU 77  76  76  LEU LEU A . n 
A 1 78  LEU 78  77  77  LEU LEU A . n 
A 1 79  LEU 79  78  78  LEU LEU A . n 
A 1 80  GLU 80  79  79  GLU GLU A . n 
A 1 81  ASP 81  80  80  ASP ASP A . n 
A 1 82  GLN 82  81  81  GLN GLN A . n 
A 1 83  PRO 83  82  82  PRO PRO A . n 
A 1 84  THR 84  83  83  THR THR A . n 
A 1 85  GLY 85  84  84  GLY GLY A . n 
A 1 86  GLU 86  85  85  GLU GLU A . n 
A 1 87  ASN 87  86  86  ASN ASN A . n 
A 1 88  GLU 88  87  87  GLU GLU A . n 
A 1 89  MET 89  88  88  MET MET A . n 
A 1 90  VAL 90  89  89  VAL VAL A . n 
A 1 91  ILE 91  90  90  ILE ILE A . n 
A 1 92  MET 92  91  91  MET MET A . n 
A 1 93  ARG 93  92  92  ARG ARG A . n 
A 1 94  PRO 94  93  93  PRO PRO A . n 
A 1 95  GLY 95  94  94  GLY GLY A . n 
A 1 96  ASN 96  95  95  ASN ASN A . n 
A 1 97  LYS 97  96  96  LYS LYS A . n 
A 1 98  TYR 98  97  97  TYR TYR A . n 
A 1 99  GLU 99  98  98  GLU GLU A . n 
A 1 100 TYR 100 99  99  TYR TYR A . n 
A 1 101 LYS 101 100 100 LYS LYS A . n 
A 1 102 PHE 102 101 101 PHE PHE A . n 
A 1 103 GLY 103 102 102 GLY GLY A . n 
A 1 104 PHE 104 103 103 PHE PHE A . n 
A 1 105 GLU 105 104 104 GLU GLU A . n 
A 1 106 LEU 106 105 105 LEU LEU A . n 
A 1 107 PRO 107 106 106 PRO PRO A . n 
A 1 108 GLN 108 107 107 GLN GLN A . n 
A 1 109 GLY 109 108 108 GLY GLY A . n 
A 1 110 PRO 110 109 109 PRO PRO A . n 
A 1 111 LEU 111 110 110 LEU LEU A . n 
A 1 112 GLY 112 111 111 GLY GLY A . n 
A 1 113 THR 113 112 112 THR THR A . n 
A 1 114 SER 114 113 113 SER SER A . n 
A 1 115 PHE 115 114 114 PHE PHE A . n 
A 1 116 LYS 116 115 115 LYS LYS A . n 
A 1 117 GLY 117 116 116 GLY GLY A . n 
A 1 118 LYS 118 117 117 LYS LYS A . n 
A 1 119 TYR 119 118 118 TYR TYR A . n 
A 1 120 GLY 120 119 119 GLY GLY A . n 
A 1 121 SER 121 120 120 SER SER A . n 
A 1 122 VAL 122 121 121 VAL VAL A . n 
A 1 123 ASP 123 122 122 ASP ASP A . n 
A 1 124 TYR 124 123 123 TYR TYR A . n 
A 1 125 TRP 125 124 124 TRP TRP A . n 
A 1 126 VAL 126 125 125 VAL VAL A . n 
A 1 127 LYS 127 126 126 LYS LYS A . n 
A 1 128 ALA 128 127 127 ALA ALA A . n 
A 1 129 PHE 129 128 128 PHE PHE A . n 
A 1 130 LEU 130 129 129 LEU LEU A . n 
A 1 131 ASP 131 130 130 ASP ASP A . n 
A 1 132 ARG 132 131 131 ARG ARG A . n 
A 1 133 PRO 133 132 132 PRO PRO A . n 
A 1 134 SER 134 133 133 SER SER A . n 
A 1 135 GLN 135 134 134 GLN GLN A . n 
A 1 136 PRO 136 135 135 PRO PRO A . n 
A 1 137 THR 137 136 136 THR THR A . n 
A 1 138 GLN 138 137 137 GLN GLN A . n 
A 1 139 GLU 139 138 138 GLU GLU A . n 
A 1 140 THR 140 139 139 THR THR A . n 
A 1 141 LYS 141 140 140 LYS LYS A . n 
A 1 142 LYS 142 141 141 LYS LYS A . n 
A 1 143 ASN 143 142 142 ASN ASN A . n 
A 1 144 PHE 144 143 143 PHE PHE A . n 
A 1 145 GLU 145 144 144 GLU GLU A . n 
A 1 146 VAL 146 145 145 VAL VAL A . n 
A 1 147 VAL 147 146 146 VAL VAL A . n 
A 1 148 ASP 148 147 147 ASP ASP A . n 
A 1 149 LEU 149 148 148 LEU LEU A . n 
A 1 150 VAL 150 149 149 VAL VAL A . n 
# 
loop_
_pdbx_nonpoly_scheme.asym_id 
_pdbx_nonpoly_scheme.entity_id 
_pdbx_nonpoly_scheme.mon_id 
_pdbx_nonpoly_scheme.ndb_seq_num 
_pdbx_nonpoly_scheme.pdb_seq_num 
_pdbx_nonpoly_scheme.auth_seq_num 
_pdbx_nonpoly_scheme.pdb_mon_id 
_pdbx_nonpoly_scheme.auth_mon_id 
_pdbx_nonpoly_scheme.pdb_strand_id 
_pdbx_nonpoly_scheme.pdb_ins_code 
B 2 HOH 1   201 1   HOH HOH A . 
B 2 HOH 2   202 2   HOH HOH A . 
B 2 HOH 3   203 3   HOH HOH A . 
B 2 HOH 4   204 4   HOH HOH A . 
B 2 HOH 5   205 5   HOH HOH A . 
B 2 HOH 6   206 6   HOH HOH A . 
B 2 HOH 7   207 7   HOH HOH A . 
B 2 HOH 8   208 8   HOH HOH A . 
B 2 HOH 9   209 9   HOH HOH A . 
B 2 HOH 10  210 10  HOH HOH A . 
B 2 HOH 11  211 11  HOH HOH A . 
B 2 HOH 12  212 12  HOH HOH A . 
B 2 HOH 13  213 13  HOH HOH A . 
B 2 HOH 14  214 14  HOH HOH A . 
B 2 HOH 15  215 15  HOH HOH A . 
B 2 HOH 16  216 16  HOH HOH A . 
B 2 HOH 17  217 17  HOH HOH A . 
B 2 HOH 18  218 18  HOH HOH A . 
B 2 HOH 19  219 19  HOH HOH A . 
B 2 HOH 20  220 20  HOH HOH A . 
B 2 HOH 21  221 21  HOH HOH A . 
B 2 HOH 22  222 22  HOH HOH A . 
B 2 HOH 23  223 23  HOH HOH A . 
B 2 HOH 24  224 24  HOH HOH A . 
B 2 HOH 25  225 25  HOH HOH A . 
B 2 HOH 26  226 26  HOH HOH A . 
B 2 HOH 27  227 27  HOH HOH A . 
B 2 HOH 28  228 28  HOH HOH A . 
B 2 HOH 29  229 29  HOH HOH A . 
B 2 HOH 30  230 30  HOH HOH A . 
B 2 HOH 31  231 31  HOH HOH A . 
B 2 HOH 32  232 32  HOH HOH A . 
B 2 HOH 33  233 33  HOH HOH A . 
B 2 HOH 34  234 34  HOH HOH A . 
B 2 HOH 35  235 35  HOH HOH A . 
B 2 HOH 36  236 36  HOH HOH A . 
B 2 HOH 37  237 37  HOH HOH A . 
B 2 HOH 38  238 38  HOH HOH A . 
B 2 HOH 39  239 39  HOH HOH A . 
B 2 HOH 40  240 40  HOH HOH A . 
B 2 HOH 41  241 41  HOH HOH A . 
B 2 HOH 42  242 42  HOH HOH A . 
B 2 HOH 43  243 43  HOH HOH A . 
B 2 HOH 44  244 44  HOH HOH A . 
B 2 HOH 45  245 45  HOH HOH A . 
B 2 HOH 46  246 46  HOH HOH A . 
B 2 HOH 47  247 47  HOH HOH A . 
B 2 HOH 48  248 48  HOH HOH A . 
B 2 HOH 49  249 49  HOH HOH A . 
B 2 HOH 50  250 50  HOH HOH A . 
B 2 HOH 51  251 51  HOH HOH A . 
B 2 HOH 52  252 52  HOH HOH A . 
B 2 HOH 53  253 53  HOH HOH A . 
B 2 HOH 54  254 54  HOH HOH A . 
B 2 HOH 55  255 55  HOH HOH A . 
B 2 HOH 56  256 56  HOH HOH A . 
B 2 HOH 57  257 57  HOH HOH A . 
B 2 HOH 58  258 58  HOH HOH A . 
B 2 HOH 59  259 59  HOH HOH A . 
B 2 HOH 60  260 60  HOH HOH A . 
B 2 HOH 61  261 61  HOH HOH A . 
B 2 HOH 62  262 62  HOH HOH A . 
B 2 HOH 63  263 63  HOH HOH A . 
B 2 HOH 64  264 64  HOH HOH A . 
B 2 HOH 65  265 65  HOH HOH A . 
B 2 HOH 66  266 66  HOH HOH A . 
B 2 HOH 67  267 67  HOH HOH A . 
B 2 HOH 68  268 68  HOH HOH A . 
B 2 HOH 69  269 69  HOH HOH A . 
B 2 HOH 70  270 70  HOH HOH A . 
B 2 HOH 71  271 71  HOH HOH A . 
B 2 HOH 72  272 72  HOH HOH A . 
B 2 HOH 73  273 73  HOH HOH A . 
B 2 HOH 74  274 74  HOH HOH A . 
B 2 HOH 75  275 75  HOH HOH A . 
B 2 HOH 76  276 76  HOH HOH A . 
B 2 HOH 77  277 77  HOH HOH A . 
B 2 HOH 78  278 78  HOH HOH A . 
B 2 HOH 79  279 79  HOH HOH A . 
B 2 HOH 80  280 80  HOH HOH A . 
B 2 HOH 81  281 81  HOH HOH A . 
B 2 HOH 82  282 82  HOH HOH A . 
B 2 HOH 83  283 83  HOH HOH A . 
B 2 HOH 84  284 84  HOH HOH A . 
B 2 HOH 85  285 85  HOH HOH A . 
B 2 HOH 86  286 86  HOH HOH A . 
B 2 HOH 87  287 87  HOH HOH A . 
B 2 HOH 88  288 88  HOH HOH A . 
B 2 HOH 89  289 89  HOH HOH A . 
B 2 HOH 90  290 90  HOH HOH A . 
B 2 HOH 91  291 91  HOH HOH A . 
B 2 HOH 92  292 92  HOH HOH A . 
B 2 HOH 93  293 93  HOH HOH A . 
B 2 HOH 94  294 94  HOH HOH A . 
B 2 HOH 95  295 95  HOH HOH A . 
B 2 HOH 96  296 96  HOH HOH A . 
B 2 HOH 97  297 97  HOH HOH A . 
B 2 HOH 98  298 98  HOH HOH A . 
B 2 HOH 99  299 99  HOH HOH A . 
B 2 HOH 100 300 100 HOH HOH A . 
B 2 HOH 101 301 101 HOH HOH A . 
B 2 HOH 102 302 102 HOH HOH A . 
B 2 HOH 103 303 103 HOH HOH A . 
B 2 HOH 104 304 104 HOH HOH A . 
B 2 HOH 105 305 105 HOH HOH A . 
B 2 HOH 106 306 106 HOH HOH A . 
B 2 HOH 107 307 107 HOH HOH A . 
B 2 HOH 108 308 108 HOH HOH A . 
B 2 HOH 109 309 109 HOH HOH A . 
B 2 HOH 110 310 110 HOH HOH A . 
B 2 HOH 111 311 111 HOH HOH A . 
B 2 HOH 112 312 112 HOH HOH A . 
B 2 HOH 113 313 113 HOH HOH A . 
B 2 HOH 114 314 114 HOH HOH A . 
B 2 HOH 115 315 115 HOH HOH A . 
B 2 HOH 116 316 116 HOH HOH A . 
B 2 HOH 117 317 117 HOH HOH A . 
B 2 HOH 118 318 118 HOH HOH A . 
B 2 HOH 119 319 119 HOH HOH A . 
B 2 HOH 120 320 120 HOH HOH A . 
B 2 HOH 121 321 121 HOH HOH A . 
B 2 HOH 122 322 122 HOH HOH A . 
B 2 HOH 123 323 123 HOH HOH A . 
B 2 HOH 124 324 124 HOH HOH A . 
B 2 HOH 125 325 125 HOH HOH A . 
B 2 HOH 126 326 126 HOH HOH A . 
B 2 HOH 127 327 127 HOH HOH A . 
B 2 HOH 128 328 128 HOH HOH A . 
B 2 HOH 129 329 129 HOH HOH A . 
B 2 HOH 130 330 130 HOH HOH A . 
B 2 HOH 131 331 131 HOH HOH A . 
B 2 HOH 132 332 132 HOH HOH A . 
B 2 HOH 133 333 133 HOH HOH A . 
B 2 HOH 134 334 134 HOH HOH A . 
B 2 HOH 135 335 135 HOH HOH A . 
B 2 HOH 136 336 136 HOH HOH A . 
B 2 HOH 137 337 137 HOH HOH A . 
B 2 HOH 138 338 138 HOH HOH A . 
B 2 HOH 139 339 139 HOH HOH A . 
B 2 HOH 140 340 140 HOH HOH A . 
B 2 HOH 141 341 141 HOH HOH A . 
B 2 HOH 142 342 142 HOH HOH A . 
B 2 HOH 143 343 143 HOH HOH A . 
B 2 HOH 144 344 144 HOH HOH A . 
B 2 HOH 145 345 145 HOH HOH A . 
B 2 HOH 146 346 146 HOH HOH A . 
B 2 HOH 147 347 147 HOH HOH A . 
B 2 HOH 148 348 148 HOH HOH A . 
B 2 HOH 149 349 149 HOH HOH A . 
B 2 HOH 150 350 150 HOH HOH A . 
B 2 HOH 151 351 151 HOH HOH A . 
B 2 HOH 152 352 152 HOH HOH A . 
B 2 HOH 153 353 153 HOH HOH A . 
B 2 HOH 154 354 154 HOH HOH A . 
B 2 HOH 155 355 155 HOH HOH A . 
B 2 HOH 156 356 156 HOH HOH A . 
B 2 HOH 157 357 157 HOH HOH A . 
B 2 HOH 158 358 158 HOH HOH A . 
B 2 HOH 159 359 159 HOH HOH A . 
B 2 HOH 160 360 160 HOH HOH A . 
B 2 HOH 161 361 161 HOH HOH A . 
B 2 HOH 162 362 162 HOH HOH A . 
B 2 HOH 163 363 163 HOH HOH A . 
B 2 HOH 164 364 164 HOH HOH A . 
B 2 HOH 165 365 165 HOH HOH A . 
B 2 HOH 166 366 166 HOH HOH A . 
B 2 HOH 167 367 167 HOH HOH A . 
B 2 HOH 168 368 168 HOH HOH A . 
B 2 HOH 169 369 169 HOH HOH A . 
B 2 HOH 170 370 170 HOH HOH A . 
B 2 HOH 171 371 171 HOH HOH A . 
B 2 HOH 172 372 172 HOH HOH A . 
B 2 HOH 173 373 173 HOH HOH A . 
B 2 HOH 174 374 174 HOH HOH A . 
B 2 HOH 175 375 175 HOH HOH A . 
B 2 HOH 176 376 176 HOH HOH A . 
B 2 HOH 177 377 177 HOH HOH A . 
B 2 HOH 178 378 178 HOH HOH A . 
B 2 HOH 179 379 179 HOH HOH A . 
B 2 HOH 180 380 180 HOH HOH A . 
B 2 HOH 181 381 181 HOH HOH A . 
B 2 HOH 182 382 182 HOH HOH A . 
B 2 HOH 183 383 183 HOH HOH A . 
B 2 HOH 184 384 184 HOH HOH A . 
B 2 HOH 185 385 185 HOH HOH A . 
B 2 HOH 186 386 186 HOH HOH A . 
B 2 HOH 187 387 187 HOH HOH A . 
B 2 HOH 188 388 188 HOH HOH A . 
B 2 HOH 189 389 189 HOH HOH A . 
B 2 HOH 190 390 190 HOH HOH A . 
B 2 HOH 191 391 191 HOH HOH A . 
B 2 HOH 192 392 192 HOH HOH A . 
B 2 HOH 193 393 193 HOH HOH A . 
B 2 HOH 194 394 194 HOH HOH A . 
B 2 HOH 195 395 195 HOH HOH A . 
B 2 HOH 196 396 196 HOH HOH A . 
B 2 HOH 197 397 197 HOH HOH A . 
B 2 HOH 198 398 198 HOH HOH A . 
B 2 HOH 199 399 199 HOH HOH A . 
B 2 HOH 200 400 200 HOH HOH A . 
B 2 HOH 201 401 201 HOH HOH A . 
B 2 HOH 202 402 202 HOH HOH A . 
B 2 HOH 203 403 203 HOH HOH A . 
B 2 HOH 204 404 204 HOH HOH A . 
B 2 HOH 205 405 205 HOH HOH A . 
B 2 HOH 206 406 206 HOH HOH A . 
B 2 HOH 207 407 207 HOH HOH A . 
B 2 HOH 208 408 208 HOH HOH A . 
B 2 HOH 209 409 209 HOH HOH A . 
B 2 HOH 210 410 210 HOH HOH A . 
B 2 HOH 211 411 211 HOH HOH A . 
B 2 HOH 212 412 212 HOH HOH A . 
B 2 HOH 213 413 213 HOH HOH A . 
B 2 HOH 214 414 214 HOH HOH A . 
B 2 HOH 215 415 215 HOH HOH A . 
B 2 HOH 216 416 216 HOH HOH A . 
B 2 HOH 217 417 217 HOH HOH A . 
B 2 HOH 218 418 218 HOH HOH A . 
B 2 HOH 219 419 219 HOH HOH A . 
# 
loop_
_software.name 
_software.classification 
_software.version 
_software.citation_id 
_software.pdbx_ordinal 
Blu-Ice 'data collection' .        ? 1 
PHENIX  'model building'  .        ? 2 
REFMAC  refinement        5.6.0117 ? 3 
MOSFLM  'data reduction'  .        ? 4 
SCALA   'data scaling'    .        ? 5 
PHENIX  phasing           .        ? 6 
# 
_cell.entry_id           4GEI 
_cell.length_a           98.250 
_cell.length_b           76.280 
_cell.length_c           31.030 
_cell.angle_alpha        90.00 
_cell.angle_beta         92.65 
_cell.angle_gamma        90.00 
_cell.Z_PDB              4 
_cell.pdbx_unique_axis   ? 
_cell.length_a_esd       ? 
_cell.length_b_esd       ? 
_cell.length_c_esd       ? 
_cell.angle_alpha_esd    ? 
_cell.angle_beta_esd     ? 
_cell.angle_gamma_esd    ? 
# 
_symmetry.entry_id                         4GEI 
_symmetry.space_group_name_H-M             'C 1 2 1' 
_symmetry.pdbx_full_space_group_name_H-M   ? 
_symmetry.cell_setting                     ? 
_symmetry.Int_Tables_number                5 
_symmetry.space_group_name_Hall            ? 
# 
_exptl.entry_id          4GEI 
_exptl.method            'X-RAY DIFFRACTION' 
_exptl.crystals_number   1 
# 
_exptl_crystal.id                    1 
_exptl_crystal.density_meas          ? 
_exptl_crystal.density_Matthews      3.41 
_exptl_crystal.density_percent_sol   63.89 
_exptl_crystal.description           ? 
_exptl_crystal.F_000                 ? 
_exptl_crystal.preparation           ? 
# 
_exptl_crystal_grow.crystal_id      1 
_exptl_crystal_grow.method          batch 
_exptl_crystal_grow.temp            277 
_exptl_crystal_grow.temp_details    ? 
_exptl_crystal_grow.pH              7.15 
_exptl_crystal_grow.pdbx_pH_range   ? 
_exptl_crystal_grow.pdbx_details    '25mM Hepes, 1 mM DTT, pH 7.15, batch, temperature 277K' 
# 
_diffrn.id                     1 
_diffrn.ambient_temp           100 
_diffrn.ambient_temp_details   ? 
_diffrn.crystal_id             1 
# 
_diffrn_detector.diffrn_id              1 
_diffrn_detector.detector               CCD 
_diffrn_detector.type                   'ADSC QUANTUM 315r' 
_diffrn_detector.pdbx_collection_date   2012-02-19 
_diffrn_detector.details                mirrows 
# 
_diffrn_radiation.diffrn_id                        1 
_diffrn_radiation.wavelength_id                    1 
_diffrn_radiation.pdbx_monochromatic_or_laue_m_l   M 
_diffrn_radiation.monochromator                    'silicon double crystal' 
_diffrn_radiation.pdbx_diffrn_protocol             'SINGLE WAVELENGTH' 
_diffrn_radiation.pdbx_scattering_type             x-ray 
# 
_diffrn_radiation_wavelength.id           1 
_diffrn_radiation_wavelength.wavelength   0.9537 
_diffrn_radiation_wavelength.wt           1.0 
# 
_diffrn_source.diffrn_id                   1 
_diffrn_source.source                      SYNCHROTRON 
_diffrn_source.type                        'AUSTRALIAN SYNCHROTRON BEAMLINE MX2' 
_diffrn_source.pdbx_synchrotron_site       'Australian Synchrotron' 
_diffrn_source.pdbx_synchrotron_beamline   MX2 
_diffrn_source.pdbx_wavelength             ? 
_diffrn_source.pdbx_wavelength_list        0.9537 
# 
_reflns.pdbx_diffrn_id               1 
_reflns.pdbx_ordinal                 1 
_reflns.entry_id                     4GEI 
_reflns.observed_criterion_sigma_I   0.0 
_reflns.observed_criterion_sigma_F   0.0 
_reflns.d_resolution_low             38.0 
_reflns.d_resolution_high            1.5 
_reflns.number_obs                   36857 
_reflns.number_all                   ? 
_reflns.percent_possible_obs         99.8 
_reflns.pdbx_Rmerge_I_obs            0.062 
_reflns.pdbx_Rsym_value              0.062 
_reflns.pdbx_netI_over_sigmaI        16.7 
_reflns.B_iso_Wilson_estimate        ? 
_reflns.pdbx_redundancy              7.2 
_reflns.R_free_details               ? 
_reflns.limit_h_max                  ? 
_reflns.limit_h_min                  ? 
_reflns.limit_k_max                  ? 
_reflns.limit_k_min                  ? 
_reflns.limit_l_max                  ? 
_reflns.limit_l_min                  ? 
_reflns.observed_criterion_F_max     ? 
_reflns.observed_criterion_F_min     ? 
_reflns.pdbx_chi_squared             ? 
_reflns.pdbx_scaling_rejects         ? 
# 
_reflns_shell.pdbx_diffrn_id         1 
_reflns_shell.pdbx_ordinal           1 
_reflns_shell.d_res_high             1.5 
_reflns_shell.d_res_low              1.58 
_reflns_shell.percent_possible_all   99.2 
_reflns_shell.Rmerge_I_obs           0.672 
_reflns_shell.pdbx_Rsym_value        0.672 
_reflns_shell.meanI_over_sigI_obs    2.6 
_reflns_shell.pdbx_redundancy        7.0 
_reflns_shell.percent_possible_obs   ? 
_reflns_shell.number_unique_all      ? 
_reflns_shell.number_measured_all    ? 
_reflns_shell.number_measured_obs    ? 
_reflns_shell.number_unique_obs      ? 
_reflns_shell.pdbx_chi_squared       ? 
# 
_refine.pdbx_refine_id                           'X-RAY DIFFRACTION' 
_refine.entry_id                                 4GEI 
_refine.pdbx_diffrn_id                           1 
_refine.pdbx_TLS_residual_ADP_flag               ? 
_refine.ls_number_reflns_obs                     32902 
_refine.ls_number_reflns_all                     36955 
_refine.pdbx_ls_sigma_I                          ? 
_refine.pdbx_ls_sigma_F                          . 
_refine.pdbx_data_cutoff_high_absF               ? 
_refine.pdbx_data_cutoff_low_absF                ? 
_refine.pdbx_data_cutoff_high_rms_absF           ? 
_refine.ls_d_res_low                             30.13 
_refine.ls_d_res_high                            1.50 
_refine.ls_percent_reflns_obs                    99.79 
_refine.ls_R_factor_obs                          0.18198 
_refine.ls_R_factor_all                          ? 
_refine.ls_R_factor_R_work                       0.17958 
_refine.ls_R_factor_R_free                       0.20328 
_refine.ls_R_factor_R_free_error                 ? 
_refine.ls_R_factor_R_free_error_details         ? 
_refine.ls_percent_reflns_R_free                 9.9 
_refine.ls_number_reflns_R_free                  3619 
_refine.ls_number_parameters                     ? 
_refine.ls_number_restraints                     ? 
_refine.occupancy_min                            ? 
_refine.occupancy_max                            ? 
_refine.correlation_coeff_Fo_to_Fc               0.968 
_refine.correlation_coeff_Fo_to_Fc_free          0.957 
_refine.B_iso_mean                               25.770 
_refine.aniso_B[1][1]                            -0.90 
_refine.aniso_B[2][2]                            1.13 
_refine.aniso_B[3][3]                            -0.22 
_refine.aniso_B[1][2]                            0.00 
_refine.aniso_B[1][3]                            -0.28 
_refine.aniso_B[2][3]                            0.00 
_refine.solvent_model_details                    MASK 
_refine.solvent_model_param_ksol                 ? 
_refine.solvent_model_param_bsol                 ? 
_refine.pdbx_solvent_vdw_probe_radii             1.20 
_refine.pdbx_solvent_ion_probe_radii             0.80 
_refine.pdbx_solvent_shrinkage_radii             0.80 
_refine.pdbx_ls_cross_valid_method               THROUGHOUT 
_refine.details                                  'HYDROGENS HAVE BEEN USED IF PRESENT IN THE INPUT' 
_refine.pdbx_starting_model                      'A MODEL OBTAINED FROM EXPERIMENTAL PHASING BY SAD USING PT SOAKED CRYSTALS' 
_refine.pdbx_method_to_determine_struct          SAD 
_refine.pdbx_isotropic_thermal_model             isotropic 
_refine.pdbx_stereochemistry_target_values       'MAXIMUM LIKELIHOOD' 
_refine.pdbx_stereochem_target_val_spec_case     ? 
_refine.pdbx_R_Free_selection_details            RANDOM 
_refine.pdbx_overall_ESU_R                       0.067 
_refine.pdbx_overall_ESU_R_Free                  0.068 
_refine.overall_SU_ML                            0.042 
_refine.pdbx_overall_phase_error                 ? 
_refine.overall_SU_B                             1.102 
_refine.overall_SU_R_Cruickshank_DPI             ? 
_refine.pdbx_overall_SU_R_free_Cruickshank_DPI   ? 
_refine.pdbx_overall_SU_R_Blow_DPI               ? 
_refine.pdbx_overall_SU_R_free_Blow_DPI          ? 
_refine.ls_redundancy_reflns_obs                 ? 
_refine.B_iso_min                                ? 
_refine.B_iso_max                                ? 
_refine.overall_SU_R_free                        ? 
_refine.ls_wR_factor_R_free                      ? 
_refine.ls_wR_factor_R_work                      ? 
_refine.overall_FOM_free_R_set                   ? 
_refine.overall_FOM_work_R_set                   ? 
# 
_refine_analyze.pdbx_refine_id                  'X-RAY DIFFRACTION' 
_refine_analyze.entry_id                        4GEI 
_refine_analyze.Luzzati_coordinate_error_obs    0.164 
_refine_analyze.Luzzati_sigma_a_obs             ? 
_refine_analyze.Luzzati_d_res_low_obs           ? 
_refine_analyze.Luzzati_coordinate_error_free   ? 
_refine_analyze.Luzzati_sigma_a_free            ? 
_refine_analyze.Luzzati_d_res_low_free          ? 
_refine_analyze.number_disordered_residues      ? 
_refine_analyze.occupancy_sum_hydrogen          ? 
_refine_analyze.occupancy_sum_non_hydrogen      ? 
_refine_analyze.pdbx_Luzzati_d_res_high_obs     ? 
# 
_refine_hist.pdbx_refine_id                   'X-RAY DIFFRACTION' 
_refine_hist.cycle_id                         LAST 
_refine_hist.pdbx_number_atoms_protein        1151 
_refine_hist.pdbx_number_atoms_nucleic_acid   0 
_refine_hist.pdbx_number_atoms_ligand         0 
_refine_hist.number_atoms_solvent             219 
_refine_hist.number_atoms_total               1370 
_refine_hist.d_res_high                       1.50 
_refine_hist.d_res_low                        30.13 
# 
loop_
_refine_ls_restr.type 
_refine_ls_restr.dev_ideal 
_refine_ls_restr.dev_ideal_target 
_refine_ls_restr.weight 
_refine_ls_restr.number 
_refine_ls_restr.pdbx_refine_id 
_refine_ls_restr.pdbx_restraint_function 
r_bond_refined_d             0.015  0.020  ? 1362 'X-RAY DIFFRACTION' ? 
r_bond_other_d               ?      ?      ? ?    'X-RAY DIFFRACTION' ? 
r_angle_refined_deg          1.817  1.978  ? 1864 'X-RAY DIFFRACTION' ? 
r_angle_other_deg            ?      ?      ? ?    'X-RAY DIFFRACTION' ? 
r_dihedral_angle_1_deg       8.850  5.000  ? 184  'X-RAY DIFFRACTION' ? 
r_dihedral_angle_2_deg       36.629 25.000 ? 66   'X-RAY DIFFRACTION' ? 
r_dihedral_angle_3_deg       15.883 15.000 ? 256  'X-RAY DIFFRACTION' ? 
r_dihedral_angle_4_deg       22.727 15.000 ? 8    'X-RAY DIFFRACTION' ? 
r_chiral_restr               0.160  0.200  ? 198  'X-RAY DIFFRACTION' ? 
r_gen_planes_refined         0.009  0.021  ? 1069 'X-RAY DIFFRACTION' ? 
r_gen_planes_other           ?      ?      ? ?    'X-RAY DIFFRACTION' ? 
r_nbd_refined                ?      ?      ? ?    'X-RAY DIFFRACTION' ? 
r_nbd_other                  ?      ?      ? ?    'X-RAY DIFFRACTION' ? 
r_nbtor_refined              ?      ?      ? ?    'X-RAY DIFFRACTION' ? 
r_nbtor_other                ?      ?      ? ?    'X-RAY DIFFRACTION' ? 
r_xyhbond_nbd_refined        ?      ?      ? ?    'X-RAY DIFFRACTION' ? 
r_xyhbond_nbd_other          ?      ?      ? ?    'X-RAY DIFFRACTION' ? 
r_metal_ion_refined          ?      ?      ? ?    'X-RAY DIFFRACTION' ? 
r_metal_ion_other            ?      ?      ? ?    'X-RAY DIFFRACTION' ? 
r_symmetry_vdw_refined       ?      ?      ? ?    'X-RAY DIFFRACTION' ? 
r_symmetry_vdw_other         ?      ?      ? ?    'X-RAY DIFFRACTION' ? 
r_symmetry_hbond_refined     ?      ?      ? ?    'X-RAY DIFFRACTION' ? 
r_symmetry_hbond_other       ?      ?      ? ?    'X-RAY DIFFRACTION' ? 
r_symmetry_metal_ion_refined ?      ?      ? ?    'X-RAY DIFFRACTION' ? 
r_symmetry_metal_ion_other   ?      ?      ? ?    'X-RAY DIFFRACTION' ? 
r_mcbond_it                  ?      ?      ? ?    'X-RAY DIFFRACTION' ? 
r_mcbond_other               ?      ?      ? ?    'X-RAY DIFFRACTION' ? 
r_mcangle_it                 ?      ?      ? ?    'X-RAY DIFFRACTION' ? 
r_scbond_it                  ?      ?      ? ?    'X-RAY DIFFRACTION' ? 
r_scangle_it                 ?      ?      ? ?    'X-RAY DIFFRACTION' ? 
r_rigid_bond_restr           ?      ?      ? ?    'X-RAY DIFFRACTION' ? 
r_sphericity_free            ?      ?      ? ?    'X-RAY DIFFRACTION' ? 
r_sphericity_bonded          ?      ?      ? ?    'X-RAY DIFFRACTION' ? 
# 
_refine_ls_shell.pdbx_refine_id                   'X-RAY DIFFRACTION' 
_refine_ls_shell.pdbx_total_number_of_bins_used   20 
_refine_ls_shell.d_res_high                       1.500 
_refine_ls_shell.d_res_low                        1.539 
_refine_ls_shell.number_reflns_R_work             2415 
_refine_ls_shell.R_factor_R_work                  0.350 
_refine_ls_shell.percent_reflns_obs               99.48 
_refine_ls_shell.R_factor_R_free                  0.347 
_refine_ls_shell.R_factor_R_free_error            ? 
_refine_ls_shell.percent_reflns_R_free            ? 
_refine_ls_shell.number_reflns_R_free             275 
_refine_ls_shell.number_reflns_all                ? 
_refine_ls_shell.R_factor_all                     ? 
_refine_ls_shell.redundancy_reflns_obs            ? 
_refine_ls_shell.number_reflns_obs                ? 
# 
_struct.entry_id                  4GEI 
_struct.title                     'N-terminal domain of VDUP-1' 
_struct.pdbx_model_details        ? 
_struct.pdbx_CASP_flag            ? 
_struct.pdbx_model_type_details   ? 
# 
_struct_keywords.entry_id        4GEI 
_struct_keywords.pdbx_keywords   'PROTEIN BINDING' 
_struct_keywords.text            'alpha-arrestin, oxidative stress, metabolism, thioredoxin, PROTEIN BINDING' 
# 
loop_
_struct_asym.id 
_struct_asym.pdbx_blank_PDB_chainid_flag 
_struct_asym.pdbx_modified 
_struct_asym.entity_id 
_struct_asym.details 
A N N 1 ? 
B N N 2 ? 
# 
_struct_ref.id                         1 
_struct_ref.db_name                    UNP 
_struct_ref.db_code                    TXNIP_HUMAN 
_struct_ref.pdbx_db_accession          Q9H3M7 
_struct_ref.entity_id                  1 
_struct_ref.pdbx_seq_one_letter_code   
;VMFKKIKSFEVVFNDPEKVYGSGEKVAGRVIVEVCEVTRVKAVRILACGVAKVLWMQGSQQCKQTSEYLRYEDTLLLEDQ
PTGENEMVIMRPGNKYEYKFGFELPQGPLGTSFKGKYGCVDYWVKAFLDRPSQPTQETKKNFEVVDLV
;
_struct_ref.pdbx_align_begin           2 
_struct_ref.pdbx_db_isoform            ? 
# 
_struct_ref_seq.align_id                      1 
_struct_ref_seq.ref_id                        1 
_struct_ref_seq.pdbx_PDB_id_code              4GEI 
_struct_ref_seq.pdbx_strand_id                A 
_struct_ref_seq.seq_align_beg                 3 
_struct_ref_seq.pdbx_seq_align_beg_ins_code   ? 
_struct_ref_seq.seq_align_end                 150 
_struct_ref_seq.pdbx_seq_align_end_ins_code   ? 
_struct_ref_seq.pdbx_db_accession             Q9H3M7 
_struct_ref_seq.db_align_beg                  2 
_struct_ref_seq.pdbx_db_align_beg_ins_code    ? 
_struct_ref_seq.db_align_end                  149 
_struct_ref_seq.pdbx_db_align_end_ins_code    ? 
_struct_ref_seq.pdbx_auth_seq_align_beg       2 
_struct_ref_seq.pdbx_auth_seq_align_end       149 
# 
loop_
_struct_ref_seq_dif.align_id 
_struct_ref_seq_dif.pdbx_pdb_id_code 
_struct_ref_seq_dif.mon_id 
_struct_ref_seq_dif.pdbx_pdb_strand_id 
_struct_ref_seq_dif.seq_num 
_struct_ref_seq_dif.pdbx_pdb_ins_code 
_struct_ref_seq_dif.pdbx_seq_db_name 
_struct_ref_seq_dif.pdbx_seq_db_accession_code 
_struct_ref_seq_dif.db_mon_id 
_struct_ref_seq_dif.pdbx_seq_db_seq_num 
_struct_ref_seq_dif.details 
_struct_ref_seq_dif.pdbx_auth_seq_num 
_struct_ref_seq_dif.pdbx_ordinal 
1 4GEI SER A 1   ? UNP Q9H3M7 ?   ?   'expression tag'      0   1 
1 4GEI ASN A 2   ? UNP Q9H3M7 ?   ?   'expression tag'      1   2 
1 4GEI ARG A 27  ? UNP Q9H3M7 LYS 26  'SEE REMARK 999'      26  3 
1 4GEI SER A 37  ? UNP Q9H3M7 CYS 36  'engineered mutation' 36  4 
1 4GEI SER A 50  ? UNP Q9H3M7 CYS 49  'engineered mutation' 49  5 
1 4GEI ALA A 65  ? UNP Q9H3M7 LYS 64  'engineered mutation' 64  6 
1 4GEI SER A 121 ? UNP Q9H3M7 CYS 120 'engineered mutation' 120 7 
# 
_pdbx_struct_assembly.id                   1 
_pdbx_struct_assembly.details              author_and_software_defined_assembly 
_pdbx_struct_assembly.method_details       PISA 
_pdbx_struct_assembly.oligomeric_details   monomeric 
_pdbx_struct_assembly.oligomeric_count     1 
# 
_pdbx_struct_assembly_gen.assembly_id       1 
_pdbx_struct_assembly_gen.oper_expression   1 
_pdbx_struct_assembly_gen.asym_id_list      A,B 
# 
_pdbx_struct_oper_list.id                   1 
_pdbx_struct_oper_list.type                 'identity operation' 
_pdbx_struct_oper_list.name                 1_555 
_pdbx_struct_oper_list.symmetry_operation   x,y,z 
_pdbx_struct_oper_list.matrix[1][1]         1.0000000000 
_pdbx_struct_oper_list.matrix[1][2]         0.0000000000 
_pdbx_struct_oper_list.matrix[1][3]         0.0000000000 
_pdbx_struct_oper_list.vector[1]            0.0000000000 
_pdbx_struct_oper_list.matrix[2][1]         0.0000000000 
_pdbx_struct_oper_list.matrix[2][2]         1.0000000000 
_pdbx_struct_oper_list.matrix[2][3]         0.0000000000 
_pdbx_struct_oper_list.vector[2]            0.0000000000 
_pdbx_struct_oper_list.matrix[3][1]         0.0000000000 
_pdbx_struct_oper_list.matrix[3][2]         0.0000000000 
_pdbx_struct_oper_list.matrix[3][3]         1.0000000000 
_pdbx_struct_oper_list.vector[3]            0.0000000000 
# 
_struct_biol.id        1 
_struct_biol.details   ? 
# 
loop_
_struct_sheet.id 
_struct_sheet.type 
_struct_sheet.number_strands 
_struct_sheet.details 
A ? 3 ? 
B ? 2 ? 
C ? 2 ? 
D ? 4 ? 
# 
loop_
_struct_sheet_order.sheet_id 
_struct_sheet_order.range_id_1 
_struct_sheet_order.range_id_2 
_struct_sheet_order.offset 
_struct_sheet_order.sense 
A 1 2 ? anti-parallel 
A 2 3 ? anti-parallel 
B 1 2 ? parallel      
C 1 2 ? anti-parallel 
D 1 2 ? anti-parallel 
D 2 3 ? anti-parallel 
D 3 4 ? anti-parallel 
# 
loop_
_struct_sheet_range.sheet_id 
_struct_sheet_range.id 
_struct_sheet_range.beg_label_comp_id 
_struct_sheet_range.beg_label_asym_id 
_struct_sheet_range.beg_label_seq_id 
_struct_sheet_range.pdbx_beg_PDB_ins_code 
_struct_sheet_range.end_label_comp_id 
_struct_sheet_range.end_label_asym_id 
_struct_sheet_range.end_label_seq_id 
_struct_sheet_range.pdbx_end_PDB_ins_code 
_struct_sheet_range.beg_auth_comp_id 
_struct_sheet_range.beg_auth_asym_id 
_struct_sheet_range.beg_auth_seq_id 
_struct_sheet_range.end_auth_comp_id 
_struct_sheet_range.end_auth_asym_id 
_struct_sheet_range.end_auth_seq_id 
A 1 SER A 10  ? PHE A 15  ? SER A 9   PHE A 14  
A 2 ARG A 27  ? GLU A 35  ? ARG A 26  GLU A 34  
A 3 TYR A 98  ? GLU A 105 ? TYR A 97  GLU A 104 
B 1 VAL A 21  ? GLY A 23  ? VAL A 20  GLY A 22  
B 2 GLU A 145 ? VAL A 147 ? GLU A 144 VAL A 146 
C 1 THR A 40  ? VAL A 42  ? THR A 39  VAL A 41  
C 2 VAL A 90  ? MET A 92  ? VAL A 89  MET A 91  
D 1 GLN A 62  ? LEU A 77  ? GLN A 61  LEU A 76  
D 2 ALA A 44  ? GLN A 59  ? ALA A 43  GLN A 58  
D 3 TYR A 119 ? ASP A 131 ? TYR A 118 ASP A 130 
D 4 GLN A 138 ? ASN A 143 ? GLN A 137 ASN A 142 
# 
loop_
_pdbx_struct_sheet_hbond.sheet_id 
_pdbx_struct_sheet_hbond.range_id_1 
_pdbx_struct_sheet_hbond.range_id_2 
_pdbx_struct_sheet_hbond.range_1_label_atom_id 
_pdbx_struct_sheet_hbond.range_1_label_comp_id 
_pdbx_struct_sheet_hbond.range_1_label_asym_id 
_pdbx_struct_sheet_hbond.range_1_label_seq_id 
_pdbx_struct_sheet_hbond.range_1_PDB_ins_code 
_pdbx_struct_sheet_hbond.range_1_auth_atom_id 
_pdbx_struct_sheet_hbond.range_1_auth_comp_id 
_pdbx_struct_sheet_hbond.range_1_auth_asym_id 
_pdbx_struct_sheet_hbond.range_1_auth_seq_id 
_pdbx_struct_sheet_hbond.range_2_label_atom_id 
_pdbx_struct_sheet_hbond.range_2_label_comp_id 
_pdbx_struct_sheet_hbond.range_2_label_asym_id 
_pdbx_struct_sheet_hbond.range_2_label_seq_id 
_pdbx_struct_sheet_hbond.range_2_PDB_ins_code 
_pdbx_struct_sheet_hbond.range_2_auth_atom_id 
_pdbx_struct_sheet_hbond.range_2_auth_comp_id 
_pdbx_struct_sheet_hbond.range_2_auth_asym_id 
_pdbx_struct_sheet_hbond.range_2_auth_seq_id 
A 1 2 N VAL A 14  ? N VAL A 13  O ARG A 31  ? O ARG A 30  
A 2 3 N VAL A 28  ? N VAL A 27  O PHE A 104 ? O PHE A 103 
B 1 2 N TYR A 22  ? N TYR A 21  O GLU A 145 ? O GLU A 144 
C 1 2 N THR A 40  ? N THR A 39  O MET A 92  ? O MET A 91  
D 1 2 O CYS A 64  ? O CYS A 63  N TRP A 57  ? N TRP A 56  
D 2 3 N LEU A 48  ? N LEU A 47  O LYS A 127 ? O LYS A 126 
D 3 4 N LEU A 130 ? N LEU A 129 O GLN A 138 ? O GLN A 137 
# 
loop_
_pdbx_validate_close_contact.id 
_pdbx_validate_close_contact.PDB_model_num 
_pdbx_validate_close_contact.auth_atom_id_1 
_pdbx_validate_close_contact.auth_asym_id_1 
_pdbx_validate_close_contact.auth_comp_id_1 
_pdbx_validate_close_contact.auth_seq_id_1 
_pdbx_validate_close_contact.PDB_ins_code_1 
_pdbx_validate_close_contact.label_alt_id_1 
_pdbx_validate_close_contact.auth_atom_id_2 
_pdbx_validate_close_contact.auth_asym_id_2 
_pdbx_validate_close_contact.auth_comp_id_2 
_pdbx_validate_close_contact.auth_seq_id_2 
_pdbx_validate_close_contact.PDB_ins_code_2 
_pdbx_validate_close_contact.label_alt_id_2 
_pdbx_validate_close_contact.dist 
1 1 O  A HOH 409 ? ? O A HOH 410 ? ? 1.60 
2 1 O  A HOH 380 ? ? O A HOH 414 ? ? 1.68 
3 1 O  A HOH 411 ? ? O A HOH 412 ? ? 1.82 
4 1 NE A ARG 92  ? ? O A HOH 419 ? ? 1.84 
5 1 O  A HOH 370 ? ? O A HOH 417 ? ? 1.93 
6 1 OG A SER 133 ? B O A HOH 201 ? ? 1.95 
7 1 O  A HOH 245 ? ? O A HOH 286 ? ? 1.97 
8 1 O  A HOH 368 ? ? O A HOH 414 ? ? 2.13 
9 1 O  A PRO 132 ? ? O A HOH 411 ? ? 2.14 
# 
loop_
_pdbx_validate_symm_contact.id 
_pdbx_validate_symm_contact.PDB_model_num 
_pdbx_validate_symm_contact.auth_atom_id_1 
_pdbx_validate_symm_contact.auth_asym_id_1 
_pdbx_validate_symm_contact.auth_comp_id_1 
_pdbx_validate_symm_contact.auth_seq_id_1 
_pdbx_validate_symm_contact.PDB_ins_code_1 
_pdbx_validate_symm_contact.label_alt_id_1 
_pdbx_validate_symm_contact.site_symmetry_1 
_pdbx_validate_symm_contact.auth_atom_id_2 
_pdbx_validate_symm_contact.auth_asym_id_2 
_pdbx_validate_symm_contact.auth_comp_id_2 
_pdbx_validate_symm_contact.auth_seq_id_2 
_pdbx_validate_symm_contact.PDB_ins_code_2 
_pdbx_validate_symm_contact.label_alt_id_2 
_pdbx_validate_symm_contact.site_symmetry_2 
_pdbx_validate_symm_contact.dist 
1 1 O   A HOH 315 ? ? 1_555 O A HOH 409 ? ? 2_655 2.16 
2 1 O   A VAL 149 ? ? 1_555 O A HOH 419 ? ? 4_545 2.19 
3 1 OXT A VAL 149 ? ? 1_555 O A HOH 419 ? ? 4_545 2.19 
# 
_pdbx_validate_rmsd_angle.id                         1 
_pdbx_validate_rmsd_angle.PDB_model_num              1 
_pdbx_validate_rmsd_angle.auth_atom_id_1             NE 
_pdbx_validate_rmsd_angle.auth_asym_id_1             A 
_pdbx_validate_rmsd_angle.auth_comp_id_1             ARG 
_pdbx_validate_rmsd_angle.auth_seq_id_1              40 
_pdbx_validate_rmsd_angle.PDB_ins_code_1             ? 
_pdbx_validate_rmsd_angle.label_alt_id_1             ? 
_pdbx_validate_rmsd_angle.auth_atom_id_2             CZ 
_pdbx_validate_rmsd_angle.auth_asym_id_2             A 
_pdbx_validate_rmsd_angle.auth_comp_id_2             ARG 
_pdbx_validate_rmsd_angle.auth_seq_id_2              40 
_pdbx_validate_rmsd_angle.PDB_ins_code_2             ? 
_pdbx_validate_rmsd_angle.label_alt_id_2             ? 
_pdbx_validate_rmsd_angle.auth_atom_id_3             NH1 
_pdbx_validate_rmsd_angle.auth_asym_id_3             A 
_pdbx_validate_rmsd_angle.auth_comp_id_3             ARG 
_pdbx_validate_rmsd_angle.auth_seq_id_3              40 
_pdbx_validate_rmsd_angle.PDB_ins_code_3             ? 
_pdbx_validate_rmsd_angle.label_alt_id_3             ? 
_pdbx_validate_rmsd_angle.angle_value                116.64 
_pdbx_validate_rmsd_angle.angle_target_value         120.30 
_pdbx_validate_rmsd_angle.angle_deviation            -3.66 
_pdbx_validate_rmsd_angle.angle_standard_deviation   0.50 
_pdbx_validate_rmsd_angle.linker_flag                N 
# 
loop_
_pdbx_validate_torsion.id 
_pdbx_validate_torsion.PDB_model_num 
_pdbx_validate_torsion.auth_comp_id 
_pdbx_validate_torsion.auth_asym_id 
_pdbx_validate_torsion.auth_seq_id 
_pdbx_validate_torsion.PDB_ins_code 
_pdbx_validate_torsion.label_alt_id 
_pdbx_validate_torsion.phi 
_pdbx_validate_torsion.psi 
1 1 ASP A 80  ? A -94.11  -70.44  
2 1 ASP A 80  ? B -51.82  -115.07 
3 1 GLN A 81  ? B 50.42   96.72   
4 1 THR A 83  ? ? -48.98  -173.32 
5 1 LYS A 115 ? B -116.80 -81.53  
# 
_pdbx_entry_details.entry_id                 4GEI 
_pdbx_entry_details.nonpolymer_details       ? 
_pdbx_entry_details.sequence_details         'K26R SEQUENCE CONFLICT IN UNP ENTRY Q9H3M7' 
_pdbx_entry_details.compound_details         ? 
_pdbx_entry_details.source_details           ? 
_pdbx_entry_details.has_ligand_of_interest   ? 
# 
loop_
_pdbx_unobs_or_zero_occ_residues.id 
_pdbx_unobs_or_zero_occ_residues.PDB_model_num 
_pdbx_unobs_or_zero_occ_residues.polymer_flag 
_pdbx_unobs_or_zero_occ_residues.occupancy_flag 
_pdbx_unobs_or_zero_occ_residues.auth_asym_id 
_pdbx_unobs_or_zero_occ_residues.auth_comp_id 
_pdbx_unobs_or_zero_occ_residues.auth_seq_id 
_pdbx_unobs_or_zero_occ_residues.PDB_ins_code 
_pdbx_unobs_or_zero_occ_residues.label_asym_id 
_pdbx_unobs_or_zero_occ_residues.label_comp_id 
_pdbx_unobs_or_zero_occ_residues.label_seq_id 
1 1 Y 1 A SER 0 ? A SER 1 
2 1 Y 1 A ASN 1 ? A ASN 2 
3 1 Y 1 A VAL 2 ? A VAL 3 
4 1 Y 1 A MET 3 ? A MET 4 
5 1 Y 1 A PHE 4 ? A PHE 5 
6 1 Y 1 A LYS 5 ? A LYS 6 
# 
loop_
_chem_comp_atom.comp_id 
_chem_comp_atom.atom_id 
_chem_comp_atom.type_symbol 
_chem_comp_atom.pdbx_aromatic_flag 
_chem_comp_atom.pdbx_stereo_config 
_chem_comp_atom.pdbx_ordinal 
ALA N    N N N 1   
ALA CA   C N S 2   
ALA C    C N N 3   
ALA O    O N N 4   
ALA CB   C N N 5   
ALA OXT  O N N 6   
ALA H    H N N 7   
ALA H2   H N N 8   
ALA HA   H N N 9   
ALA HB1  H N N 10  
ALA HB2  H N N 11  
ALA HB3  H N N 12  
ALA HXT  H N N 13  
ARG N    N N N 14  
ARG CA   C N S 15  
ARG C    C N N 16  
ARG O    O N N 17  
ARG CB   C N N 18  
ARG CG   C N N 19  
ARG CD   C N N 20  
ARG NE   N N N 21  
ARG CZ   C N N 22  
ARG NH1  N N N 23  
ARG NH2  N N N 24  
ARG OXT  O N N 25  
ARG H    H N N 26  
ARG H2   H N N 27  
ARG HA   H N N 28  
ARG HB2  H N N 29  
ARG HB3  H N N 30  
ARG HG2  H N N 31  
ARG HG3  H N N 32  
ARG HD2  H N N 33  
ARG HD3  H N N 34  
ARG HE   H N N 35  
ARG HH11 H N N 36  
ARG HH12 H N N 37  
ARG HH21 H N N 38  
ARG HH22 H N N 39  
ARG HXT  H N N 40  
ASN N    N N N 41  
ASN CA   C N S 42  
ASN C    C N N 43  
ASN O    O N N 44  
ASN CB   C N N 45  
ASN CG   C N N 46  
ASN OD1  O N N 47  
ASN ND2  N N N 48  
ASN OXT  O N N 49  
ASN H    H N N 50  
ASN H2   H N N 51  
ASN HA   H N N 52  
ASN HB2  H N N 53  
ASN HB3  H N N 54  
ASN HD21 H N N 55  
ASN HD22 H N N 56  
ASN HXT  H N N 57  
ASP N    N N N 58  
ASP CA   C N S 59  
ASP C    C N N 60  
ASP O    O N N 61  
ASP CB   C N N 62  
ASP CG   C N N 63  
ASP OD1  O N N 64  
ASP OD2  O N N 65  
ASP OXT  O N N 66  
ASP H    H N N 67  
ASP H2   H N N 68  
ASP HA   H N N 69  
ASP HB2  H N N 70  
ASP HB3  H N N 71  
ASP HD2  H N N 72  
ASP HXT  H N N 73  
CYS N    N N N 74  
CYS CA   C N R 75  
CYS C    C N N 76  
CYS O    O N N 77  
CYS CB   C N N 78  
CYS SG   S N N 79  
CYS OXT  O N N 80  
CYS H    H N N 81  
CYS H2   H N N 82  
CYS HA   H N N 83  
CYS HB2  H N N 84  
CYS HB3  H N N 85  
CYS HG   H N N 86  
CYS HXT  H N N 87  
GLN N    N N N 88  
GLN CA   C N S 89  
GLN C    C N N 90  
GLN O    O N N 91  
GLN CB   C N N 92  
GLN CG   C N N 93  
GLN CD   C N N 94  
GLN OE1  O N N 95  
GLN NE2  N N N 96  
GLN OXT  O N N 97  
GLN H    H N N 98  
GLN H2   H N N 99  
GLN HA   H N N 100 
GLN HB2  H N N 101 
GLN HB3  H N N 102 
GLN HG2  H N N 103 
GLN HG3  H N N 104 
GLN HE21 H N N 105 
GLN HE22 H N N 106 
GLN HXT  H N N 107 
GLU N    N N N 108 
GLU CA   C N S 109 
GLU C    C N N 110 
GLU O    O N N 111 
GLU CB   C N N 112 
GLU CG   C N N 113 
GLU CD   C N N 114 
GLU OE1  O N N 115 
GLU OE2  O N N 116 
GLU OXT  O N N 117 
GLU H    H N N 118 
GLU H2   H N N 119 
GLU HA   H N N 120 
GLU HB2  H N N 121 
GLU HB3  H N N 122 
GLU HG2  H N N 123 
GLU HG3  H N N 124 
GLU HE2  H N N 125 
GLU HXT  H N N 126 
GLY N    N N N 127 
GLY CA   C N N 128 
GLY C    C N N 129 
GLY O    O N N 130 
GLY OXT  O N N 131 
GLY H    H N N 132 
GLY H2   H N N 133 
GLY HA2  H N N 134 
GLY HA3  H N N 135 
GLY HXT  H N N 136 
HOH O    O N N 137 
HOH H1   H N N 138 
HOH H2   H N N 139 
ILE N    N N N 140 
ILE CA   C N S 141 
ILE C    C N N 142 
ILE O    O N N 143 
ILE CB   C N S 144 
ILE CG1  C N N 145 
ILE CG2  C N N 146 
ILE CD1  C N N 147 
ILE OXT  O N N 148 
ILE H    H N N 149 
ILE H2   H N N 150 
ILE HA   H N N 151 
ILE HB   H N N 152 
ILE HG12 H N N 153 
ILE HG13 H N N 154 
ILE HG21 H N N 155 
ILE HG22 H N N 156 
ILE HG23 H N N 157 
ILE HD11 H N N 158 
ILE HD12 H N N 159 
ILE HD13 H N N 160 
ILE HXT  H N N 161 
LEU N    N N N 162 
LEU CA   C N S 163 
LEU C    C N N 164 
LEU O    O N N 165 
LEU CB   C N N 166 
LEU CG   C N N 167 
LEU CD1  C N N 168 
LEU CD2  C N N 169 
LEU OXT  O N N 170 
LEU H    H N N 171 
LEU H2   H N N 172 
LEU HA   H N N 173 
LEU HB2  H N N 174 
LEU HB3  H N N 175 
LEU HG   H N N 176 
LEU HD11 H N N 177 
LEU HD12 H N N 178 
LEU HD13 H N N 179 
LEU HD21 H N N 180 
LEU HD22 H N N 181 
LEU HD23 H N N 182 
LEU HXT  H N N 183 
LYS N    N N N 184 
LYS CA   C N S 185 
LYS C    C N N 186 
LYS O    O N N 187 
LYS CB   C N N 188 
LYS CG   C N N 189 
LYS CD   C N N 190 
LYS CE   C N N 191 
LYS NZ   N N N 192 
LYS OXT  O N N 193 
LYS H    H N N 194 
LYS H2   H N N 195 
LYS HA   H N N 196 
LYS HB2  H N N 197 
LYS HB3  H N N 198 
LYS HG2  H N N 199 
LYS HG3  H N N 200 
LYS HD2  H N N 201 
LYS HD3  H N N 202 
LYS HE2  H N N 203 
LYS HE3  H N N 204 
LYS HZ1  H N N 205 
LYS HZ2  H N N 206 
LYS HZ3  H N N 207 
LYS HXT  H N N 208 
MET N    N N N 209 
MET CA   C N S 210 
MET C    C N N 211 
MET O    O N N 212 
MET CB   C N N 213 
MET CG   C N N 214 
MET SD   S N N 215 
MET CE   C N N 216 
MET OXT  O N N 217 
MET H    H N N 218 
MET H2   H N N 219 
MET HA   H N N 220 
MET HB2  H N N 221 
MET HB3  H N N 222 
MET HG2  H N N 223 
MET HG3  H N N 224 
MET HE1  H N N 225 
MET HE2  H N N 226 
MET HE3  H N N 227 
MET HXT  H N N 228 
PHE N    N N N 229 
PHE CA   C N S 230 
PHE C    C N N 231 
PHE O    O N N 232 
PHE CB   C N N 233 
PHE CG   C Y N 234 
PHE CD1  C Y N 235 
PHE CD2  C Y N 236 
PHE CE1  C Y N 237 
PHE CE2  C Y N 238 
PHE CZ   C Y N 239 
PHE OXT  O N N 240 
PHE H    H N N 241 
PHE H2   H N N 242 
PHE HA   H N N 243 
PHE HB2  H N N 244 
PHE HB3  H N N 245 
PHE HD1  H N N 246 
PHE HD2  H N N 247 
PHE HE1  H N N 248 
PHE HE2  H N N 249 
PHE HZ   H N N 250 
PHE HXT  H N N 251 
PRO N    N N N 252 
PRO CA   C N S 253 
PRO C    C N N 254 
PRO O    O N N 255 
PRO CB   C N N 256 
PRO CG   C N N 257 
PRO CD   C N N 258 
PRO OXT  O N N 259 
PRO H    H N N 260 
PRO HA   H N N 261 
PRO HB2  H N N 262 
PRO HB3  H N N 263 
PRO HG2  H N N 264 
PRO HG3  H N N 265 
PRO HD2  H N N 266 
PRO HD3  H N N 267 
PRO HXT  H N N 268 
SER N    N N N 269 
SER CA   C N S 270 
SER C    C N N 271 
SER O    O N N 272 
SER CB   C N N 273 
SER OG   O N N 274 
SER OXT  O N N 275 
SER H    H N N 276 
SER H2   H N N 277 
SER HA   H N N 278 
SER HB2  H N N 279 
SER HB3  H N N 280 
SER HG   H N N 281 
SER HXT  H N N 282 
THR N    N N N 283 
THR CA   C N S 284 
THR C    C N N 285 
THR O    O N N 286 
THR CB   C N R 287 
THR OG1  O N N 288 
THR CG2  C N N 289 
THR OXT  O N N 290 
THR H    H N N 291 
THR H2   H N N 292 
THR HA   H N N 293 
THR HB   H N N 294 
THR HG1  H N N 295 
THR HG21 H N N 296 
THR HG22 H N N 297 
THR HG23 H N N 298 
THR HXT  H N N 299 
TRP N    N N N 300 
TRP CA   C N S 301 
TRP C    C N N 302 
TRP O    O N N 303 
TRP CB   C N N 304 
TRP CG   C Y N 305 
TRP CD1  C Y N 306 
TRP CD2  C Y N 307 
TRP NE1  N Y N 308 
TRP CE2  C Y N 309 
TRP CE3  C Y N 310 
TRP CZ2  C Y N 311 
TRP CZ3  C Y N 312 
TRP CH2  C Y N 313 
TRP OXT  O N N 314 
TRP H    H N N 315 
TRP H2   H N N 316 
TRP HA   H N N 317 
TRP HB2  H N N 318 
TRP HB3  H N N 319 
TRP HD1  H N N 320 
TRP HE1  H N N 321 
TRP HE3  H N N 322 
TRP HZ2  H N N 323 
TRP HZ3  H N N 324 
TRP HH2  H N N 325 
TRP HXT  H N N 326 
TYR N    N N N 327 
TYR CA   C N S 328 
TYR C    C N N 329 
TYR O    O N N 330 
TYR CB   C N N 331 
TYR CG   C Y N 332 
TYR CD1  C Y N 333 
TYR CD2  C Y N 334 
TYR CE1  C Y N 335 
TYR CE2  C Y N 336 
TYR CZ   C Y N 337 
TYR OH   O N N 338 
TYR OXT  O N N 339 
TYR H    H N N 340 
TYR H2   H N N 341 
TYR HA   H N N 342 
TYR HB2  H N N 343 
TYR HB3  H N N 344 
TYR HD1  H N N 345 
TYR HD2  H N N 346 
TYR HE1  H N N 347 
TYR HE2  H N N 348 
TYR HH   H N N 349 
TYR HXT  H N N 350 
VAL N    N N N 351 
VAL CA   C N S 352 
VAL C    C N N 353 
VAL O    O N N 354 
VAL CB   C N N 355 
VAL CG1  C N N 356 
VAL CG2  C N N 357 
VAL OXT  O N N 358 
VAL H    H N N 359 
VAL H2   H N N 360 
VAL HA   H N N 361 
VAL HB   H N N 362 
VAL HG11 H N N 363 
VAL HG12 H N N 364 
VAL HG13 H N N 365 
VAL HG21 H N N 366 
VAL HG22 H N N 367 
VAL HG23 H N N 368 
VAL HXT  H N N 369 
# 
loop_
_chem_comp_bond.comp_id 
_chem_comp_bond.atom_id_1 
_chem_comp_bond.atom_id_2 
_chem_comp_bond.value_order 
_chem_comp_bond.pdbx_aromatic_flag 
_chem_comp_bond.pdbx_stereo_config 
_chem_comp_bond.pdbx_ordinal 
ALA N   CA   sing N N 1   
ALA N   H    sing N N 2   
ALA N   H2   sing N N 3   
ALA CA  C    sing N N 4   
ALA CA  CB   sing N N 5   
ALA CA  HA   sing N N 6   
ALA C   O    doub N N 7   
ALA C   OXT  sing N N 8   
ALA CB  HB1  sing N N 9   
ALA CB  HB2  sing N N 10  
ALA CB  HB3  sing N N 11  
ALA OXT HXT  sing N N 12  
ARG N   CA   sing N N 13  
ARG N   H    sing N N 14  
ARG N   H2   sing N N 15  
ARG CA  C    sing N N 16  
ARG CA  CB   sing N N 17  
ARG CA  HA   sing N N 18  
ARG C   O    doub N N 19  
ARG C   OXT  sing N N 20  
ARG CB  CG   sing N N 21  
ARG CB  HB2  sing N N 22  
ARG CB  HB3  sing N N 23  
ARG CG  CD   sing N N 24  
ARG CG  HG2  sing N N 25  
ARG CG  HG3  sing N N 26  
ARG CD  NE   sing N N 27  
ARG CD  HD2  sing N N 28  
ARG CD  HD3  sing N N 29  
ARG NE  CZ   sing N N 30  
ARG NE  HE   sing N N 31  
ARG CZ  NH1  sing N N 32  
ARG CZ  NH2  doub N N 33  
ARG NH1 HH11 sing N N 34  
ARG NH1 HH12 sing N N 35  
ARG NH2 HH21 sing N N 36  
ARG NH2 HH22 sing N N 37  
ARG OXT HXT  sing N N 38  
ASN N   CA   sing N N 39  
ASN N   H    sing N N 40  
ASN N   H2   sing N N 41  
ASN CA  C    sing N N 42  
ASN CA  CB   sing N N 43  
ASN CA  HA   sing N N 44  
ASN C   O    doub N N 45  
ASN C   OXT  sing N N 46  
ASN CB  CG   sing N N 47  
ASN CB  HB2  sing N N 48  
ASN CB  HB3  sing N N 49  
ASN CG  OD1  doub N N 50  
ASN CG  ND2  sing N N 51  
ASN ND2 HD21 sing N N 52  
ASN ND2 HD22 sing N N 53  
ASN OXT HXT  sing N N 54  
ASP N   CA   sing N N 55  
ASP N   H    sing N N 56  
ASP N   H2   sing N N 57  
ASP CA  C    sing N N 58  
ASP CA  CB   sing N N 59  
ASP CA  HA   sing N N 60  
ASP C   O    doub N N 61  
ASP C   OXT  sing N N 62  
ASP CB  CG   sing N N 63  
ASP CB  HB2  sing N N 64  
ASP CB  HB3  sing N N 65  
ASP CG  OD1  doub N N 66  
ASP CG  OD2  sing N N 67  
ASP OD2 HD2  sing N N 68  
ASP OXT HXT  sing N N 69  
CYS N   CA   sing N N 70  
CYS N   H    sing N N 71  
CYS N   H2   sing N N 72  
CYS CA  C    sing N N 73  
CYS CA  CB   sing N N 74  
CYS CA  HA   sing N N 75  
CYS C   O    doub N N 76  
CYS C   OXT  sing N N 77  
CYS CB  SG   sing N N 78  
CYS CB  HB2  sing N N 79  
CYS CB  HB3  sing N N 80  
CYS SG  HG   sing N N 81  
CYS OXT HXT  sing N N 82  
GLN N   CA   sing N N 83  
GLN N   H    sing N N 84  
GLN N   H2   sing N N 85  
GLN CA  C    sing N N 86  
GLN CA  CB   sing N N 87  
GLN CA  HA   sing N N 88  
GLN C   O    doub N N 89  
GLN C   OXT  sing N N 90  
GLN CB  CG   sing N N 91  
GLN CB  HB2  sing N N 92  
GLN CB  HB3  sing N N 93  
GLN CG  CD   sing N N 94  
GLN CG  HG2  sing N N 95  
GLN CG  HG3  sing N N 96  
GLN CD  OE1  doub N N 97  
GLN CD  NE2  sing N N 98  
GLN NE2 HE21 sing N N 99  
GLN NE2 HE22 sing N N 100 
GLN OXT HXT  sing N N 101 
GLU N   CA   sing N N 102 
GLU N   H    sing N N 103 
GLU N   H2   sing N N 104 
GLU CA  C    sing N N 105 
GLU CA  CB   sing N N 106 
GLU CA  HA   sing N N 107 
GLU C   O    doub N N 108 
GLU C   OXT  sing N N 109 
GLU CB  CG   sing N N 110 
GLU CB  HB2  sing N N 111 
GLU CB  HB3  sing N N 112 
GLU CG  CD   sing N N 113 
GLU CG  HG2  sing N N 114 
GLU CG  HG3  sing N N 115 
GLU CD  OE1  doub N N 116 
GLU CD  OE2  sing N N 117 
GLU OE2 HE2  sing N N 118 
GLU OXT HXT  sing N N 119 
GLY N   CA   sing N N 120 
GLY N   H    sing N N 121 
GLY N   H2   sing N N 122 
GLY CA  C    sing N N 123 
GLY CA  HA2  sing N N 124 
GLY CA  HA3  sing N N 125 
GLY C   O    doub N N 126 
GLY C   OXT  sing N N 127 
GLY OXT HXT  sing N N 128 
HOH O   H1   sing N N 129 
HOH O   H2   sing N N 130 
ILE N   CA   sing N N 131 
ILE N   H    sing N N 132 
ILE N   H2   sing N N 133 
ILE CA  C    sing N N 134 
ILE CA  CB   sing N N 135 
ILE CA  HA   sing N N 136 
ILE C   O    doub N N 137 
ILE C   OXT  sing N N 138 
ILE CB  CG1  sing N N 139 
ILE CB  CG2  sing N N 140 
ILE CB  HB   sing N N 141 
ILE CG1 CD1  sing N N 142 
ILE CG1 HG12 sing N N 143 
ILE CG1 HG13 sing N N 144 
ILE CG2 HG21 sing N N 145 
ILE CG2 HG22 sing N N 146 
ILE CG2 HG23 sing N N 147 
ILE CD1 HD11 sing N N 148 
ILE CD1 HD12 sing N N 149 
ILE CD1 HD13 sing N N 150 
ILE OXT HXT  sing N N 151 
LEU N   CA   sing N N 152 
LEU N   H    sing N N 153 
LEU N   H2   sing N N 154 
LEU CA  C    sing N N 155 
LEU CA  CB   sing N N 156 
LEU CA  HA   sing N N 157 
LEU C   O    doub N N 158 
LEU C   OXT  sing N N 159 
LEU CB  CG   sing N N 160 
LEU CB  HB2  sing N N 161 
LEU CB  HB3  sing N N 162 
LEU CG  CD1  sing N N 163 
LEU CG  CD2  sing N N 164 
LEU CG  HG   sing N N 165 
LEU CD1 HD11 sing N N 166 
LEU CD1 HD12 sing N N 167 
LEU CD1 HD13 sing N N 168 
LEU CD2 HD21 sing N N 169 
LEU CD2 HD22 sing N N 170 
LEU CD2 HD23 sing N N 171 
LEU OXT HXT  sing N N 172 
LYS N   CA   sing N N 173 
LYS N   H    sing N N 174 
LYS N   H2   sing N N 175 
LYS CA  C    sing N N 176 
LYS CA  CB   sing N N 177 
LYS CA  HA   sing N N 178 
LYS C   O    doub N N 179 
LYS C   OXT  sing N N 180 
LYS CB  CG   sing N N 181 
LYS CB  HB2  sing N N 182 
LYS CB  HB3  sing N N 183 
LYS CG  CD   sing N N 184 
LYS CG  HG2  sing N N 185 
LYS CG  HG3  sing N N 186 
LYS CD  CE   sing N N 187 
LYS CD  HD2  sing N N 188 
LYS CD  HD3  sing N N 189 
LYS CE  NZ   sing N N 190 
LYS CE  HE2  sing N N 191 
LYS CE  HE3  sing N N 192 
LYS NZ  HZ1  sing N N 193 
LYS NZ  HZ2  sing N N 194 
LYS NZ  HZ3  sing N N 195 
LYS OXT HXT  sing N N 196 
MET N   CA   sing N N 197 
MET N   H    sing N N 198 
MET N   H2   sing N N 199 
MET CA  C    sing N N 200 
MET CA  CB   sing N N 201 
MET CA  HA   sing N N 202 
MET C   O    doub N N 203 
MET C   OXT  sing N N 204 
MET CB  CG   sing N N 205 
MET CB  HB2  sing N N 206 
MET CB  HB3  sing N N 207 
MET CG  SD   sing N N 208 
MET CG  HG2  sing N N 209 
MET CG  HG3  sing N N 210 
MET SD  CE   sing N N 211 
MET CE  HE1  sing N N 212 
MET CE  HE2  sing N N 213 
MET CE  HE3  sing N N 214 
MET OXT HXT  sing N N 215 
PHE N   CA   sing N N 216 
PHE N   H    sing N N 217 
PHE N   H2   sing N N 218 
PHE CA  C    sing N N 219 
PHE CA  CB   sing N N 220 
PHE CA  HA   sing N N 221 
PHE C   O    doub N N 222 
PHE C   OXT  sing N N 223 
PHE CB  CG   sing N N 224 
PHE CB  HB2  sing N N 225 
PHE CB  HB3  sing N N 226 
PHE CG  CD1  doub Y N 227 
PHE CG  CD2  sing Y N 228 
PHE CD1 CE1  sing Y N 229 
PHE CD1 HD1  sing N N 230 
PHE CD2 CE2  doub Y N 231 
PHE CD2 HD2  sing N N 232 
PHE CE1 CZ   doub Y N 233 
PHE CE1 HE1  sing N N 234 
PHE CE2 CZ   sing Y N 235 
PHE CE2 HE2  sing N N 236 
PHE CZ  HZ   sing N N 237 
PHE OXT HXT  sing N N 238 
PRO N   CA   sing N N 239 
PRO N   CD   sing N N 240 
PRO N   H    sing N N 241 
PRO CA  C    sing N N 242 
PRO CA  CB   sing N N 243 
PRO CA  HA   sing N N 244 
PRO C   O    doub N N 245 
PRO C   OXT  sing N N 246 
PRO CB  CG   sing N N 247 
PRO CB  HB2  sing N N 248 
PRO CB  HB3  sing N N 249 
PRO CG  CD   sing N N 250 
PRO CG  HG2  sing N N 251 
PRO CG  HG3  sing N N 252 
PRO CD  HD2  sing N N 253 
PRO CD  HD3  sing N N 254 
PRO OXT HXT  sing N N 255 
SER N   CA   sing N N 256 
SER N   H    sing N N 257 
SER N   H2   sing N N 258 
SER CA  C    sing N N 259 
SER CA  CB   sing N N 260 
SER CA  HA   sing N N 261 
SER C   O    doub N N 262 
SER C   OXT  sing N N 263 
SER CB  OG   sing N N 264 
SER CB  HB2  sing N N 265 
SER CB  HB3  sing N N 266 
SER OG  HG   sing N N 267 
SER OXT HXT  sing N N 268 
THR N   CA   sing N N 269 
THR N   H    sing N N 270 
THR N   H2   sing N N 271 
THR CA  C    sing N N 272 
THR CA  CB   sing N N 273 
THR CA  HA   sing N N 274 
THR C   O    doub N N 275 
THR C   OXT  sing N N 276 
THR CB  OG1  sing N N 277 
THR CB  CG2  sing N N 278 
THR CB  HB   sing N N 279 
THR OG1 HG1  sing N N 280 
THR CG2 HG21 sing N N 281 
THR CG2 HG22 sing N N 282 
THR CG2 HG23 sing N N 283 
THR OXT HXT  sing N N 284 
TRP N   CA   sing N N 285 
TRP N   H    sing N N 286 
TRP N   H2   sing N N 287 
TRP CA  C    sing N N 288 
TRP CA  CB   sing N N 289 
TRP CA  HA   sing N N 290 
TRP C   O    doub N N 291 
TRP C   OXT  sing N N 292 
TRP CB  CG   sing N N 293 
TRP CB  HB2  sing N N 294 
TRP CB  HB3  sing N N 295 
TRP CG  CD1  doub Y N 296 
TRP CG  CD2  sing Y N 297 
TRP CD1 NE1  sing Y N 298 
TRP CD1 HD1  sing N N 299 
TRP CD2 CE2  doub Y N 300 
TRP CD2 CE3  sing Y N 301 
TRP NE1 CE2  sing Y N 302 
TRP NE1 HE1  sing N N 303 
TRP CE2 CZ2  sing Y N 304 
TRP CE3 CZ3  doub Y N 305 
TRP CE3 HE3  sing N N 306 
TRP CZ2 CH2  doub Y N 307 
TRP CZ2 HZ2  sing N N 308 
TRP CZ3 CH2  sing Y N 309 
TRP CZ3 HZ3  sing N N 310 
TRP CH2 HH2  sing N N 311 
TRP OXT HXT  sing N N 312 
TYR N   CA   sing N N 313 
TYR N   H    sing N N 314 
TYR N   H2   sing N N 315 
TYR CA  C    sing N N 316 
TYR CA  CB   sing N N 317 
TYR CA  HA   sing N N 318 
TYR C   O    doub N N 319 
TYR C   OXT  sing N N 320 
TYR CB  CG   sing N N 321 
TYR CB  HB2  sing N N 322 
TYR CB  HB3  sing N N 323 
TYR CG  CD1  doub Y N 324 
TYR CG  CD2  sing Y N 325 
TYR CD1 CE1  sing Y N 326 
TYR CD1 HD1  sing N N 327 
TYR CD2 CE2  doub Y N 328 
TYR CD2 HD2  sing N N 329 
TYR CE1 CZ   doub Y N 330 
TYR CE1 HE1  sing N N 331 
TYR CE2 CZ   sing Y N 332 
TYR CE2 HE2  sing N N 333 
TYR CZ  OH   sing N N 334 
TYR OH  HH   sing N N 335 
TYR OXT HXT  sing N N 336 
VAL N   CA   sing N N 337 
VAL N   H    sing N N 338 
VAL N   H2   sing N N 339 
VAL CA  C    sing N N 340 
VAL CA  CB   sing N N 341 
VAL CA  HA   sing N N 342 
VAL C   O    doub N N 343 
VAL C   OXT  sing N N 344 
VAL CB  CG1  sing N N 345 
VAL CB  CG2  sing N N 346 
VAL CB  HB   sing N N 347 
VAL CG1 HG11 sing N N 348 
VAL CG1 HG12 sing N N 349 
VAL CG1 HG13 sing N N 350 
VAL CG2 HG21 sing N N 351 
VAL CG2 HG22 sing N N 352 
VAL CG2 HG23 sing N N 353 
VAL OXT HXT  sing N N 354 
# 
_pdbx_initial_refinement_model.accession_code   ? 
_pdbx_initial_refinement_model.id               1 
_pdbx_initial_refinement_model.entity_id_list   ? 
_pdbx_initial_refinement_model.type             'experimental model' 
_pdbx_initial_refinement_model.source_name      Other 
_pdbx_initial_refinement_model.details          'A MODEL OBTAINED FROM EXPERIMENTAL PHASING BY SAD USING PT SOAKED CRYSTALS' 
# 
_atom_sites.entry_id                    4GEI 
_atom_sites.fract_transf_matrix[1][1]   -0.00621017 
_atom_sites.fract_transf_matrix[1][2]   0.00393206 
_atom_sites.fract_transf_matrix[1][3]   0.00705594 
_atom_sites.fract_transf_matrix[2][1]   -0.00711007 
_atom_sites.fract_transf_matrix[2][2]   0.00569196 
_atom_sites.fract_transf_matrix[2][3]   -0.00942977 
_atom_sites.fract_transf_matrix[3][1]   -0.01954395 
_atom_sites.fract_transf_matrix[3][2]   -0.02565625 
_atom_sites.fract_transf_matrix[3][3]   -0.00075034 
_atom_sites.fract_transf_vector[1]      0.324286 
_atom_sites.fract_transf_vector[2]      0.403641 
_atom_sites.fract_transf_vector[3]      0.104104 
# 
loop_
_atom_type.symbol 
C 
N 
O 
S 
# 
loop_
_atom_site.group_PDB 
_atom_site.id 
_atom_site.type_symbol 
_atom_site.label_atom_id 
_atom_site.label_alt_id 
_atom_site.label_comp_id 
_atom_site.label_asym_id 
_atom_site.label_entity_id 
_atom_site.label_seq_id 
_atom_site.pdbx_PDB_ins_code 
_atom_site.Cartn_x 
_atom_site.Cartn_y 
_atom_site.Cartn_z 
_atom_site.occupancy 
_atom_site.B_iso_or_equiv 
_atom_site.pdbx_formal_charge 
_atom_site.auth_seq_id 
_atom_site.auth_comp_id 
_atom_site.auth_asym_id 
_atom_site.auth_atom_id 
_atom_site.pdbx_PDB_model_num 
ATOM   1    N N   . LYS A 1 7   ? -6.884  -0.187  -19.972 1.00 39.51  ? 6   LYS A N   1 
ATOM   2    C CA  . LYS A 1 7   ? -6.258  -0.985  -18.848 1.00 50.49  ? 6   LYS A CA  1 
ATOM   3    C C   . LYS A 1 7   ? -5.188  -1.993  -19.302 1.00 43.17  ? 6   LYS A C   1 
ATOM   4    O O   . LYS A 1 7   ? -5.458  -2.834  -20.153 1.00 35.13  ? 6   LYS A O   1 
ATOM   5    C CB  . LYS A 1 7   ? -7.338  -1.735  -18.077 1.00 47.86  ? 6   LYS A CB  1 
ATOM   6    C CG  . LYS A 1 7   ? -7.564  -1.239  -16.655 1.00 51.44  ? 6   LYS A CG  1 
ATOM   7    C CD  . LYS A 1 7   ? -7.892  -2.397  -15.720 1.00 58.94  ? 6   LYS A CD  1 
ATOM   8    C CE  . LYS A 1 7   ? -8.035  -1.932  -14.277 1.00 68.47  ? 6   LYS A CE  1 
ATOM   9    N NZ  . LYS A 1 7   ? -8.363  -3.056  -13.351 1.00 57.71  ? 6   LYS A NZ  1 
ATOM   10   N N   . ILE A 1 8   ? -3.996  -1.941  -18.697 1.00 35.91  ? 7   ILE A N   1 
ATOM   11   C CA  . ILE A 1 8   ? -2.829  -2.709  -19.186 1.00 32.44  ? 7   ILE A CA  1 
ATOM   12   C C   . ILE A 1 8   ? -2.873  -4.223  -18.939 1.00 25.15  ? 7   ILE A C   1 
ATOM   13   O O   . ILE A 1 8   ? -3.754  -4.685  -18.229 1.00 31.07  ? 7   ILE A O   1 
ATOM   14   C CB  . ILE A 1 8   ? -1.501  -2.105  -18.701 1.00 29.72  ? 7   ILE A CB  1 
ATOM   15   C CG1 . ILE A 1 8   ? -1.293  -2.307  -17.190 1.00 26.87  ? 7   ILE A CG1 1 
ATOM   16   C CG2 . ILE A 1 8   ? -1.319  -0.653  -19.145 1.00 28.49  ? 7   ILE A CG2 1 
ATOM   17   C CD1 . ILE A 1 8   ? 0.170   -2.066  -16.799 1.00 32.42  ? 7   ILE A CD1 1 
ATOM   18   N N   . LYS A 1 9   ? -1.900  -4.974  -19.466 1.00 24.42  ? 8   LYS A N   1 
ATOM   19   C CA  . LYS A 1 9   ? -1.882  -6.436  -19.375 1.00 28.03  ? 8   LYS A CA  1 
ATOM   20   C C   . LYS A 1 9   ? -1.833  -6.978  -17.951 1.00 29.45  ? 8   LYS A C   1 
ATOM   21   O O   . LYS A 1 9   ? -2.572  -7.883  -17.589 1.00 30.53  ? 8   LYS A O   1 
ATOM   22   C CB  . LYS A 1 9   ? -0.715  -7.035  -20.160 1.00 31.26  ? 8   LYS A CB  1 
ATOM   23   C CG  . LYS A 1 9   ? -0.650  -8.545  -20.101 1.00 31.25  ? 8   LYS A CG  1 
ATOM   24   C CD  . LYS A 1 9   ? 0.484   -9.091  -20.945 1.00 40.70  ? 8   LYS A CD  1 
ATOM   25   C CE  . LYS A 1 9   ? 0.851   -10.501 -20.528 1.00 47.68  ? 8   LYS A CE  1 
ATOM   26   N NZ  . LYS A 1 9   ? -0.315  -11.419 -20.579 1.00 55.69  ? 8   LYS A NZ  1 
ATOM   27   N N   A SER A 1 10  ? -0.977  -6.383  -17.125 0.50 22.66  ? 9   SER A N   1 
ATOM   28   N N   B SER A 1 10  ? -0.889  -6.489  -17.159 0.50 25.21  ? 9   SER A N   1 
ATOM   29   C CA  A SER A 1 10  ? -0.882  -6.806  -15.731 0.50 20.23  ? 9   SER A CA  1 
ATOM   30   C CA  B SER A 1 10  ? -0.953  -6.758  -15.737 0.50 23.01  ? 9   SER A CA  1 
ATOM   31   C C   A SER A 1 10  ? -0.231  -5.744  -14.872 0.50 18.61  ? 9   SER A C   1 
ATOM   32   C C   B SER A 1 10  ? -0.370  -5.613  -14.945 0.50 20.29  ? 9   SER A C   1 
ATOM   33   O O   A SER A 1 10  ? 0.807   -5.205  -15.242 0.50 16.94  ? 9   SER A O   1 
ATOM   34   O O   B SER A 1 10  ? 0.448   -4.861  -15.440 0.50 19.36  ? 9   SER A O   1 
ATOM   35   C CB  A SER A 1 10  ? -0.107  -8.105  -15.603 0.50 21.06  ? 9   SER A CB  1 
ATOM   36   C CB  B SER A 1 10  ? -0.365  -8.128  -15.358 0.50 25.17  ? 9   SER A CB  1 
ATOM   37   O OG  A SER A 1 10  ? -0.160  -8.582  -14.267 0.50 19.42  ? 9   SER A OG  1 
ATOM   38   O OG  B SER A 1 10  ? 1.055   -8.192  -15.420 0.50 24.79  ? 9   SER A OG  1 
ATOM   39   N N   . PHE A 1 11  ? -0.852  -5.471  -13.717 1.00 20.84  ? 10  PHE A N   1 
ATOM   40   C CA  . PHE A 1 11  ? -0.398  -4.384  -12.825 1.00 20.32  ? 10  PHE A CA  1 
ATOM   41   C C   . PHE A 1 11  ? -0.735  -4.895  -11.421 1.00 17.30  ? 10  PHE A C   1 
ATOM   42   O O   . PHE A 1 11  ? -1.916  -4.974  -11.073 1.00 20.96  ? 10  PHE A O   1 
ATOM   43   C CB  . PHE A 1 11  ? -1.184  -3.114  -13.141 1.00 20.16  ? 10  PHE A CB  1 
ATOM   44   C CG  . PHE A 1 11  ? -0.724  -1.903  -12.380 1.00 18.45  ? 10  PHE A CG  1 
ATOM   45   C CD1 . PHE A 1 11  ? 0.638   -1.586  -12.341 1.00 20.75  ? 10  PHE A CD1 1 
ATOM   46   C CD2 . PHE A 1 11  ? -1.641  -1.073  -11.701 1.00 18.49  ? 10  PHE A CD2 1 
ATOM   47   C CE1 . PHE A 1 11  ? 1.093   -0.451  -11.640 1.00 18.96  ? 10  PHE A CE1 1 
ATOM   48   C CE2 . PHE A 1 11  ? -1.185  0.060   -11.013 1.00 16.74  ? 10  PHE A CE2 1 
ATOM   49   C CZ  . PHE A 1 11  ? 0.166   0.335   -10.962 1.00 15.95  ? 10  PHE A CZ  1 
ATOM   50   N N   . GLU A 1 12  ? 0.300   -5.273  -10.675 1.00 17.14  ? 11  GLU A N   1 
ATOM   51   C CA  A GLU A 1 12  ? 0.113   -5.940  -9.395  0.50 19.40  ? 11  GLU A CA  1 
ATOM   52   C CA  B GLU A 1 12  ? 0.124   -5.969  -9.392  0.50 19.52  ? 11  GLU A CA  1 
ATOM   53   C C   . GLU A 1 12  ? 1.128   -5.529  -8.323  1.00 17.28  ? 11  GLU A C   1 
ATOM   54   O O   . GLU A 1 12  ? 2.335   -5.340  -8.605  1.00 17.36  ? 11  GLU A O   1 
ATOM   55   C CB  A GLU A 1 12  ? 0.162   -7.441  -9.611  0.50 20.25  ? 11  GLU A CB  1 
ATOM   56   C CB  B GLU A 1 12  ? 0.195   -7.494  -9.552  0.50 21.50  ? 11  GLU A CB  1 
ATOM   57   C CG  A GLU A 1 12  ? -0.876  -7.931  -10.605 0.50 21.61  ? 11  GLU A CG  1 
ATOM   58   C CG  B GLU A 1 12  ? -0.286  -8.215  -8.286  0.50 21.78  ? 11  GLU A CG  1 
ATOM   59   C CD  A GLU A 1 12  ? -2.281  -8.068  -10.008 0.50 24.87  ? 11  GLU A CD  1 
ATOM   60   C CD  B GLU A 1 12  ? -0.277  -9.743  -8.337  0.50 31.91  ? 11  GLU A CD  1 
ATOM   61   O OE1 A GLU A 1 12  ? -2.418  -8.162  -8.772  0.50 29.48  ? 11  GLU A OE1 1 
ATOM   62   O OE1 B GLU A 1 12  ? 0.457   -10.339 -9.166  0.50 31.66  ? 11  GLU A OE1 1 
ATOM   63   O OE2 A GLU A 1 12  ? -3.271  -8.060  -10.771 0.50 26.27  ? 11  GLU A OE2 1 
ATOM   64   O OE2 B GLU A 1 12  ? -1.012  -10.340 -7.510  0.50 24.38  ? 11  GLU A OE2 1 
ATOM   65   N N   . VAL A 1 13  ? 0.611   -5.403  -7.078  1.00 16.49  ? 12  VAL A N   1 
ATOM   66   C CA  . VAL A 1 13  ? 1.478   -5.313  -5.906  1.00 15.73  ? 12  VAL A CA  1 
ATOM   67   C C   . VAL A 1 13  ? 1.850   -6.724  -5.483  1.00 16.49  ? 12  VAL A C   1 
ATOM   68   O O   . VAL A 1 13  ? 0.944   -7.571  -5.304  1.00 20.47  ? 12  VAL A O   1 
ATOM   69   C CB  . VAL A 1 13  ? 0.754   -4.593  -4.762  1.00 17.12  ? 12  VAL A CB  1 
ATOM   70   C CG1 . VAL A 1 13  ? 1.621   -4.610  -3.491  1.00 19.48  ? 12  VAL A CG1 1 
ATOM   71   C CG2 . VAL A 1 13  ? 0.400   -3.175  -5.196  1.00 15.99  ? 12  VAL A CG2 1 
ATOM   72   N N   . VAL A 1 14  ? 3.143   -6.968  -5.353  1.00 16.19  ? 13  VAL A N   1 
ATOM   73   C CA  . VAL A 1 14  ? 3.609   -8.285  -4.966  1.00 18.23  ? 13  VAL A CA  1 
ATOM   74   C C   . VAL A 1 14  ? 4.550   -8.145  -3.775  1.00 21.23  ? 13  VAL A C   1 
ATOM   75   O O   . VAL A 1 14  ? 5.641   -7.582  -3.904  1.00 19.02  ? 13  VAL A O   1 
ATOM   76   C CB  . VAL A 1 14  ? 4.332   -8.992  -6.136  1.00 22.69  ? 13  VAL A CB  1 
ATOM   77   C CG1 . VAL A 1 14  ? 4.872   -10.351 -5.666  1.00 26.84  ? 13  VAL A CG1 1 
ATOM   78   C CG2 . VAL A 1 14  ? 3.384   -9.073  -7.346  1.00 24.02  ? 13  VAL A CG2 1 
ATOM   79   N N   . PHE A 1 15  ? 4.121   -8.620  -2.590  1.00 17.52  ? 14  PHE A N   1 
ATOM   80   C CA  . PHE A 1 15  ? 5.014   -8.535  -1.414  1.00 17.57  ? 14  PHE A CA  1 
ATOM   81   C C   . PHE A 1 15  ? 6.152   -9.561  -1.445  1.00 17.04  ? 14  PHE A C   1 
ATOM   82   O O   . PHE A 1 15  ? 5.920   -10.685 -1.973  1.00 21.91  ? 14  PHE A O   1 
ATOM   83   C CB  . PHE A 1 15  ? 4.185   -8.704  -0.125  1.00 17.43  ? 14  PHE A CB  1 
ATOM   84   C CG  . PHE A 1 15  ? 3.200   -7.588  0.097   1.00 17.22  ? 14  PHE A CG  1 
ATOM   85   C CD1 . PHE A 1 15  ? 1.882   -7.694  -0.298  1.00 15.40  ? 14  PHE A CD1 1 
ATOM   86   C CD2 . PHE A 1 15  ? 3.636   -6.353  0.613   1.00 15.31  ? 14  PHE A CD2 1 
ATOM   87   C CE1 . PHE A 1 15  ? 0.964   -6.683  -0.153  1.00 16.04  ? 14  PHE A CE1 1 
ATOM   88   C CE2 . PHE A 1 15  ? 2.720   -5.306  0.757   1.00 15.99  ? 14  PHE A CE2 1 
ATOM   89   C CZ  . PHE A 1 15  ? 1.372   -5.462  0.373   1.00 15.44  ? 14  PHE A CZ  1 
ATOM   90   N N   . ASN A 1 16  ? 7.315   -9.214  -0.920  1.00 19.20  ? 15  ASN A N   1 
ATOM   91   C CA  . ASN A 1 16  ? 8.482   -10.156 -0.969  1.00 19.84  ? 15  ASN A CA  1 
ATOM   92   C C   . ASN A 1 16  ? 8.158   -11.451 -0.220  1.00 26.56  ? 15  ASN A C   1 
ATOM   93   O O   . ASN A 1 16  ? 8.644   -12.530 -0.610  1.00 30.60  ? 15  ASN A O   1 
ATOM   94   C CB  . ASN A 1 16  ? 9.734   -9.524  -0.428  1.00 22.55  ? 15  ASN A CB  1 
ATOM   95   C CG  . ASN A 1 16  ? 10.244  -8.414  -1.311  1.00 19.90  ? 15  ASN A CG  1 
ATOM   96   O OD1 . ASN A 1 16  ? 9.819   -8.309  -2.446  1.00 23.27  ? 15  ASN A OD1 1 
ATOM   97   N ND2 . ASN A 1 16  ? 11.060  -7.550  -0.777  1.00 27.01  ? 15  ASN A ND2 1 
ATOM   98   N N   . ASP A 1 17  ? 7.363   -11.343 0.846   1.00 24.44  ? 16  ASP A N   1 
ATOM   99   C CA  . ASP A 1 17  ? 6.824   -12.504 1.567   1.00 27.12  ? 16  ASP A CA  1 
ATOM   100  C C   . ASP A 1 17  ? 5.317   -12.414 1.670   1.00 29.08  ? 16  ASP A C   1 
ATOM   101  O O   . ASP A 1 17  ? 4.783   -11.755 2.564   1.00 31.85  ? 16  ASP A O   1 
ATOM   102  C CB  . ASP A 1 17  ? 7.445   -12.595 2.967   1.00 32.08  ? 16  ASP A CB  1 
ATOM   103  C CG  . ASP A 1 17  ? 8.968   -12.593 2.933   1.00 40.88  ? 16  ASP A CG  1 
ATOM   104  O OD1 . ASP A 1 17  ? 9.571   -13.513 2.330   1.00 46.76  ? 16  ASP A OD1 1 
ATOM   105  O OD2 . ASP A 1 17  ? 9.566   -11.658 3.498   1.00 42.50  ? 16  ASP A OD2 1 
ATOM   106  N N   . PRO A 1 18  ? 4.604   -13.099 0.775   1.00 32.33  ? 17  PRO A N   1 
ATOM   107  C CA  . PRO A 1 18  ? 3.161   -12.892 0.601   1.00 32.11  ? 17  PRO A CA  1 
ATOM   108  C C   . PRO A 1 18  ? 2.217   -13.201 1.778   1.00 33.09  ? 17  PRO A C   1 
ATOM   109  O O   . PRO A 1 18  ? 1.127   -12.630 1.824   1.00 46.22  ? 17  PRO A O   1 
ATOM   110  C CB  . PRO A 1 18  ? 2.822   -13.744 -0.649  1.00 31.08  ? 17  PRO A CB  1 
ATOM   111  C CG  . PRO A 1 18  ? 4.110   -13.766 -1.403  1.00 34.73  ? 17  PRO A CG  1 
ATOM   112  C CD  . PRO A 1 18  ? 5.179   -13.878 -0.341  1.00 37.18  ? 17  PRO A CD  1 
ATOM   113  N N   . GLU A 1 19  ? 2.580   -14.086 2.701   1.00 33.17  ? 18  GLU A N   1 
ATOM   114  C CA  A GLU A 1 19  ? 1.684   -14.459 3.810   0.50 35.76  ? 18  GLU A CA  1 
ATOM   115  C CA  B GLU A 1 19  ? 1.647   -14.383 3.798   0.50 34.98  ? 18  GLU A CA  1 
ATOM   116  C C   . GLU A 1 19  ? 2.183   -13.923 5.160   1.00 37.26  ? 18  GLU A C   1 
ATOM   117  O O   . GLU A 1 19  ? 1.948   -14.540 6.204   1.00 46.95  ? 18  GLU A O   1 
ATOM   118  C CB  A GLU A 1 19  ? 1.556   -15.989 3.907   0.50 39.90  ? 18  GLU A CB  1 
ATOM   119  C CB  B GLU A 1 19  ? 1.239   -15.860 3.786   0.50 40.81  ? 18  GLU A CB  1 
ATOM   120  C CG  A GLU A 1 19  ? 0.434   -16.606 3.082   0.50 41.54  ? 18  GLU A CG  1 
ATOM   121  C CG  B GLU A 1 19  ? 0.511   -16.257 2.505   0.50 42.85  ? 18  GLU A CG  1 
ATOM   122  C CD  A GLU A 1 19  ? 0.170   -18.065 3.451   0.50 42.70  ? 18  GLU A CD  1 
ATOM   123  C CD  B GLU A 1 19  ? 0.487   -17.756 2.273   0.50 52.39  ? 18  GLU A CD  1 
ATOM   124  O OE1 A GLU A 1 19  ? 0.127   -18.394 4.658   0.50 38.29  ? 18  GLU A OE1 1 
ATOM   125  O OE1 B GLU A 1 19  ? 0.883   -18.518 3.185   0.50 57.37  ? 18  GLU A OE1 1 
ATOM   126  O OE2 A GLU A 1 19  ? 0.014   -18.888 2.527   0.50 47.56  ? 18  GLU A OE2 1 
ATOM   127  O OE2 B GLU A 1 19  ? 0.064   -18.173 1.173   0.50 56.53  ? 18  GLU A OE2 1 
ATOM   128  N N   . LYS A 1 20  ? 2.883   -12.797 5.137   1.00 26.41  ? 19  LYS A N   1 
ATOM   129  C CA  A LYS A 1 20  ? 3.548   -12.266 6.329   0.50 23.99  ? 19  LYS A CA  1 
ATOM   130  C CA  B LYS A 1 20  ? 3.538   -12.290 6.341   0.50 24.41  ? 19  LYS A CA  1 
ATOM   131  C C   . LYS A 1 20  ? 2.526   -11.473 7.149   1.00 19.37  ? 19  LYS A C   1 
ATOM   132  O O   . LYS A 1 20  ? 1.596   -10.871 6.602   1.00 21.77  ? 19  LYS A O   1 
ATOM   133  C CB  A LYS A 1 20  ? 4.697   -11.343 5.908   0.50 22.99  ? 19  LYS A CB  1 
ATOM   134  C CB  B LYS A 1 20  ? 4.748   -11.428 5.969   0.50 24.98  ? 19  LYS A CB  1 
ATOM   135  C CG  A LYS A 1 20  ? 6.090   -11.868 6.233   0.50 22.34  ? 19  LYS A CG  1 
ATOM   136  C CG  B LYS A 1 20  ? 5.572   -10.969 7.165   0.50 25.13  ? 19  LYS A CG  1 
ATOM   137  C CD  A LYS A 1 20  ? 7.161   -10.842 5.857   0.50 25.60  ? 19  LYS A CD  1 
ATOM   138  C CD  B LYS A 1 20  ? 6.898   -10.352 6.745   0.50 28.21  ? 19  LYS A CD  1 
ATOM   139  C CE  A LYS A 1 20  ? 7.798   -10.255 7.106   0.50 29.66  ? 19  LYS A CE  1 
ATOM   140  C CE  B LYS A 1 20  ? 7.969   -11.411 6.499   0.50 27.80  ? 19  LYS A CE  1 
ATOM   141  N NZ  A LYS A 1 20  ? 7.829   -11.310 8.147   0.50 27.86  ? 19  LYS A NZ  1 
ATOM   142  N NZ  B LYS A 1 20  ? 9.286   -10.815 6.128   0.50 27.04  ? 19  LYS A NZ  1 
ATOM   143  N N   . VAL A 1 21  ? 2.698   -11.482 8.467   1.00 17.59  ? 20  VAL A N   1 
ATOM   144  C CA  . VAL A 1 21  ? 2.007   -10.490 9.335   1.00 14.53  ? 20  VAL A CA  1 
ATOM   145  C C   . VAL A 1 21  ? 3.127   -9.583  9.877   1.00 17.29  ? 20  VAL A C   1 
ATOM   146  O O   . VAL A 1 21  ? 4.101   -10.046 10.480  1.00 19.91  ? 20  VAL A O   1 
ATOM   147  C CB  . VAL A 1 21  ? 1.293   -11.180 10.510  1.00 15.99  ? 20  VAL A CB  1 
ATOM   148  C CG1 . VAL A 1 21  ? 0.581   -10.146 11.398  1.00 18.08  ? 20  VAL A CG1 1 
ATOM   149  C CG2 . VAL A 1 21  ? 0.277   -12.183 9.945   1.00 19.27  ? 20  VAL A CG2 1 
ATOM   150  N N   . TYR A 1 22  ? 3.027   -8.283  9.557   1.00 13.47  ? 21  TYR A N   1 
ATOM   151  C CA  . TYR A 1 22  ? 4.126   -7.326  9.872   1.00 12.75  ? 21  TYR A CA  1 
ATOM   152  C C   . TYR A 1 22  ? 3.844   -6.607  11.181  1.00 12.45  ? 21  TYR A C   1 
ATOM   153  O O   . TYR A 1 22  ? 2.712   -6.215  11.461  1.00 13.85  ? 21  TYR A O   1 
ATOM   154  C CB  . TYR A 1 22  ? 4.203   -6.288  8.767   1.00 12.74  ? 21  TYR A CB  1 
ATOM   155  C CG  . TYR A 1 22  ? 4.431   -6.838  7.379   1.00 14.11  ? 21  TYR A CG  1 
ATOM   156  C CD1 . TYR A 1 22  ? 3.354   -7.202  6.616   1.00 14.25  ? 21  TYR A CD1 1 
ATOM   157  C CD2 . TYR A 1 22  ? 5.703   -6.962  6.847   1.00 14.32  ? 21  TYR A CD2 1 
ATOM   158  C CE1 . TYR A 1 22  ? 3.490   -7.669  5.335   1.00 16.06  ? 21  TYR A CE1 1 
ATOM   159  C CE2 . TYR A 1 22  ? 5.876   -7.483  5.561   1.00 15.90  ? 21  TYR A CE2 1 
ATOM   160  C CZ  . TYR A 1 22  ? 4.786   -7.829  4.819   1.00 16.40  ? 21  TYR A CZ  1 
ATOM   161  O OH  . TYR A 1 22  ? 4.912   -8.327  3.536   1.00 18.93  ? 21  TYR A OH  1 
ATOM   162  N N   . GLY A 1 23  ? 4.854   -6.508  12.036  1.00 13.20  ? 22  GLY A N   1 
ATOM   163  C CA  . GLY A 1 23  ? 4.622   -5.824  13.299  1.00 13.13  ? 22  GLY A CA  1 
ATOM   164  C C   . GLY A 1 23  ? 5.038   -4.377  13.322  1.00 13.32  ? 22  GLY A C   1 
ATOM   165  O O   . GLY A 1 23  ? 5.702   -3.856  12.414  1.00 13.15  ? 22  GLY A O   1 
ATOM   166  N N   . SER A 1 24  ? 4.631   -3.732  14.406  1.00 11.80  ? 23  SER A N   1 
ATOM   167  C CA  . SER A 1 24  ? 5.090   -2.361  14.621  1.00 12.51  ? 23  SER A CA  1 
ATOM   168  C C   . SER A 1 24  ? 6.569   -2.234  14.373  1.00 12.18  ? 23  SER A C   1 
ATOM   169  O O   . SER A 1 24  ? 7.373   -3.065  14.850  1.00 13.98  ? 23  SER A O   1 
ATOM   170  C CB  . SER A 1 24  ? 4.780   -1.942  16.085  1.00 12.73  ? 23  SER A CB  1 
ATOM   171  O OG  . SER A 1 24  ? 3.425   -2.228  16.481  1.00 13.40  ? 23  SER A OG  1 
ATOM   172  N N   . GLY A 1 25  ? 6.920   -1.154  13.693  1.00 12.14  ? 24  GLY A N   1 
ATOM   173  C CA  . GLY A 1 25  ? 8.343   -0.880  13.407  1.00 13.36  ? 24  GLY A CA  1 
ATOM   174  C C   . GLY A 1 25  ? 8.981   -1.642  12.261  1.00 14.26  ? 24  GLY A C   1 
ATOM   175  O O   . GLY A 1 25  ? 10.126  -1.318  11.887  1.00 18.99  ? 24  GLY A O   1 
ATOM   176  N N   . GLU A 1 26  ? 8.310   -2.665  11.741  1.00 12.79  ? 25  GLU A N   1 
ATOM   177  C CA  . GLU A 1 26  ? 8.911   -3.518  10.713  1.00 11.43  ? 25  GLU A CA  1 
ATOM   178  C C   . GLU A 1 26  ? 8.768   -3.002  9.305   1.00 12.86  ? 25  GLU A C   1 
ATOM   179  O O   . GLU A 1 26  ? 7.865   -2.251  8.951   1.00 13.72  ? 25  GLU A O   1 
ATOM   180  C CB  . GLU A 1 26  ? 8.319   -4.906  10.815  1.00 12.99  ? 25  GLU A CB  1 
ATOM   181  C CG  . GLU A 1 26  ? 8.718   -5.514  12.161  1.00 15.98  ? 25  GLU A CG  1 
ATOM   182  C CD  . GLU A 1 26  ? 8.246   -6.942  12.340  1.00 15.18  ? 25  GLU A CD  1 
ATOM   183  O OE1 . GLU A 1 26  ? 7.489   -7.535  11.508  1.00 15.89  ? 25  GLU A OE1 1 
ATOM   184  O OE2 . GLU A 1 26  ? 8.681   -7.508  13.409  1.00 19.28  ? 25  GLU A OE2 1 
ATOM   185  N N   . ARG A 1 27  ? 9.719   -3.433  8.470   1.00 13.06  ? 26  ARG A N   1 
ATOM   186  C CA  A ARG A 1 27  ? 9.753   -3.070  7.051   0.50 13.15  ? 26  ARG A CA  1 
ATOM   187  C CA  B ARG A 1 27  ? 9.721   -3.037  7.065   0.50 13.46  ? 26  ARG A CA  1 
ATOM   188  C C   . ARG A 1 27  ? 8.779   -3.931  6.269   1.00 13.87  ? 26  ARG A C   1 
ATOM   189  O O   . ARG A 1 27  ? 8.777   -5.171  6.392   1.00 15.12  ? 26  ARG A O   1 
ATOM   190  C CB  A ARG A 1 27  ? 11.163  -3.321  6.493   0.50 13.36  ? 26  ARG A CB  1 
ATOM   191  C CB  B ARG A 1 27  ? 11.145  -3.103  6.491   0.50 15.04  ? 26  ARG A CB  1 
ATOM   192  C CG  A ARG A 1 27  ? 11.278  -3.035  5.007   0.50 13.64  ? 26  ARG A CG  1 
ATOM   193  C CG  B ARG A 1 27  ? 11.308  -2.327  5.195   0.50 16.43  ? 26  ARG A CG  1 
ATOM   194  C CD  A ARG A 1 27  ? 12.757  -2.915  4.621   0.50 16.79  ? 26  ARG A CD  1 
ATOM   195  C CD  B ARG A 1 27  ? 12.785  -2.131  4.874   0.50 19.08  ? 26  ARG A CD  1 
ATOM   196  N NE  A ARG A 1 27  ? 12.948  -2.365  3.276   0.50 23.22  ? 26  ARG A NE  1 
ATOM   197  N NE  B ARG A 1 27  ? 13.006  -1.607  3.529   0.50 24.64  ? 26  ARG A NE  1 
ATOM   198  C CZ  A ARG A 1 27  ? 12.873  -1.066  2.946   0.50 21.83  ? 26  ARG A CZ  1 
ATOM   199  C CZ  B ARG A 1 27  ? 13.158  -2.370  2.445   0.50 24.83  ? 26  ARG A CZ  1 
ATOM   200  N NH1 A ARG A 1 27  ? 12.609  -0.128  3.844   0.50 25.62  ? 26  ARG A NH1 1 
ATOM   201  N NH1 B ARG A 1 27  ? 13.126  -3.685  2.542   0.50 24.92  ? 26  ARG A NH1 1 
ATOM   202  N NH2 A ARG A 1 27  ? 13.085  -0.700  1.694   0.50 24.20  ? 26  ARG A NH2 1 
ATOM   203  N NH2 B ARG A 1 27  ? 13.364  -1.819  1.272   0.50 23.65  ? 26  ARG A NH2 1 
ATOM   204  N N   . VAL A 1 28  ? 7.961   -3.275  5.428   1.00 11.93  ? 27  VAL A N   1 
ATOM   205  C CA  . VAL A 1 28  ? 7.091   -3.939  4.455   1.00 12.89  ? 27  VAL A CA  1 
ATOM   206  C C   . VAL A 1 28  ? 7.663   -3.647  3.079   1.00 13.82  ? 27  VAL A C   1 
ATOM   207  O O   . VAL A 1 28  ? 7.754   -2.476  2.691   1.00 13.73  ? 27  VAL A O   1 
ATOM   208  C CB  . VAL A 1 28  ? 5.694   -3.290  4.546   1.00 13.18  ? 27  VAL A CB  1 
ATOM   209  C CG1 . VAL A 1 28  ? 4.758   -3.997  3.563   1.00 14.80  ? 27  VAL A CG1 1 
ATOM   210  C CG2 . VAL A 1 28  ? 5.098   -3.453  5.960   1.00 15.04  ? 27  VAL A CG2 1 
ATOM   211  N N   . ALA A 1 29  ? 8.057   -4.700  2.350   1.00 14.20  ? 28  ALA A N   1 
ATOM   212  C CA  . ALA A 1 29  ? 8.760   -4.501  1.076   1.00 14.94  ? 28  ALA A CA  1 
ATOM   213  C C   . ALA A 1 29  ? 8.187   -5.426  0.023   1.00 12.77  ? 28  ALA A C   1 
ATOM   214  O O   . ALA A 1 29  ? 7.656   -6.501  0.286   1.00 14.82  ? 28  ALA A O   1 
ATOM   215  C CB  . ALA A 1 29  ? 10.245  -4.817  1.299   1.00 20.97  ? 28  ALA A CB  1 
ATOM   216  N N   . GLY A 1 30  ? 8.280   -4.950  -1.224  1.00 13.32  ? 29  GLY A N   1 
ATOM   217  C CA  . GLY A 1 30  ? 7.782   -5.765  -2.328  1.00 17.78  ? 29  GLY A CA  1 
ATOM   218  C C   . GLY A 1 30  ? 8.097   -5.071  -3.636  1.00 17.43  ? 29  GLY A C   1 
ATOM   219  O O   . GLY A 1 30  ? 8.989   -4.257  -3.719  1.00 16.77  ? 29  GLY A O   1 
ATOM   220  N N   . ARG A 1 31  ? 7.348   -5.466  -4.653  1.00 16.98  ? 30  ARG A N   1 
ATOM   221  C CA  . ARG A 1 31  ? 7.507   -4.902  -6.010  1.00 16.20  ? 30  ARG A CA  1 
ATOM   222  C C   . ARG A 1 31  ? 6.155   -4.553  -6.550  1.00 15.09  ? 30  ARG A C   1 
ATOM   223  O O   . ARG A 1 31  ? 5.139   -5.235  -6.275  1.00 16.73  ? 30  ARG A O   1 
ATOM   224  C CB  . ARG A 1 31  ? 8.168   -5.926  -6.961  1.00 19.90  ? 30  ARG A CB  1 
ATOM   225  C CG  . ARG A 1 31  ? 9.605   -6.267  -6.568  1.00 23.67  ? 30  ARG A CG  1 
ATOM   226  C CD  . ARG A 1 31  ? 10.046  -7.595  -7.214  1.00 25.49  ? 30  ARG A CD  1 
ATOM   227  N NE  . ARG A 1 31  ? 9.262   -8.728  -6.738  1.00 27.40  ? 30  ARG A NE  1 
ATOM   228  C CZ  . ARG A 1 31  ? 9.225   -9.939  -7.276  1.00 38.23  ? 30  ARG A CZ  1 
ATOM   229  N NH1 . ARG A 1 31  ? 9.921   -10.228 -8.381  1.00 35.41  ? 30  ARG A NH1 1 
ATOM   230  N NH2 . ARG A 1 31  ? 8.461   -10.860 -6.710  1.00 37.87  ? 30  ARG A NH2 1 
ATOM   231  N N   . VAL A 1 32  ? 6.100   -3.486  -7.350  1.00 15.30  ? 31  VAL A N   1 
ATOM   232  C CA  . VAL A 1 32  ? 4.942   -3.298  -8.220  1.00 15.35  ? 31  VAL A CA  1 
ATOM   233  C C   . VAL A 1 32  ? 5.380   -3.785  -9.610  1.00 16.42  ? 31  VAL A C   1 
ATOM   234  O O   . VAL A 1 32  ? 6.386   -3.330  -10.117 1.00 18.56  ? 31  VAL A O   1 
ATOM   235  C CB  . VAL A 1 32  ? 4.496   -1.823  -8.302  1.00 16.97  ? 31  VAL A CB  1 
ATOM   236  C CG1 . VAL A 1 32  ? 3.381   -1.642  -9.324  1.00 18.66  ? 31  VAL A CG1 1 
ATOM   237  C CG2 . VAL A 1 32  ? 4.033   -1.314  -6.936  1.00 18.36  ? 31  VAL A CG2 1 
ATOM   238  N N   . ILE A 1 33  ? 4.657   -4.783  -10.123 1.00 16.59  ? 32  ILE A N   1 
ATOM   239  C CA  . ILE A 1 33  ? 5.071   -5.487  -11.357 1.00 18.21  ? 32  ILE A CA  1 
ATOM   240  C C   . ILE A 1 33  ? 4.106   -5.100  -12.473 1.00 16.25  ? 32  ILE A C   1 
ATOM   241  O O   . ILE A 1 33  ? 2.869   -5.158  -12.347 1.00 18.78  ? 32  ILE A O   1 
ATOM   242  C CB  . ILE A 1 33  ? 5.089   -7.001  -11.106 1.00 20.46  ? 32  ILE A CB  1 
ATOM   243  C CG1 . ILE A 1 33  ? 6.089   -7.304  -9.971  1.00 21.61  ? 32  ILE A CG1 1 
ATOM   244  C CG2 . ILE A 1 33  ? 5.569   -7.700  -12.381 1.00 21.24  ? 32  ILE A CG2 1 
ATOM   245  C CD1 . ILE A 1 33  ? 6.417   -8.757  -9.705  1.00 26.03  ? 32  ILE A CD1 1 
ATOM   246  N N   . VAL A 1 34  ? 4.696   -4.669  -13.585 1.00 21.12  ? 33  VAL A N   1 
ATOM   247  C CA  . VAL A 1 34  ? 3.878   -4.140  -14.687 1.00 19.41  ? 33  VAL A CA  1 
ATOM   248  C C   . VAL A 1 34  ? 4.258   -4.892  -15.969 1.00 19.95  ? 33  VAL A C   1 
ATOM   249  O O   . VAL A 1 34  ? 5.434   -5.105  -16.240 1.00 21.85  ? 33  VAL A O   1 
ATOM   250  C CB  . VAL A 1 34  ? 4.160   -2.657  -14.929 1.00 21.09  ? 33  VAL A CB  1 
ATOM   251  C CG1 . VAL A 1 34  ? 3.083   -2.072  -15.829 1.00 22.50  ? 33  VAL A CG1 1 
ATOM   252  C CG2 . VAL A 1 34  ? 4.224   -1.910  -13.583 1.00 21.82  ? 33  VAL A CG2 1 
ATOM   253  N N   . GLU A 1 35  ? 3.235   -5.308  -16.696 1.00 21.09  ? 34  GLU A N   1 
ATOM   254  C CA  A GLU A 1 35  ? 3.415   -5.950  -18.011 0.50 21.58  ? 34  GLU A CA  1 
ATOM   255  C CA  B GLU A 1 35  ? 3.455   -5.903  -18.021 0.50 22.15  ? 34  GLU A CA  1 
ATOM   256  C C   . GLU A 1 35  ? 2.452   -5.310  -18.990 1.00 19.60  ? 34  GLU A C   1 
ATOM   257  O O   . GLU A 1 35  ? 1.348   -4.991  -18.630 1.00 20.94  ? 34  GLU A O   1 
ATOM   258  C CB  A GLU A 1 35  ? 3.064   -7.435  -17.925 0.50 22.75  ? 34  GLU A CB  1 
ATOM   259  C CB  B GLU A 1 35  ? 3.319   -7.435  -17.990 0.50 26.11  ? 34  GLU A CB  1 
ATOM   260  C CG  A GLU A 1 35  ? 4.118   -8.287  -17.243 0.50 22.79  ? 34  GLU A CG  1 
ATOM   261  C CG  B GLU A 1 35  ? 3.773   -8.096  -19.287 0.50 26.89  ? 34  GLU A CG  1 
ATOM   262  C CD  A GLU A 1 35  ? 3.694   -9.747  -17.143 0.50 27.01  ? 34  GLU A CD  1 
ATOM   263  C CD  B GLU A 1 35  ? 3.833   -9.614  -19.234 0.50 30.72  ? 34  GLU A CD  1 
ATOM   264  O OE1 A GLU A 1 35  ? 4.187   -10.564 -17.942 0.50 31.45  ? 34  GLU A OE1 1 
ATOM   265  O OE1 B GLU A 1 35  ? 3.215   -10.221 -18.330 0.50 36.00  ? 34  GLU A OE1 1 
ATOM   266  O OE2 A GLU A 1 35  ? 2.846   -10.072 -16.284 0.50 33.79  ? 34  GLU A OE2 1 
ATOM   267  O OE2 B GLU A 1 35  ? 4.505   -10.197 -20.116 0.50 36.08  ? 34  GLU A OE2 1 
ATOM   268  N N   . VAL A 1 36  ? 2.880   -5.155  -20.242 1.00 19.55  ? 35  VAL A N   1 
ATOM   269  C CA  . VAL A 1 36  ? 2.017   -4.530  -21.250 1.00 17.85  ? 35  VAL A CA  1 
ATOM   270  C C   . VAL A 1 36  ? 1.936   -5.445  -22.469 1.00 19.57  ? 35  VAL A C   1 
ATOM   271  O O   . VAL A 1 36  ? 2.814   -6.256  -22.701 1.00 22.57  ? 35  VAL A O   1 
ATOM   272  C CB  . VAL A 1 36  ? 2.575   -3.150  -21.709 1.00 18.20  ? 35  VAL A CB  1 
ATOM   273  C CG1 . VAL A 1 36  ? 2.571   -2.160  -20.528 1.00 21.31  ? 35  VAL A CG1 1 
ATOM   274  C CG2 . VAL A 1 36  ? 3.968   -3.249  -22.315 1.00 21.40  ? 35  VAL A CG2 1 
ATOM   275  N N   . SER A 1 37  ? 0.876   -5.264  -23.232 1.00 22.92  ? 36  SER A N   1 
ATOM   276  C CA  . SER A 1 37  ? 0.709   -6.029  -24.469 1.00 25.18  ? 36  SER A CA  1 
ATOM   277  C C   . SER A 1 37  ? 1.025   -5.232  -25.741 1.00 27.59  ? 36  SER A C   1 
ATOM   278  O O   . SER A 1 37  ? 1.030   -5.820  -26.817 1.00 27.91  ? 36  SER A O   1 
ATOM   279  C CB  . SER A 1 37  ? -0.691  -6.616  -24.548 1.00 26.79  ? 36  SER A CB  1 
ATOM   280  O OG  . SER A 1 37  ? -1.687  -5.607  -24.488 1.00 32.82  ? 36  SER A OG  1 
ATOM   281  N N   . GLU A 1 38  ? 1.290   -3.930  -25.611 1.00 22.56  ? 37  GLU A N   1 
ATOM   282  C CA  . GLU A 1 38  ? 1.710   -3.095  -26.733 1.00 22.35  ? 37  GLU A CA  1 
ATOM   283  C C   . GLU A 1 38  ? 2.676   -2.108  -26.151 1.00 25.20  ? 37  GLU A C   1 
ATOM   284  O O   . GLU A 1 38  ? 2.697   -1.901  -24.936 1.00 23.52  ? 37  GLU A O   1 
ATOM   285  C CB  . GLU A 1 38  ? 0.519   -2.310  -27.291 1.00 27.31  ? 37  GLU A CB  1 
ATOM   286  C CG  . GLU A 1 38  ? -0.662  -3.161  -27.734 1.00 35.82  ? 37  GLU A CG  1 
ATOM   287  C CD  . GLU A 1 38  ? -0.404  -3.953  -29.016 1.00 41.20  ? 37  GLU A CD  1 
ATOM   288  O OE1 . GLU A 1 38  ? 0.550   -3.628  -29.761 1.00 40.38  ? 37  GLU A OE1 1 
ATOM   289  O OE2 . GLU A 1 38  ? -1.153  -4.930  -29.274 1.00 44.50  ? 37  GLU A OE2 1 
ATOM   290  N N   . VAL A 1 39  ? 3.485   -1.499  -26.998 1.00 21.71  ? 38  VAL A N   1 
ATOM   291  C CA  . VAL A 1 39  ? 4.436   -0.467  -26.577 1.00 20.67  ? 38  VAL A CA  1 
ATOM   292  C C   . VAL A 1 39  ? 3.711   0.718   -25.936 1.00 22.06  ? 38  VAL A C   1 
ATOM   293  O O   . VAL A 1 39  ? 2.763   1.248   -26.500 1.00 22.34  ? 38  VAL A O   1 
ATOM   294  C CB  . VAL A 1 39  ? 5.311   0.002   -27.757 1.00 20.17  ? 38  VAL A CB  1 
ATOM   295  C CG1 . VAL A 1 39  ? 6.298   1.096   -27.333 1.00 21.24  ? 38  VAL A CG1 1 
ATOM   296  C CG2 . VAL A 1 39  ? 6.090   -1.202  -28.320 1.00 23.33  ? 38  VAL A CG2 1 
ATOM   297  N N   . THR A 1 40  ? 4.139   1.110   -24.729 1.00 20.14  ? 39  THR A N   1 
ATOM   298  C CA  . THR A 1 40  ? 3.382   2.034   -23.918 1.00 21.59  ? 39  THR A CA  1 
ATOM   299  C C   . THR A 1 40  ? 4.355   2.912   -23.175 1.00 20.62  ? 39  THR A C   1 
ATOM   300  O O   . THR A 1 40  ? 5.326   2.388   -22.588 1.00 22.21  ? 39  THR A O   1 
ATOM   301  C CB  . THR A 1 40  ? 2.537   1.299   -22.865 1.00 26.57  ? 39  THR A CB  1 
ATOM   302  O OG1 . THR A 1 40  ? 1.791   0.221   -23.474 1.00 27.76  ? 39  THR A OG1 1 
ATOM   303  C CG2 . THR A 1 40  ? 1.568   2.290   -22.234 1.00 31.05  ? 39  THR A CG2 1 
ATOM   304  N N   . ARG A 1 41  ? 4.122   4.223   -23.170 1.00 19.25  ? 40  ARG A N   1 
ATOM   305  C CA  . ARG A 1 41  ? 4.936   5.149   -22.383 1.00 19.30  ? 40  ARG A CA  1 
ATOM   306  C C   . ARG A 1 41  ? 4.266   5.280   -21.009 1.00 18.36  ? 40  ARG A C   1 
ATOM   307  O O   . ARG A 1 41  ? 3.049   5.371   -20.919 1.00 19.23  ? 40  ARG A O   1 
ATOM   308  C CB  . ARG A 1 41  ? 4.794   6.573   -22.965 1.00 27.05  ? 40  ARG A CB  1 
ATOM   309  C CG  . ARG A 1 41  ? 5.790   6.962   -24.005 1.00 35.37  ? 40  ARG A CG  1 
ATOM   310  C CD  . ARG A 1 41  ? 5.741   8.471   -24.103 1.00 25.79  ? 40  ARG A CD  1 
ATOM   311  N NE  . ARG A 1 41  ? 4.530   9.048   -24.726 1.00 21.89  ? 40  ARG A NE  1 
ATOM   312  C CZ  . ARG A 1 41  ? 4.588   10.231  -25.320 1.00 23.68  ? 40  ARG A CZ  1 
ATOM   313  N NH1 . ARG A 1 41  ? 5.772   10.827  -25.344 1.00 23.51  ? 40  ARG A NH1 1 
ATOM   314  N NH2 . ARG A 1 41  ? 3.534   10.795  -25.904 1.00 22.28  ? 40  ARG A NH2 1 
ATOM   315  N N   . VAL A 1 42  ? 5.087   5.346   -19.960 1.00 15.66  ? 41  VAL A N   1 
ATOM   316  C CA  . VAL A 1 42  ? 4.561   5.456   -18.596 1.00 16.16  ? 41  VAL A CA  1 
ATOM   317  C C   . VAL A 1 42  ? 5.096   6.724   -17.957 1.00 18.04  ? 41  VAL A C   1 
ATOM   318  O O   . VAL A 1 42  ? 6.299   6.915   -17.896 1.00 18.20  ? 41  VAL A O   1 
ATOM   319  C CB  . VAL A 1 42  ? 5.009   4.242   -17.779 1.00 15.98  ? 41  VAL A CB  1 
ATOM   320  C CG1 . VAL A 1 42  ? 4.594   4.410   -16.312 1.00 19.15  ? 41  VAL A CG1 1 
ATOM   321  C CG2 . VAL A 1 42  ? 4.352   2.981   -18.334 1.00 19.86  ? 41  VAL A CG2 1 
ATOM   322  N N   . LYS A 1 43  ? 4.186   7.567   -17.468 1.00 16.80  ? 42  LYS A N   1 
ATOM   323  C CA  . LYS A 1 43  ? 4.609   8.779   -16.801 1.00 16.64  ? 42  LYS A CA  1 
ATOM   324  C C   . LYS A 1 43  ? 5.147   8.522   -15.390 1.00 17.46  ? 42  LYS A C   1 
ATOM   325  O O   . LYS A 1 43  ? 6.156   9.113   -14.965 1.00 19.35  ? 42  LYS A O   1 
ATOM   326  C CB  . LYS A 1 43  ? 3.426   9.726   -16.717 1.00 20.60  ? 42  LYS A CB  1 
ATOM   327  C CG  . LYS A 1 43  ? 3.751   10.978  -15.924 1.00 31.30  ? 42  LYS A CG  1 
ATOM   328  C CD  . LYS A 1 43  ? 2.529   11.880  -15.874 1.00 36.02  ? 42  LYS A CD  1 
ATOM   329  C CE  . LYS A 1 43  ? 2.001   12.151  -17.270 1.00 41.36  ? 42  LYS A CE  1 
ATOM   330  N NZ  . LYS A 1 43  ? 0.661   12.800  -17.258 1.00 46.86  ? 42  LYS A NZ  1 
ATOM   331  N N   . ALA A 1 44  ? 4.448   7.658   -14.656 1.00 17.97  ? 43  ALA A N   1 
ATOM   332  C CA  . ALA A 1 44  ? 4.888   7.382   -13.272 1.00 18.15  ? 43  ALA A CA  1 
ATOM   333  C C   . ALA A 1 44  ? 4.206   6.121   -12.795 1.00 15.16  ? 43  ALA A C   1 
ATOM   334  O O   . ALA A 1 44  ? 3.094   5.810   -13.191 1.00 16.27  ? 43  ALA A O   1 
ATOM   335  C CB  . ALA A 1 44  ? 4.517   8.544   -12.344 1.00 19.53  ? 43  ALA A CB  1 
ATOM   336  N N   . VAL A 1 45  ? 4.887   5.463   -11.834 1.00 15.39  ? 44  VAL A N   1 
ATOM   337  C CA  . VAL A 1 45  ? 4.205   4.508   -10.942 1.00 14.72  ? 44  VAL A CA  1 
ATOM   338  C C   . VAL A 1 45  ? 4.332   5.071   -9.539  1.00 16.86  ? 44  VAL A C   1 
ATOM   339  O O   . VAL A 1 45  ? 5.451   5.341   -9.065  1.00 16.44  ? 44  VAL A O   1 
ATOM   340  C CB  . VAL A 1 45  ? 4.870   3.131   -11.068 1.00 16.68  ? 44  VAL A CB  1 
ATOM   341  C CG1 . VAL A 1 45  ? 4.390   2.196   -9.936  1.00 17.99  ? 44  VAL A CG1 1 
ATOM   342  C CG2 . VAL A 1 45  ? 4.537   2.547   -12.468 1.00 19.58  ? 44  VAL A CG2 1 
ATOM   343  N N   . ARG A 1 46  ? 3.187   5.246   -8.895  1.00 16.16  ? 45  ARG A N   1 
ATOM   344  C CA  . ARG A 1 46  ? 3.164   5.796   -7.525  1.00 16.23  ? 45  ARG A CA  1 
ATOM   345  C C   . ARG A 1 46  ? 2.585   4.756   -6.558  1.00 16.21  ? 45  ARG A C   1 
ATOM   346  O O   . ARG A 1 46  ? 1.906   3.838   -6.972  1.00 15.51  ? 45  ARG A O   1 
ATOM   347  C CB  . ARG A 1 46  ? 2.329   7.059   -7.487  1.00 19.07  ? 45  ARG A CB  1 
ATOM   348  C CG  . ARG A 1 46  ? 2.930   8.180   -8.370  1.00 20.14  ? 45  ARG A CG  1 
ATOM   349  C CD  . ARG A 1 46  ? 1.983   9.348   -8.377  1.00 23.20  ? 45  ARG A CD  1 
ATOM   350  N NE  . ARG A 1 46  ? 0.791   9.131   -9.195  1.00 21.19  ? 45  ARG A NE  1 
ATOM   351  C CZ  . ARG A 1 46  ? -0.453  9.093   -8.734  1.00 22.95  ? 45  ARG A CZ  1 
ATOM   352  N NH1 . ARG A 1 46  ? -0.689  9.240   -7.416  1.00 27.44  ? 45  ARG A NH1 1 
ATOM   353  N NH2 . ARG A 1 46  ? -1.480  8.911   -9.558  1.00 20.82  ? 45  ARG A NH2 1 
ATOM   354  N N   A ILE A 1 47  ? 2.830   4.989   -5.265  0.50 14.23  ? 46  ILE A N   1 
ATOM   355  N N   B ILE A 1 47  ? 2.920   4.862   -5.278  0.50 15.27  ? 46  ILE A N   1 
ATOM   356  C CA  A ILE A 1 47  ? 2.413   4.092   -4.169  0.50 14.22  ? 46  ILE A CA  1 
ATOM   357  C CA  B ILE A 1 47  ? 2.197   4.084   -4.271  0.50 14.69  ? 46  ILE A CA  1 
ATOM   358  C C   A ILE A 1 47  ? 1.750   4.905   -3.069  0.50 13.38  ? 46  ILE A C   1 
ATOM   359  C C   B ILE A 1 47  ? 1.677   4.933   -3.140  0.50 13.62  ? 46  ILE A C   1 
ATOM   360  O O   A ILE A 1 47  ? 2.219   6.004   -2.735  0.50 14.62  ? 46  ILE A O   1 
ATOM   361  O O   B ILE A 1 47  ? 2.164   6.041   -2.845  0.50 14.58  ? 46  ILE A O   1 
ATOM   362  C CB  A ILE A 1 47  ? 3.625   3.293   -3.585  0.50 12.61  ? 46  ILE A CB  1 
ATOM   363  C CB  B ILE A 1 47  ? 3.002   2.898   -3.677  0.50 15.56  ? 46  ILE A CB  1 
ATOM   364  C CG1 A ILE A 1 47  ? 3.171   2.225   -2.612  0.50 14.41  ? 46  ILE A CG1 1 
ATOM   365  C CG1 B ILE A 1 47  ? 4.335   3.373   -3.093  0.50 17.07  ? 46  ILE A CG1 1 
ATOM   366  C CG2 A ILE A 1 47  ? 4.713   4.190   -2.981  0.50 12.48  ? 46  ILE A CG2 1 
ATOM   367  C CG2 B ILE A 1 47  ? 3.199   1.820   -4.742  0.50 17.67  ? 46  ILE A CG2 1 
ATOM   368  C CD1 A ILE A 1 47  ? 4.267   1.242   -2.237  0.50 15.32  ? 46  ILE A CD1 1 
ATOM   369  C CD1 B ILE A 1 47  ? 4.917   2.432   -2.059  0.50 19.64  ? 46  ILE A CD1 1 
ATOM   370  N N   . LEU A 1 48  ? 0.651   4.375   -2.522  1.00 12.76  ? 47  LEU A N   1 
ATOM   371  C CA  . LEU A 1 48  ? 0.061   4.852   -1.271  1.00 11.78  ? 47  LEU A CA  1 
ATOM   372  C C   . LEU A 1 48  ? -0.062  3.622   -0.407  1.00 11.78  ? 47  LEU A C   1 
ATOM   373  O O   . LEU A 1 48  ? -0.796  2.667   -0.746  1.00 13.18  ? 47  LEU A O   1 
ATOM   374  C CB  . LEU A 1 48  ? -1.320  5.473   -1.535  1.00 12.83  ? 47  LEU A CB  1 
ATOM   375  C CG  . LEU A 1 48  ? -2.043  5.768   -0.203  1.00 14.58  ? 47  LEU A CG  1 
ATOM   376  C CD1 . LEU A 1 48  ? -1.344  6.802   0.682   1.00 17.11  ? 47  LEU A CD1 1 
ATOM   377  C CD2 . LEU A 1 48  ? -3.451  6.297   -0.533  1.00 16.72  ? 47  LEU A CD2 1 
ATOM   378  N N   . ALA A 1 49  ? 0.581   3.621   0.747   1.00 11.25  ? 48  ALA A N   1 
ATOM   379  C CA  . ALA A 1 49  ? 0.309   2.601   1.768   1.00 9.91   ? 48  ALA A CA  1 
ATOM   380  C C   . ALA A 1 49  ? -0.428  3.247   2.891   1.00 11.53  ? 48  ALA A C   1 
ATOM   381  O O   . ALA A 1 49  ? -0.021  4.295   3.401   1.00 11.92  ? 48  ALA A O   1 
ATOM   382  C CB  . ALA A 1 49  ? 1.582   1.969   2.347   1.00 12.11  ? 48  ALA A CB  1 
ATOM   383  N N   . SER A 1 50  ? -1.550  2.674   3.285   1.00 9.88   ? 49  SER A N   1 
ATOM   384  C CA  . SER A 1 50  ? -2.445  3.282   4.229   1.00 10.00  ? 49  SER A CA  1 
ATOM   385  C C   . SER A 1 50  ? -2.802  2.301   5.324   1.00 10.00  ? 49  SER A C   1 
ATOM   386  O O   . SER A 1 50  ? -3.044  1.130   5.030   1.00 11.41  ? 49  SER A O   1 
ATOM   387  C CB  . SER A 1 50  ? -3.721  3.702   3.489   1.00 11.43  ? 49  SER A CB  1 
ATOM   388  O OG  . SER A 1 50  ? -4.718  4.209   4.376   1.00 14.15  ? 49  SER A OG  1 
ATOM   389  N N   . GLY A 1 51  ? -2.895  2.745   6.565   1.00 9.66   ? 50  GLY A N   1 
ATOM   390  C CA  . GLY A 1 51  ? -3.394  1.936   7.670   1.00 9.37   ? 50  GLY A CA  1 
ATOM   391  C C   . GLY A 1 51  ? -4.282  2.722   8.544   1.00 10.72  ? 50  GLY A C   1 
ATOM   392  O O   . GLY A 1 51  ? -3.856  3.771   9.100   1.00 10.39  ? 50  GLY A O   1 
ATOM   393  N N   . VAL A 1 52  ? -5.527  2.301   8.667   1.00 9.29   ? 51  VAL A N   1 
ATOM   394  C CA  . VAL A 1 52  ? -6.527  2.958   9.490   1.00 9.05   ? 51  VAL A CA  1 
ATOM   395  C C   . VAL A 1 52  ? -7.156  2.019   10.401  1.00 11.03  ? 51  VAL A C   1 
ATOM   396  O O   . VAL A 1 52  ? -7.556  0.918   9.982   1.00 12.28  ? 51  VAL A O   1 
ATOM   397  C CB  . VAL A 1 52  ? -7.605  3.653   8.600   1.00 10.90  ? 51  VAL A CB  1 
ATOM   398  C CG1 . VAL A 1 52  ? -8.745  4.282   9.423   1.00 15.13  ? 51  VAL A CG1 1 
ATOM   399  C CG2 . VAL A 1 52  ? -6.985  4.784   7.737   1.00 13.01  ? 51  VAL A CG2 1 
ATOM   400  N N   . ALA A 1 53  ? -7.311  2.390   11.638  1.00 10.13  ? 52  ALA A N   1 
ATOM   401  C CA  . ALA A 1 53  ? -7.956  1.577   12.679  1.00 10.98  ? 52  ALA A CA  1 
ATOM   402  C C   . ALA A 1 53  ? -9.078  2.316   13.306  1.00 10.83  ? 52  ALA A C   1 
ATOM   403  O O   . ALA A 1 53  ? -8.974  3.521   13.605  1.00 11.15  ? 52  ALA A O   1 
ATOM   404  C CB  . ALA A 1 53  ? -6.962  1.127   13.715  1.00 13.67  ? 52  ALA A CB  1 
ATOM   405  N N   . LYS A 1 54  ? -10.185 1.653   13.598  1.00 11.53  ? 53  LYS A N   1 
ATOM   406  C CA  . LYS A 1 54  ? -11.291 2.272   14.315  1.00 11.92  ? 53  LYS A CA  1 
ATOM   407  C C   . LYS A 1 54  ? -11.754 1.387   15.419  1.00 14.10  ? 53  LYS A C   1 
ATOM   408  O O   . LYS A 1 54  ? -11.706 0.153   15.307  1.00 14.61  ? 53  LYS A O   1 
ATOM   409  C CB  . LYS A 1 54  ? -12.431 2.496   13.351  1.00 13.53  ? 53  LYS A CB  1 
ATOM   410  C CG  . LYS A 1 54  ? -12.074 3.297   12.136  1.00 20.80  ? 53  LYS A CG  1 
ATOM   411  C CD  . LYS A 1 54  ? -13.211 3.302   11.118  1.00 25.65  ? 53  LYS A CD  1 
ATOM   412  C CE  . LYS A 1 54  ? -12.750 4.002   9.858   1.00 39.92  ? 53  LYS A CE  1 
ATOM   413  N NZ  . LYS A 1 54  ? -13.821 4.906   9.352   1.00 50.49  ? 53  LYS A NZ  1 
ATOM   414  N N   . VAL A 1 55  ? -12.278 1.959   16.473  1.00 11.41  ? 54  VAL A N   1 
ATOM   415  C CA  . VAL A 1 55  ? -12.863 1.188   17.538  1.00 11.01  ? 54  VAL A CA  1 
ATOM   416  C C   . VAL A 1 55  ? -14.007 2.002   18.135  1.00 12.35  ? 54  VAL A C   1 
ATOM   417  O O   . VAL A 1 55  ? -14.000 3.218   18.183  1.00 12.17  ? 54  VAL A O   1 
ATOM   418  C CB  . VAL A 1 55  ? -11.825 0.814   18.584  1.00 11.65  ? 54  VAL A CB  1 
ATOM   419  C CG1 . VAL A 1 55  ? -11.168 2.047   19.225  1.00 14.06  ? 54  VAL A CG1 1 
ATOM   420  C CG2 . VAL A 1 55  ? -12.410 -0.104  19.669  1.00 15.38  ? 54  VAL A CG2 1 
ATOM   421  N N   . LEU A 1 56  ? -15.048 1.283   18.606  1.00 14.04  ? 55  LEU A N   1 
ATOM   422  C CA  A LEU A 1 56  ? -16.135 1.908   19.354  0.50 13.18  ? 55  LEU A CA  1 
ATOM   423  C CA  B LEU A 1 56  ? -16.213 1.863   19.316  0.50 14.10  ? 55  LEU A CA  1 
ATOM   424  C C   . LEU A 1 56  ? -16.357 1.045   20.593  1.00 15.28  ? 55  LEU A C   1 
ATOM   425  O O   . LEU A 1 56  ? -16.345 -0.218  20.538  1.00 15.61  ? 55  LEU A O   1 
ATOM   426  C CB  A LEU A 1 56  ? -17.393 2.115   18.466  0.50 12.97  ? 55  LEU A CB  1 
ATOM   427  C CB  B LEU A 1 56  ? -17.499 1.714   18.469  0.50 17.13  ? 55  LEU A CB  1 
ATOM   428  C CG  A LEU A 1 56  ? -18.595 2.875   19.062  0.50 14.52  ? 55  LEU A CG  1 
ATOM   429  C CG  B LEU A 1 56  ? -17.742 2.606   17.262  0.50 18.78  ? 55  LEU A CG  1 
ATOM   430  C CD1 A LEU A 1 56  ? -19.384 3.574   17.965  0.50 17.37  ? 55  LEU A CD1 1 
ATOM   431  C CD1 B LEU A 1 56  ? -19.179 2.516   16.730  0.50 23.94  ? 55  LEU A CD1 1 
ATOM   432  C CD2 A LEU A 1 56  ? -19.455 1.847   19.776  0.50 20.74  ? 55  LEU A CD2 1 
ATOM   433  C CD2 B LEU A 1 56  ? -17.353 4.040   17.562  0.50 25.53  ? 55  LEU A CD2 1 
ATOM   434  N N   . TRP A 1 57  ? -16.505 1.699   21.742  1.00 16.38  ? 56  TRP A N   1 
ATOM   435  C CA  . TRP A 1 57  ? -16.761 0.973   22.960  1.00 16.22  ? 56  TRP A CA  1 
ATOM   436  C C   . TRP A 1 57  ? -17.649 1.790   23.872  1.00 18.26  ? 56  TRP A C   1 
ATOM   437  O O   . TRP A 1 57  ? -17.806 2.996   23.716  1.00 15.97  ? 56  TRP A O   1 
ATOM   438  C CB  . TRP A 1 57  ? -15.467 0.553   23.609  1.00 15.58  ? 56  TRP A CB  1 
ATOM   439  C CG  . TRP A 1 57  ? -14.748 1.694   24.349  1.00 18.95  ? 56  TRP A CG  1 
ATOM   440  C CD1 . TRP A 1 57  ? -14.801 1.959   25.693  1.00 18.55  ? 56  TRP A CD1 1 
ATOM   441  C CD2 . TRP A 1 57  ? -13.837 2.636   23.778  1.00 17.45  ? 56  TRP A CD2 1 
ATOM   442  N NE1 . TRP A 1 57  ? -14.008 3.044   25.993  1.00 21.65  ? 56  TRP A NE1 1 
ATOM   443  C CE2 . TRP A 1 57  ? -13.419 3.486   24.832  1.00 16.62  ? 56  TRP A CE2 1 
ATOM   444  C CE3 . TRP A 1 57  ? -13.384 2.890   22.467  1.00 18.82  ? 56  TRP A CE3 1 
ATOM   445  C CZ2 . TRP A 1 57  ? -12.526 4.546   24.637  1.00 17.38  ? 56  TRP A CZ2 1 
ATOM   446  C CZ3 . TRP A 1 57  ? -12.503 3.981   22.257  1.00 19.19  ? 56  TRP A CZ3 1 
ATOM   447  C CH2 . TRP A 1 57  ? -12.084 4.778   23.358  1.00 17.57  ? 56  TRP A CH2 1 
ATOM   448  N N   A MET A 1 58  ? -18.271 1.108   24.826  0.70 18.66  ? 57  MET A N   1 
ATOM   449  N N   B MET A 1 58  ? -18.260 1.116   24.842  0.30 19.01  ? 57  MET A N   1 
ATOM   450  C CA  A MET A 1 58  ? -19.064 1.791   25.853  0.70 18.81  ? 57  MET A CA  1 
ATOM   451  C CA  B MET A 1 58  ? -19.112 1.790   25.823  0.30 19.83  ? 57  MET A CA  1 
ATOM   452  C C   A MET A 1 58  ? -18.292 1.841   27.164  0.70 22.47  ? 57  MET A C   1 
ATOM   453  C C   B MET A 1 58  ? -18.443 1.797   27.200  0.30 20.94  ? 57  MET A C   1 
ATOM   454  O O   A MET A 1 58  ? -17.585 0.896   27.538  0.70 23.10  ? 57  MET A O   1 
ATOM   455  O O   B MET A 1 58  ? -17.956 0.759   27.660  0.30 19.40  ? 57  MET A O   1 
ATOM   456  C CB  A MET A 1 58  ? -20.367 1.025   26.064  0.70 17.90  ? 57  MET A CB  1 
ATOM   457  C CB  B MET A 1 58  ? -20.457 1.066   25.925  0.30 19.86  ? 57  MET A CB  1 
ATOM   458  C CG  A MET A 1 58  ? -21.197 1.019   24.826  0.70 16.84  ? 57  MET A CG  1 
ATOM   459  C CG  B MET A 1 58  ? -21.305 1.597   27.065  0.30 20.65  ? 57  MET A CG  1 
ATOM   460  S SD  A MET A 1 58  ? -21.773 2.598   24.220  0.70 19.91  ? 57  MET A SD  1 
ATOM   461  S SD  B MET A 1 58  ? -22.162 3.090   26.541  0.30 27.35  ? 57  MET A SD  1 
ATOM   462  C CE  A MET A 1 58  ? -22.761 3.210   25.574  0.70 20.42  ? 57  MET A CE  1 
ATOM   463  C CE  B MET A 1 58  ? -22.133 2.839   24.782  0.30 13.40  ? 57  MET A CE  1 
ATOM   464  N N   . GLN A 1 59  ? -18.425 2.956   27.859  1.00 21.19  ? 58  GLN A N   1 
ATOM   465  C CA  . GLN A 1 59  ? -18.020 3.042   29.260  1.00 27.22  ? 58  GLN A CA  1 
ATOM   466  C C   . GLN A 1 59  ? -19.196 3.531   30.049  1.00 28.71  ? 58  GLN A C   1 
ATOM   467  O O   . GLN A 1 59  ? -19.493 4.730   30.067  1.00 28.13  ? 58  GLN A O   1 
ATOM   468  C CB  . GLN A 1 59  ? -16.893 4.031   29.436  1.00 32.40  ? 58  GLN A CB  1 
ATOM   469  C CG  . GLN A 1 59  ? -15.597 3.494   28.877  1.00 40.30  ? 58  GLN A CG  1 
ATOM   470  C CD  . GLN A 1 59  ? -14.474 4.468   29.065  1.00 33.05  ? 58  GLN A CD  1 
ATOM   471  O OE1 . GLN A 1 59  ? -13.541 4.536   28.257  1.00 36.23  ? 58  GLN A OE1 1 
ATOM   472  N NE2 . GLN A 1 59  ? -14.544 5.233   30.147  1.00 34.07  ? 58  GLN A NE2 1 
ATOM   473  N N   . GLY A 1 60  ? -19.867 2.591   30.709  1.00 34.13  ? 59  GLY A N   1 
ATOM   474  C CA  . GLY A 1 60  ? -21.155 2.893   31.306  1.00 33.80  ? 59  GLY A CA  1 
ATOM   475  C C   . GLY A 1 60  ? -22.061 3.419   30.225  1.00 31.72  ? 59  GLY A C   1 
ATOM   476  O O   . GLY A 1 60  ? -22.228 2.800   29.173  1.00 32.94  ? 59  GLY A O   1 
ATOM   477  N N   . SER A 1 61  ? -22.609 4.608   30.458  1.00 27.59  ? 60  SER A N   1 
ATOM   478  C CA  . SER A 1 61  ? -23.546 5.209   29.508  1.00 27.45  ? 60  SER A CA  1 
ATOM   479  C C   . SER A 1 61  ? -22.829 5.947   28.349  1.00 19.89  ? 60  SER A C   1 
ATOM   480  O O   . SER A 1 61  ? -23.492 6.378   27.407  1.00 22.44  ? 60  SER A O   1 
ATOM   481  C CB  . SER A 1 61  ? -24.510 6.161   30.239  1.00 30.77  ? 60  SER A CB  1 
ATOM   482  O OG  . SER A 1 61  ? -23.767 7.136   30.956  1.00 35.53  ? 60  SER A OG  1 
ATOM   483  N N   . GLN A 1 62  ? -21.496 6.060   28.439  1.00 21.38  ? 61  GLN A N   1 
ATOM   484  C CA  . GLN A 1 62  ? -20.723 6.893   27.489  1.00 19.70  ? 61  GLN A CA  1 
ATOM   485  C C   . GLN A 1 62  ? -20.292 6.046   26.287  1.00 16.51  ? 61  GLN A C   1 
ATOM   486  O O   . GLN A 1 62  ? -19.563 5.114   26.427  1.00 16.23  ? 61  GLN A O   1 
ATOM   487  C CB  . GLN A 1 62  ? -19.474 7.468   28.181  1.00 18.49  ? 61  GLN A CB  1 
ATOM   488  C CG  . GLN A 1 62  ? -18.698 8.416   27.256  1.00 17.17  ? 61  GLN A CG  1 
ATOM   489  C CD  . GLN A 1 62  ? -17.511 9.011   27.946  1.00 18.81  ? 61  GLN A CD  1 
ATOM   490  O OE1 . GLN A 1 62  ? -17.496 9.080   29.154  1.00 19.14  ? 61  GLN A OE1 1 
ATOM   491  N NE2 . GLN A 1 62  ? -16.518 9.453   27.168  1.00 17.89  ? 61  GLN A NE2 1 
ATOM   492  N N   . GLN A 1 63  ? -20.764 6.435   25.114  1.00 15.05  ? 62  GLN A N   1 
ATOM   493  C CA  . GLN A 1 63  ? -20.293 5.897   23.848  1.00 14.39  ? 62  GLN A CA  1 
ATOM   494  C C   . GLN A 1 63  ? -18.952 6.567   23.538  1.00 15.10  ? 62  GLN A C   1 
ATOM   495  O O   . GLN A 1 63  ? -18.884 7.814   23.544  1.00 19.10  ? 62  GLN A O   1 
ATOM   496  C CB  . GLN A 1 63  ? -21.296 6.150   22.741  1.00 17.97  ? 62  GLN A CB  1 
ATOM   497  C CG  . GLN A 1 63  ? -20.834 5.385   21.509  1.00 24.73  ? 62  GLN A CG  1 
ATOM   498  C CD  . GLN A 1 63  ? -21.953 5.088   20.539  1.00 34.67  ? 62  GLN A CD  1 
ATOM   499  O OE1 . GLN A 1 63  ? -22.670 4.086   20.669  1.00 37.60  ? 62  GLN A OE1 1 
ATOM   500  N NE2 . GLN A 1 63  ? -22.090 5.945   19.540  1.00 35.92  ? 62  GLN A NE2 1 
ATOM   501  N N   . CYS A 1 64  ? -17.954 5.743   23.266  1.00 12.71  ? 63  CYS A N   1 
ATOM   502  C CA  . CYS A 1 64  ? -16.575 6.182   22.938  1.00 14.41  ? 63  CYS A CA  1 
ATOM   503  C C   . CYS A 1 64  ? -16.155 5.684   21.599  1.00 14.93  ? 63  CYS A C   1 
ATOM   504  O O   . CYS A 1 64  ? -16.617 4.637   21.153  1.00 15.82  ? 63  CYS A O   1 
ATOM   505  C CB  . CYS A 1 64  ? -15.618 5.688   23.982  1.00 13.97  ? 63  CYS A CB  1 
ATOM   506  S SG  . CYS A 1 64  ? -16.148 6.114   25.672  1.00 16.42  ? 63  CYS A SG  1 
ATOM   507  N N   . ALA A 1 65  ? -15.352 6.439   20.877  1.00 14.62  ? 64  ALA A N   1 
ATOM   508  C CA  . ALA A 1 65  ? -14.910 5.982   19.572  1.00 15.70  ? 64  ALA A CA  1 
ATOM   509  C C   . ALA A 1 65  ? -13.579 6.551   19.323  1.00 14.54  ? 64  ALA A C   1 
ATOM   510  O O   . ALA A 1 65  ? -13.258 7.697   19.755  1.00 19.28  ? 64  ALA A O   1 
ATOM   511  C CB  . ALA A 1 65  ? -15.837 6.505   18.492  1.00 16.64  ? 64  ALA A CB  1 
ATOM   512  N N   . GLN A 1 66  ? -12.766 5.813   18.613  1.00 10.50  ? 65  GLN A N   1 
ATOM   513  C CA  A GLN A 1 66  ? -11.533 6.368   18.128  0.50 10.82  ? 65  GLN A CA  1 
ATOM   514  C CA  B GLN A 1 66  ? -11.383 6.270   18.199  0.50 10.91  ? 65  GLN A CA  1 
ATOM   515  C C   . GLN A 1 66  ? -11.268 5.998   16.722  1.00 11.73  ? 65  GLN A C   1 
ATOM   516  O O   . GLN A 1 66  ? -11.631 4.898   16.281  1.00 12.48  ? 65  GLN A O   1 
ATOM   517  C CB  A GLN A 1 66  ? -10.408 5.866   18.964  0.50 9.47   ? 65  GLN A CB  1 
ATOM   518  C CB  B GLN A 1 66  ? -10.180 5.609   18.976  0.50 11.63  ? 65  GLN A CB  1 
ATOM   519  C CG  A GLN A 1 66  ? -10.578 6.249   20.403  0.50 8.91   ? 65  GLN A CG  1 
ATOM   520  C CG  B GLN A 1 66  ? -8.719  5.948   18.478  0.50 12.57  ? 65  GLN A CG  1 
ATOM   521  C CD  A GLN A 1 66  ? -9.290  6.042   21.201  0.50 11.80  ? 65  GLN A CD  1 
ATOM   522  C CD  B GLN A 1 66  ? -7.515  5.384   19.278  0.50 14.05  ? 65  GLN A CD  1 
ATOM   523  O OE1 A GLN A 1 66  ? -8.997  6.768   22.182  0.50 6.69   ? 65  GLN A OE1 1 
ATOM   524  O OE1 B GLN A 1 66  ? -6.390  5.269   18.740  0.50 14.34  ? 65  GLN A OE1 1 
ATOM   525  N NE2 A GLN A 1 66  ? -8.492  5.108   20.753  0.50 16.15  ? 65  GLN A NE2 1 
ATOM   526  N NE2 B GLN A 1 66  ? -7.721  5.052   20.540  0.50 12.31  ? 65  GLN A NE2 1 
ATOM   527  N N   . THR A 1 67  ? -10.678 6.887   15.932  1.00 9.63   ? 66  THR A N   1 
ATOM   528  C CA  . THR A 1 67  ? -10.277 6.567   14.574  1.00 9.60   ? 66  THR A CA  1 
ATOM   529  C C   . THR A 1 67  ? -8.884  7.041   14.374  1.00 9.61   ? 66  THR A C   1 
ATOM   530  O O   . THR A 1 67  ? -8.619  8.236   14.630  1.00 10.32  ? 66  THR A O   1 
ATOM   531  C CB  . THR A 1 67  ? -11.146 7.292   13.534  1.00 12.60  ? 66  THR A CB  1 
ATOM   532  O OG1 . THR A 1 67  ? -12.523 6.816   13.655  1.00 17.92  ? 66  THR A OG1 1 
ATOM   533  C CG2 . THR A 1 67  ? -10.659 7.010   12.101  1.00 15.25  ? 66  THR A CG2 1 
ATOM   534  N N   . SER A 1 68  ? -7.950  6.161   14.063  1.00 9.18   ? 67  SER A N   1 
ATOM   535  C CA  . SER A 1 68  ? -6.520  6.478   13.874  1.00 8.71   ? 67  SER A CA  1 
ATOM   536  C C   . SER A 1 68  ? -6.059  6.153   12.520  1.00 10.25  ? 67  SER A C   1 
ATOM   537  O O   . SER A 1 68  ? -6.156  4.989   12.110  1.00 11.04  ? 67  SER A O   1 
ATOM   538  C CB  . SER A 1 68  ? -5.669  5.770   14.924  1.00 10.47  ? 67  SER A CB  1 
ATOM   539  O OG  . SER A 1 68  ? -5.916  6.407   16.184  1.00 13.94  ? 67  SER A OG  1 
ATOM   540  N N   . GLU A 1 69  ? -5.447  7.089   11.829  1.00 8.79   ? 68  GLU A N   1 
ATOM   541  C CA  . GLU A 1 69  ? -4.719  6.837   10.587  1.00 9.97   ? 68  GLU A CA  1 
ATOM   542  C C   . GLU A 1 69  ? -3.281  6.688   11.037  1.00 11.71  ? 68  GLU A C   1 
ATOM   543  O O   . GLU A 1 69  ? -2.616  7.705   11.320  1.00 11.18  ? 68  GLU A O   1 
ATOM   544  C CB  . GLU A 1 69  ? -4.953  7.975   9.594   1.00 12.04  ? 68  GLU A CB  1 
ATOM   545  C CG  . GLU A 1 69  ? -4.234  7.736   8.262   1.00 18.26  ? 68  GLU A CG  1 
ATOM   546  C CD  . GLU A 1 69  ? -4.449  8.876   7.252   1.00 23.25  ? 68  GLU A CD  1 
ATOM   547  O OE1 . GLU A 1 69  ? -4.308  10.067  7.607   1.00 27.56  ? 68  GLU A OE1 1 
ATOM   548  O OE2 . GLU A 1 69  ? -4.724  8.610   6.077   1.00 24.92  ? 68  GLU A OE2 1 
ATOM   549  N N   . TYR A 1 70  ? -2.786  5.477   11.239  1.00 11.00  ? 69  TYR A N   1 
ATOM   550  C CA  . TYR A 1 70  ? -1.459  5.238   11.783  1.00 10.12  ? 69  TYR A CA  1 
ATOM   551  C C   . TYR A 1 70  ? -0.404  5.230   10.718  1.00 12.34  ? 69  TYR A C   1 
ATOM   552  O O   . TYR A 1 70  ? 0.780   5.386   11.045  1.00 12.46  ? 69  TYR A O   1 
ATOM   553  C CB  . TYR A 1 70  ? -1.427  3.898   12.486  1.00 11.79  ? 69  TYR A CB  1 
ATOM   554  C CG  . TYR A 1 70  ? -2.189  3.810   13.762  1.00 8.72   ? 69  TYR A CG  1 
ATOM   555  C CD1 . TYR A 1 70  ? -3.241  2.859   13.906  1.00 11.18  ? 69  TYR A CD1 1 
ATOM   556  C CD2 . TYR A 1 70  ? -1.798  4.546   14.898  1.00 14.09  ? 69  TYR A CD2 1 
ATOM   557  C CE1 . TYR A 1 70  ? -3.837  2.679   15.125  1.00 13.49  ? 69  TYR A CE1 1 
ATOM   558  C CE2 . TYR A 1 70  ? -2.450  4.378   16.141  1.00 13.56  ? 69  TYR A CE2 1 
ATOM   559  C CZ  . TYR A 1 70  ? -3.466  3.428   16.216  1.00 14.59  ? 69  TYR A CZ  1 
ATOM   560  O OH  . TYR A 1 70  ? -4.137  3.193   17.414  1.00 17.84  ? 69  TYR A OH  1 
ATOM   561  N N   . LEU A 1 71  ? -0.779  4.935   9.468   1.00 10.89  ? 70  LEU A N   1 
ATOM   562  C CA  . LEU A 1 71  ? 0.184   4.784   8.383   1.00 10.39  ? 70  LEU A CA  1 
ATOM   563  C C   . LEU A 1 71  ? -0.341  5.529   7.209   1.00 11.11  ? 70  LEU A C   1 
ATOM   564  O O   . LEU A 1 71  ? -1.502  5.347   6.756   1.00 11.88  ? 70  LEU A O   1 
ATOM   565  C CB  . LEU A 1 71  ? 0.350   3.307   7.985   1.00 12.33  ? 70  LEU A CB  1 
ATOM   566  C CG  . LEU A 1 71  ? 1.147   3.078   6.711   1.00 11.38  ? 70  LEU A CG  1 
ATOM   567  C CD1 . LEU A 1 71  ? 2.641   3.472   6.921   1.00 13.09  ? 70  LEU A CD1 1 
ATOM   568  C CD2 . LEU A 1 71  ? 0.992   1.620   6.307   1.00 12.18  ? 70  LEU A CD2 1 
ATOM   569  N N   . ARG A 1 72  ? 0.518   6.443   6.690   1.00 12.83  ? 71  ARG A N   1 
ATOM   570  C CA  . ARG A 1 72  ? 0.214   7.035   5.401   1.00 13.35  ? 71  ARG A CA  1 
ATOM   571  C C   . ARG A 1 72  ? 1.583   7.194   4.749   1.00 18.35  ? 71  ARG A C   1 
ATOM   572  O O   . ARG A 1 72  ? 2.422   7.988   5.239   1.00 24.16  ? 71  ARG A O   1 
ATOM   573  C CB  . ARG A 1 72  ? -0.495  8.414   5.511   1.00 19.48  ? 71  ARG A CB  1 
ATOM   574  C CG  . ARG A 1 72  ? -1.036  8.934   4.195   1.00 22.19  ? 71  ARG A CG  1 
ATOM   575  C CD  . ARG A 1 72  ? -1.883  10.194  4.364   1.00 30.05  ? 71  ARG A CD  1 
ATOM   576  N NE  . ARG A 1 72  ? -2.411  10.585  3.066   1.00 36.31  ? 71  ARG A NE  1 
ATOM   577  C CZ  . ARG A 1 72  ? -3.428  9.990   2.456   1.00 31.71  ? 71  ARG A CZ  1 
ATOM   578  N NH1 . ARG A 1 72  ? -4.077  8.991   3.042   1.00 45.80  ? 71  ARG A NH1 1 
ATOM   579  N NH2 . ARG A 1 72  ? -3.823  10.417  1.258   1.00 43.65  ? 71  ARG A NH2 1 
ATOM   580  N N   . TYR A 1 73  ? 1.891   6.389   3.758   1.00 14.06  ? 72  TYR A N   1 
ATOM   581  C CA  . TYR A 1 73  ? 3.197   6.471   3.089   1.00 13.72  ? 72  TYR A CA  1 
ATOM   582  C C   . TYR A 1 73  ? 2.894   6.735   1.588   1.00 14.50  ? 72  TYR A C   1 
ATOM   583  O O   . TYR A 1 73  ? 2.117   5.995   0.966   1.00 13.16  ? 72  TYR A O   1 
ATOM   584  C CB  . TYR A 1 73  ? 3.927   5.132   3.211   1.00 13.09  ? 72  TYR A CB  1 
ATOM   585  C CG  . TYR A 1 73  ? 5.192   5.039   2.353   1.00 13.66  ? 72  TYR A CG  1 
ATOM   586  C CD1 . TYR A 1 73  ? 6.222   5.961   2.545   1.00 18.91  ? 72  TYR A CD1 1 
ATOM   587  C CD2 . TYR A 1 73  ? 5.288   4.104   1.347   1.00 16.14  ? 72  TYR A CD2 1 
ATOM   588  C CE1 . TYR A 1 73  ? 7.359   5.870   1.749   1.00 20.25  ? 72  TYR A CE1 1 
ATOM   589  C CE2 . TYR A 1 73  ? 6.422   4.032   0.537   1.00 17.99  ? 72  TYR A CE2 1 
ATOM   590  C CZ  . TYR A 1 73  ? 7.413   4.930   0.742   1.00 20.90  ? 72  TYR A CZ  1 
ATOM   591  O OH  . TYR A 1 73  ? 8.509   4.814   -0.102  1.00 22.21  ? 72  TYR A OH  1 
ATOM   592  N N   . GLU A 1 74  ? 3.528   7.736   1.008   1.00 15.20  ? 73  GLU A N   1 
ATOM   593  C CA  . GLU A 1 74  ? 3.309   8.002   -0.429  1.00 16.21  ? 73  GLU A CA  1 
ATOM   594  C C   . GLU A 1 74  ? 4.637   8.182   -1.095  1.00 17.99  ? 73  GLU A C   1 
ATOM   595  O O   . GLU A 1 74  ? 5.545   8.834   -0.526  1.00 19.08  ? 73  GLU A O   1 
ATOM   596  C CB  . GLU A 1 74  ? 2.519   9.282   -0.617  1.00 21.16  ? 73  GLU A CB  1 
ATOM   597  C CG  . GLU A 1 74  ? 1.179   9.247   0.075   1.00 27.20  ? 73  GLU A CG  1 
ATOM   598  C CD  . GLU A 1 74  ? 0.590   10.622  0.213   1.00 39.47  ? 73  GLU A CD  1 
ATOM   599  O OE1 . GLU A 1 74  ? 1.108   11.395  1.049   1.00 45.92  ? 73  GLU A OE1 1 
ATOM   600  O OE2 . GLU A 1 74  ? -0.354  10.918  -0.537  1.00 41.73  ? 73  GLU A OE2 1 
ATOM   601  N N   . ASP A 1 75  ? 4.808   7.594   -2.269  1.00 15.67  ? 74  ASP A N   1 
ATOM   602  C CA  A ASP A 1 75  ? 6.122   7.646   -2.942  0.50 18.57  ? 74  ASP A CA  1 
ATOM   603  C CA  B ASP A 1 75  ? 6.070   7.779   -2.964  0.50 17.00  ? 74  ASP A CA  1 
ATOM   604  C C   . ASP A 1 75  ? 5.878   7.530   -4.444  1.00 19.91  ? 74  ASP A C   1 
ATOM   605  O O   . ASP A 1 75  ? 4.810   7.038   -4.898  1.00 18.15  ? 74  ASP A O   1 
ATOM   606  C CB  A ASP A 1 75  ? 7.036   6.501   -2.462  0.50 23.39  ? 74  ASP A CB  1 
ATOM   607  C CB  B ASP A 1 75  ? 7.097   6.803   -2.438  0.50 16.06  ? 74  ASP A CB  1 
ATOM   608  C CG  A ASP A 1 75  ? 8.502   6.647   -2.908  0.50 26.02  ? 74  ASP A CG  1 
ATOM   609  C CG  B ASP A 1 75  ? 8.463   7.412   -2.287  0.50 16.99  ? 74  ASP A CG  1 
ATOM   610  O OD1 A ASP A 1 75  ? 8.960   7.774   -3.183  0.50 27.41  ? 74  ASP A OD1 1 
ATOM   611  O OD1 B ASP A 1 75  ? 8.696   8.480   -2.936  0.50 17.69  ? 74  ASP A OD1 1 
ATOM   612  O OD2 A ASP A 1 75  ? 9.201   5.614   -2.974  0.50 32.06  ? 74  ASP A OD2 1 
ATOM   613  O OD2 B ASP A 1 75  ? 9.274   6.788   -1.530  0.50 16.11  ? 74  ASP A OD2 1 
ATOM   614  N N   . THR A 1 76  ? 6.886   7.934   -5.200  1.00 16.88  ? 75  THR A N   1 
ATOM   615  C CA  . THR A 1 76  ? 6.938   7.624   -6.620  1.00 16.31  ? 75  THR A CA  1 
ATOM   616  C C   . THR A 1 76  ? 8.087   6.634   -6.780  1.00 17.71  ? 75  THR A C   1 
ATOM   617  O O   . THR A 1 76  ? 9.221   6.904   -6.358  1.00 20.66  ? 75  THR A O   1 
ATOM   618  C CB  . THR A 1 76  ? 7.160   8.937   -7.437  1.00 17.59  ? 75  THR A CB  1 
ATOM   619  O OG1 . THR A 1 76  ? 6.034   9.812   -7.317  1.00 19.31  ? 75  THR A OG1 1 
ATOM   620  C CG2 . THR A 1 76  ? 7.421   8.633   -8.901  1.00 21.92  ? 75  THR A CG2 1 
ATOM   621  N N   . LEU A 1 77  ? 7.783   5.478   -7.378  1.00 14.98  ? 76  LEU A N   1 
ATOM   622  C CA  . LEU A 1 77  ? 8.761   4.405   -7.522  1.00 14.45  ? 76  LEU A CA  1 
ATOM   623  C C   . LEU A 1 77  ? 9.553   4.550   -8.822  1.00 17.03  ? 76  LEU A C   1 
ATOM   624  O O   . LEU A 1 77  ? 9.088   5.185   -9.783  1.00 20.66  ? 76  LEU A O   1 
ATOM   625  C CB  . LEU A 1 77  ? 8.054   3.053   -7.517  1.00 15.92  ? 76  LEU A CB  1 
ATOM   626  C CG  . LEU A 1 77  ? 7.151   2.866   -6.292  1.00 15.61  ? 76  LEU A CG  1 
ATOM   627  C CD1 . LEU A 1 77  ? 6.529   1.470   -6.418  1.00 17.10  ? 76  LEU A CD1 1 
ATOM   628  C CD2 . LEU A 1 77  ? 7.893   3.084   -4.966  1.00 15.78  ? 76  LEU A CD2 1 
ATOM   629  N N   . LEU A 1 78  ? 10.743  3.975   -8.824  1.00 18.49  ? 77  LEU A N   1 
ATOM   630  C CA  . LEU A 1 78  ? 11.620  4.093   -10.009 1.00 20.16  ? 77  LEU A CA  1 
ATOM   631  C C   . LEU A 1 78  ? 12.077  2.732   -10.428 1.00 22.89  ? 77  LEU A C   1 
ATOM   632  O O   . LEU A 1 78  ? 12.250  1.836   -9.618  1.00 25.79  ? 77  LEU A O   1 
ATOM   633  C CB  . LEU A 1 78  ? 12.801  5.019   -9.684  1.00 25.63  ? 77  LEU A CB  1 
ATOM   634  C CG  . LEU A 1 78  ? 12.440  6.488   -9.415  1.00 28.43  ? 77  LEU A CG  1 
ATOM   635  C CD1 . LEU A 1 78  ? 13.638  7.338   -8.996  1.00 33.11  ? 77  LEU A CD1 1 
ATOM   636  C CD2 . LEU A 1 78  ? 11.677  7.166   -10.548 1.00 31.93  ? 77  LEU A CD2 1 
ATOM   637  N N   . LEU A 1 79  ? 12.248  2.531   -11.733 1.00 21.28  ? 78  LEU A N   1 
ATOM   638  C CA  . LEU A 1 79  ? 12.946  1.347   -12.206 1.00 30.08  ? 78  LEU A CA  1 
ATOM   639  C C   . LEU A 1 79  ? 14.427  1.630   -12.038 1.00 37.18  ? 78  LEU A C   1 
ATOM   640  O O   . LEU A 1 79  ? 14.851  2.782   -12.120 1.00 40.76  ? 78  LEU A O   1 
ATOM   641  C CB  . LEU A 1 79  ? 12.666  1.115   -13.692 1.00 26.59  ? 78  LEU A CB  1 
ATOM   642  C CG  . LEU A 1 79  ? 11.268  0.637   -14.061 1.00 32.09  ? 78  LEU A CG  1 
ATOM   643  C CD1 . LEU A 1 79  ? 11.146  0.580   -15.579 1.00 31.55  ? 78  LEU A CD1 1 
ATOM   644  C CD2 . LEU A 1 79  ? 10.959  -0.722  -13.423 1.00 30.66  ? 78  LEU A CD2 1 
ATOM   645  N N   . GLU A 1 80  ? 15.226  0.603   -11.812 1.00 39.05  ? 79  GLU A N   1 
ATOM   646  C CA  . GLU A 1 80  ? 16.645  0.861   -11.589 1.00 52.48  ? 79  GLU A CA  1 
ATOM   647  C C   . GLU A 1 80  ? 17.359  1.261   -12.880 1.00 53.89  ? 79  GLU A C   1 
ATOM   648  O O   . GLU A 1 80  ? 18.370  1.959   -12.842 1.00 63.39  ? 79  GLU A O   1 
ATOM   649  C CB  . GLU A 1 80  ? 17.331  -0.304  -10.863 1.00 61.29  ? 79  GLU A CB  1 
ATOM   650  C CG  . GLU A 1 80  ? 17.488  -0.061  -9.363  1.00 74.19  ? 79  GLU A CG  1 
ATOM   651  C CD  . GLU A 1 80  ? 17.017  -1.224  -8.497  1.00 80.11  ? 79  GLU A CD  1 
ATOM   652  O OE1 . GLU A 1 80  ? 17.808  -1.686  -7.650  1.00 84.17  ? 79  GLU A OE1 1 
ATOM   653  O OE2 . GLU A 1 80  ? 15.858  -1.671  -8.648  1.00 76.87  ? 79  GLU A OE2 1 
ATOM   654  N N   A ASP A 1 81  ? 16.803  0.824   -14.010 0.50 53.95  ? 80  ASP A N   1 
ATOM   655  N N   B ASP A 1 81  ? 16.818  0.842   -14.019 0.50 56.66  ? 80  ASP A N   1 
ATOM   656  C CA  A ASP A 1 81  ? 17.466  0.914   -15.313 0.50 65.49  ? 80  ASP A CA  1 
ATOM   657  C CA  B ASP A 1 81  ? 17.185  1.450   -15.295 0.50 70.85  ? 80  ASP A CA  1 
ATOM   658  C C   A ASP A 1 81  ? 17.081  2.178   -16.097 0.50 65.25  ? 80  ASP A C   1 
ATOM   659  C C   B ASP A 1 81  ? 17.044  2.972   -15.227 0.50 68.50  ? 80  ASP A C   1 
ATOM   660  O O   A ASP A 1 81  ? 17.900  3.089   -16.268 0.50 64.23  ? 80  ASP A O   1 
ATOM   661  O O   B ASP A 1 81  ? 17.760  3.647   -14.485 0.50 65.45  ? 80  ASP A O   1 
ATOM   662  C CB  A ASP A 1 81  ? 17.164  -0.334  -16.154 0.50 67.74  ? 80  ASP A CB  1 
ATOM   663  C CB  B ASP A 1 81  ? 16.308  0.898   -16.427 0.50 72.54  ? 80  ASP A CB  1 
ATOM   664  C CG  A ASP A 1 81  ? 17.523  -1.631  -15.441 0.50 71.83  ? 80  ASP A CG  1 
ATOM   665  C CG  B ASP A 1 81  ? 16.927  -0.309  -17.113 0.50 79.03  ? 80  ASP A CG  1 
ATOM   666  O OD1 A ASP A 1 81  ? 18.223  -1.583  -14.407 0.50 73.76  ? 80  ASP A OD1 1 
ATOM   667  O OD1 B ASP A 1 81  ? 17.028  -1.374  -16.469 0.50 77.02  ? 80  ASP A OD1 1 
ATOM   668  O OD2 A ASP A 1 81  ? 17.103  -2.705  -15.923 0.50 70.17  ? 80  ASP A OD2 1 
ATOM   669  O OD2 B ASP A 1 81  ? 17.308  -0.190  -18.298 0.50 77.95  ? 80  ASP A OD2 1 
ATOM   670  N N   A GLN A 1 82  ? 15.837  2.225   -16.575 0.50 53.92  ? 81  GLN A N   1 
ATOM   671  N N   B GLN A 1 82  ? 16.117  3.497   -16.018 0.50 65.79  ? 81  GLN A N   1 
ATOM   672  C CA  A GLN A 1 82  ? 15.369  3.346   -17.395 0.50 59.92  ? 81  GLN A CA  1 
ATOM   673  C CA  B GLN A 1 82  ? 15.623  4.860   -15.857 0.50 57.07  ? 81  GLN A CA  1 
ATOM   674  C C   A GLN A 1 82  ? 15.336  4.673   -16.625 0.50 69.58  ? 81  GLN A C   1 
ATOM   675  C C   B GLN A 1 82  ? 16.682  5.949   -15.754 0.50 57.22  ? 81  GLN A C   1 
ATOM   676  O O   A GLN A 1 82  ? 14.915  4.713   -15.467 0.50 68.78  ? 81  GLN A O   1 
ATOM   677  O O   B GLN A 1 82  ? 17.222  6.202   -14.677 0.50 57.50  ? 81  GLN A O   1 
ATOM   678  C CB  A GLN A 1 82  ? 14.000  3.036   -18.010 0.50 51.71  ? 81  GLN A CB  1 
ATOM   679  C CB  B GLN A 1 82  ? 14.630  4.953   -14.701 0.50 48.34  ? 81  GLN A CB  1 
ATOM   680  C CG  A GLN A 1 82  ? 13.927  1.682   -18.701 0.50 44.68  ? 81  GLN A CG  1 
ATOM   681  C CG  B GLN A 1 82  ? 13.196  4.807   -15.166 0.50 35.22  ? 81  GLN A CG  1 
ATOM   682  C CD  A GLN A 1 82  ? 12.842  1.615   -19.757 0.50 41.28  ? 81  GLN A CD  1 
ATOM   683  C CD  B GLN A 1 82  ? 12.207  5.514   -14.272 0.50 33.87  ? 81  GLN A CD  1 
ATOM   684  O OE1 A GLN A 1 82  ? 12.608  2.572   -20.497 0.50 41.40  ? 81  GLN A OE1 1 
ATOM   685  O OE1 B GLN A 1 82  ? 12.111  6.749   -14.279 0.50 33.55  ? 81  GLN A OE1 1 
ATOM   686  N NE2 A GLN A 1 82  ? 12.170  0.477   -19.831 0.50 44.71  ? 81  GLN A NE2 1 
ATOM   687  N NE2 B GLN A 1 82  ? 11.430  4.734   -13.529 0.50 15.89  ? 81  GLN A NE2 1 
ATOM   688  N N   A PRO A 1 83  ? 15.778  5.762   -17.281 0.50 78.45  ? 82  PRO A N   1 
ATOM   689  N N   B PRO A 1 83  ? 16.973  6.605   -16.887 0.50 71.60  ? 82  PRO A N   1 
ATOM   690  C CA  A PRO A 1 83  ? 16.314  6.975   -16.650 0.50 78.66  ? 82  PRO A CA  1 
ATOM   691  C CA  B PRO A 1 83  ? 17.480  7.969   -16.896 0.50 72.38  ? 82  PRO A CA  1 
ATOM   692  C C   A PRO A 1 83  ? 15.257  7.991   -16.207 0.50 78.54  ? 82  PRO A C   1 
ATOM   693  C C   B PRO A 1 83  ? 16.331  8.972   -16.883 0.50 75.70  ? 82  PRO A C   1 
ATOM   694  O O   A PRO A 1 83  ? 14.057  7.723   -16.305 0.50 77.18  ? 82  PRO A O   1 
ATOM   695  O O   B PRO A 1 83  ? 16.011  9.557   -17.919 0.50 77.81  ? 82  PRO A O   1 
ATOM   696  C CB  A PRO A 1 83  ? 17.180  7.576   -17.758 0.50 78.76  ? 82  PRO A CB  1 
ATOM   697  C CB  B PRO A 1 83  ? 18.230  8.044   -18.226 0.50 74.50  ? 82  PRO A CB  1 
ATOM   698  C CG  A PRO A 1 83  ? 16.503  7.157   -19.021 0.50 74.76  ? 82  PRO A CG  1 
ATOM   699  C CG  B PRO A 1 83  ? 17.491  7.103   -19.120 0.50 72.93  ? 82  PRO A CG  1 
ATOM   700  C CD  A PRO A 1 83  ? 15.839  5.833   -18.753 0.50 76.10  ? 82  PRO A CD  1 
ATOM   701  C CD  B PRO A 1 83  ? 16.865  6.045   -18.249 0.50 69.90  ? 82  PRO A CD  1 
ATOM   702  N N   . THR A 1 84  ? 15.709  9.146   -15.718 1.00 75.80  ? 83  THR A N   1 
ATOM   703  C CA  . THR A 1 84  ? 14.809  10.284  -15.457 1.00 89.11  ? 83  THR A CA  1 
ATOM   704  C C   . THR A 1 84  ? 15.394  11.656  -15.845 1.00 87.92  ? 83  THR A C   1 
ATOM   705  O O   . THR A 1 84  ? 16.475  11.747  -16.435 1.00 82.04  ? 83  THR A O   1 
ATOM   706  C CB  . THR A 1 84  ? 14.333  10.323  -13.981 1.00 97.40  ? 83  THR A CB  1 
ATOM   707  O OG1 . THR A 1 84  ? 14.031  8.995   -13.530 1.00 100.00 ? 83  THR A OG1 1 
ATOM   708  C CG2 . THR A 1 84  ? 13.083  11.199  -13.832 1.00 90.29  ? 83  THR A CG2 1 
ATOM   709  N N   . GLY A 1 85  ? 14.669  12.717  -15.498 1.00 77.37  ? 84  GLY A N   1 
ATOM   710  C CA  . GLY A 1 85  ? 14.741  13.985  -16.218 1.00 58.69  ? 84  GLY A CA  1 
ATOM   711  C C   . GLY A 1 85  ? 13.347  14.535  -16.468 1.00 55.92  ? 84  GLY A C   1 
ATOM   712  O O   . GLY A 1 85  ? 12.356  13.794  -16.402 1.00 46.85  ? 84  GLY A O   1 
ATOM   713  N N   . GLU A 1 86  ? 13.263  15.832  -16.759 1.00 51.39  ? 85  GLU A N   1 
ATOM   714  C CA  . GLU A 1 86  ? 11.968  16.496  -16.912 1.00 68.61  ? 85  GLU A CA  1 
ATOM   715  C C   . GLU A 1 86  ? 11.109  15.806  -17.982 1.00 72.29  ? 85  GLU A C   1 
ATOM   716  O O   . GLU A 1 86  ? 11.428  15.848  -19.173 1.00 64.14  ? 85  GLU A O   1 
ATOM   717  C CB  . GLU A 1 86  ? 12.146  17.993  -17.231 1.00 65.02  ? 85  GLU A CB  1 
ATOM   718  C CG  . GLU A 1 86  ? 10.854  18.804  -17.224 1.00 73.61  ? 85  GLU A CG  1 
ATOM   719  C CD  . GLU A 1 86  ? 10.407  19.196  -15.824 1.00 89.73  ? 85  GLU A CD  1 
ATOM   720  O OE1 . GLU A 1 86  ? 10.236  20.408  -15.569 1.00 99.71  ? 85  GLU A OE1 1 
ATOM   721  O OE2 . GLU A 1 86  ? 10.230  18.295  -14.975 1.00 80.47  ? 85  GLU A OE2 1 
ATOM   722  N N   . ASN A 1 87  ? 10.026  15.169  -17.540 1.00 79.77  ? 86  ASN A N   1 
ATOM   723  C CA  . ASN A 1 87  ? 9.172   14.360  -18.415 1.00 81.91  ? 86  ASN A CA  1 
ATOM   724  C C   . ASN A 1 87  ? 9.925   13.396  -19.341 1.00 82.75  ? 86  ASN A C   1 
ATOM   725  O O   . ASN A 1 87  ? 9.537   13.203  -20.499 1.00 85.39  ? 86  ASN A O   1 
ATOM   726  C CB  . ASN A 1 87  ? 8.201   15.239  -19.215 1.00 91.49  ? 86  ASN A CB  1 
ATOM   727  C CG  . ASN A 1 87  ? 6.804   15.267  -18.614 1.00 95.26  ? 86  ASN A CG  1 
ATOM   728  O OD1 . ASN A 1 87  ? 6.237   14.227  -18.270 1.00 90.91  ? 86  ASN A OD1 1 
ATOM   729  N ND2 . ASN A 1 87  ? 6.243   16.465  -18.488 1.00 100.00 ? 86  ASN A ND2 1 
ATOM   730  N N   . GLU A 1 88  ? 10.994  12.789  -18.827 1.00 67.48  ? 87  GLU A N   1 
ATOM   731  C CA  . GLU A 1 88  ? 11.458  11.510  -19.350 1.00 59.48  ? 87  GLU A CA  1 
ATOM   732  C C   . GLU A 1 88  ? 10.505  10.405  -18.894 1.00 49.73  ? 87  GLU A C   1 
ATOM   733  O O   . GLU A 1 88  ? 10.180  10.295  -17.710 1.00 56.04  ? 87  GLU A O   1 
ATOM   734  C CB  . GLU A 1 88  ? 12.889  11.209  -18.903 1.00 65.72  ? 87  GLU A CB  1 
ATOM   735  C CG  . GLU A 1 88  ? 13.892  12.272  -19.328 1.00 86.46  ? 87  GLU A CG  1 
ATOM   736  C CD  . GLU A 1 88  ? 14.994  11.720  -20.209 1.00 96.82  ? 87  GLU A CD  1 
ATOM   737  O OE1 . GLU A 1 88  ? 16.119  11.527  -19.701 1.00 94.22  ? 87  GLU A OE1 1 
ATOM   738  O OE2 . GLU A 1 88  ? 14.732  11.475  -21.407 1.00 100.00 ? 87  GLU A OE2 1 
ATOM   739  N N   . MET A 1 89  ? 10.044  9.603   -19.845 1.00 34.65  ? 88  MET A N   1 
ATOM   740  C CA  . MET A 1 89  ? 9.114   8.524   -19.529 1.00 26.47  ? 88  MET A CA  1 
ATOM   741  C C   . MET A 1 89  ? 9.703   7.196   -19.908 1.00 26.45  ? 88  MET A C   1 
ATOM   742  O O   . MET A 1 89  ? 10.294  7.059   -20.980 1.00 27.73  ? 88  MET A O   1 
ATOM   743  C CB  . MET A 1 89  ? 7.822   8.726   -20.296 1.00 23.40  ? 88  MET A CB  1 
ATOM   744  C CG  . MET A 1 89  ? 7.040   9.903   -19.735 1.00 29.69  ? 88  MET A CG  1 
ATOM   745  S SD  . MET A 1 89  ? 5.442   10.048  -20.499 1.00 30.61  ? 88  MET A SD  1 
ATOM   746  C CE  . MET A 1 89  ? 4.800   11.571  -19.787 1.00 42.01  ? 88  MET A CE  1 
ATOM   747  N N   . VAL A 1 90  ? 9.481   6.186   -19.058 1.00 21.45  ? 89  VAL A N   1 
ATOM   748  C CA  . VAL A 1 90  ? 9.842   4.810   -19.333 1.00 20.48  ? 89  VAL A CA  1 
ATOM   749  C C   . VAL A 1 90  ? 9.002   4.294   -20.501 1.00 19.98  ? 89  VAL A C   1 
ATOM   750  O O   . VAL A 1 90  ? 7.805   4.600   -20.604 1.00 19.58  ? 89  VAL A O   1 
ATOM   751  C CB  . VAL A 1 90  ? 9.558   3.942   -18.070 1.00 24.45  ? 89  VAL A CB  1 
ATOM   752  C CG1 . VAL A 1 90  ? 9.519   2.466   -18.417 1.00 29.83  ? 89  VAL A CG1 1 
ATOM   753  C CG2 . VAL A 1 90  ? 10.652  4.184   -17.032 1.00 28.87  ? 89  VAL A CG2 1 
ATOM   754  N N   . ILE A 1 91  ? 9.646   3.568   -21.415 1.00 19.74  ? 90  ILE A N   1 
ATOM   755  C CA  . ILE A 1 91  ? 8.938   2.847   -22.446 1.00 20.73  ? 90  ILE A CA  1 
ATOM   756  C C   . ILE A 1 91  ? 8.845   1.371   -22.132 1.00 21.02  ? 90  ILE A C   1 
ATOM   757  O O   . ILE A 1 91  ? 9.885   0.709   -21.940 1.00 24.29  ? 90  ILE A O   1 
ATOM   758  C CB  . ILE A 1 91  ? 9.645   2.989   -23.827 1.00 22.72  ? 90  ILE A CB  1 
ATOM   759  C CG1 . ILE A 1 91  ? 9.852   4.462   -24.158 1.00 29.49  ? 90  ILE A CG1 1 
ATOM   760  C CG2 . ILE A 1 91  ? 8.837   2.263   -24.889 1.00 25.55  ? 90  ILE A CG2 1 
ATOM   761  C CD1 . ILE A 1 91  ? 8.563   5.208   -24.340 1.00 33.60  ? 90  ILE A CD1 1 
ATOM   762  N N   . MET A 1 92  ? 7.626   0.865   -22.050 1.00 19.06  ? 91  MET A N   1 
ATOM   763  C CA  . MET A 1 92  ? 7.419   -0.545  -21.728 1.00 19.45  ? 91  MET A CA  1 
ATOM   764  C C   . MET A 1 92  ? 7.031   -1.281  -23.002 1.00 20.23  ? 91  MET A C   1 
ATOM   765  O O   . MET A 1 92  ? 6.258   -0.767  -23.824 1.00 19.48  ? 91  MET A O   1 
ATOM   766  C CB  . MET A 1 92  ? 6.332   -0.700  -20.653 1.00 20.51  ? 91  MET A CB  1 
ATOM   767  C CG  . MET A 1 92  ? 6.813   -0.191  -19.287 1.00 19.41  ? 91  MET A CG  1 
ATOM   768  S SD  . MET A 1 92  ? 5.534   -0.567  -18.083 1.00 19.34  ? 91  MET A SD  1 
ATOM   769  C CE  . MET A 1 92  ? 6.299   0.174   -16.635 1.00 21.31  ? 91  MET A CE  1 
ATOM   770  N N   . ARG A 1 93  ? 7.572   -2.486  -23.186 1.00 19.90  ? 92  ARG A N   1 
ATOM   771  C CA  . ARG A 1 93  ? 7.296   -3.256  -24.395 1.00 23.46  ? 92  ARG A CA  1 
ATOM   772  C C   . ARG A 1 93  ? 6.822   -4.637  -23.965 1.00 23.64  ? 92  ARG A C   1 
ATOM   773  O O   . ARG A 1 93  ? 7.219   -5.135  -22.877 1.00 23.67  ? 92  ARG A O   1 
ATOM   774  C CB  . ARG A 1 93  ? 8.566   -3.390  -25.245 1.00 22.49  ? 92  ARG A CB  1 
ATOM   775  C CG  . ARG A 1 93  ? 9.210   -2.061  -25.607 1.00 33.37  ? 92  ARG A CG  1 
ATOM   776  C CD  . ARG A 1 93  ? 10.420  -2.196  -26.541 1.00 34.27  ? 92  ARG A CD  1 
ATOM   777  N NE  . ARG A 1 93  ? 10.904  -0.855  -26.891 1.00 37.64  ? 92  ARG A NE  1 
ATOM   778  C CZ  . ARG A 1 93  ? 11.576  -0.073  -26.042 1.00 45.18  ? 92  ARG A CZ  1 
ATOM   779  N NH1 . ARG A 1 93  ? 11.864  -0.511  -24.819 1.00 47.46  ? 92  ARG A NH1 1 
ATOM   780  N NH2 . ARG A 1 93  ? 11.973  1.144   -26.407 1.00 40.30  ? 92  ARG A NH2 1 
ATOM   781  N N   . PRO A 1 94  ? 6.037   -5.278  -24.812 1.00 24.05  ? 93  PRO A N   1 
ATOM   782  C CA  . PRO A 1 94  ? 5.563   -6.621  -24.562 1.00 24.13  ? 93  PRO A CA  1 
ATOM   783  C C   . PRO A 1 94  ? 6.731   -7.598  -24.388 1.00 24.74  ? 93  PRO A C   1 
ATOM   784  O O   . PRO A 1 94  ? 7.835   -7.390  -24.912 1.00 25.18  ? 93  PRO A O   1 
ATOM   785  C CB  . PRO A 1 94  ? 4.787   -6.970  -25.830 1.00 29.96  ? 93  PRO A CB  1 
ATOM   786  C CG  . PRO A 1 94  ? 4.378   -5.654  -26.389 1.00 30.81  ? 93  PRO A CG  1 
ATOM   787  C CD  . PRO A 1 94  ? 5.532   -4.741  -26.101 1.00 24.75  ? 93  PRO A CD  1 
ATOM   788  N N   . GLY A 1 95  ? 6.478   -8.646  -23.605 1.00 28.15  ? 94  GLY A N   1 
ATOM   789  C CA  . GLY A 1 95  ? 7.484   -9.660  -23.323 1.00 29.37  ? 94  GLY A CA  1 
ATOM   790  C C   . GLY A 1 95  ? 8.430   -9.348  -22.167 1.00 35.02  ? 94  GLY A C   1 
ATOM   791  O O   . GLY A 1 95  ? 9.403   -10.072 -21.953 1.00 36.16  ? 94  GLY A O   1 
ATOM   792  N N   . ASN A 1 96  ? 8.161   -8.282  -21.406 1.00 28.47  ? 95  ASN A N   1 
ATOM   793  C CA  . ASN A 1 96  ? 9.058   -7.916  -20.317 1.00 26.41  ? 95  ASN A CA  1 
ATOM   794  C C   . ASN A 1 96  ? 8.234   -7.745  -19.050 1.00 23.77  ? 95  ASN A C   1 
ATOM   795  O O   . ASN A 1 96  ? 7.084   -7.393  -19.136 1.00 26.30  ? 95  ASN A O   1 
ATOM   796  C CB  . ASN A 1 96  ? 9.758   -6.598  -20.624 1.00 29.11  ? 95  ASN A CB  1 
ATOM   797  C CG  . ASN A 1 96  ? 10.642  -6.697  -21.838 1.00 33.33  ? 95  ASN A CG  1 
ATOM   798  O OD1 . ASN A 1 96  ? 11.691  -7.323  -21.788 1.00 37.16  ? 95  ASN A OD1 1 
ATOM   799  N ND2 . ASN A 1 96  ? 10.212  -6.094  -22.947 1.00 33.20  ? 95  ASN A ND2 1 
ATOM   800  N N   . LYS A 1 97  ? 8.835   -7.994  -17.878 1.00 25.54  ? 96  LYS A N   1 
ATOM   801  C CA  . LYS A 1 97  ? 8.171   -7.612  -16.616 1.00 27.00  ? 96  LYS A CA  1 
ATOM   802  C C   . LYS A 1 97  ? 8.943   -6.483  -15.999 1.00 27.56  ? 96  LYS A C   1 
ATOM   803  O O   . LYS A 1 97  ? 10.132  -6.613  -15.740 1.00 29.95  ? 96  LYS A O   1 
ATOM   804  C CB  . LYS A 1 97  ? 8.145   -8.799  -15.629 1.00 32.08  ? 96  LYS A CB  1 
ATOM   805  C CG  . LYS A 1 97  ? 7.031   -9.776  -15.908 1.00 35.13  ? 96  LYS A CG  1 
ATOM   806  C CD  . LYS A 1 97  ? 7.019   -10.857 -14.836 1.00 45.51  ? 96  LYS A CD  1 
ATOM   807  C CE  . LYS A 1 97  ? 6.309   -12.099 -15.332 1.00 48.99  ? 96  LYS A CE  1 
ATOM   808  N NZ  . LYS A 1 97  ? 6.087   -13.067 -14.220 1.00 57.45  ? 96  LYS A NZ  1 
ATOM   809  N N   . TYR A 1 98  ? 8.264   -5.376  -15.731 1.00 20.49  ? 97  TYR A N   1 
ATOM   810  C CA  . TYR A 1 98  ? 8.921   -4.205  -15.218 1.00 20.20  ? 97  TYR A CA  1 
ATOM   811  C C   . TYR A 1 98  ? 8.676   -4.201  -13.691 1.00 21.07  ? 97  TYR A C   1 
ATOM   812  O O   . TYR A 1 98  ? 7.528   -4.263  -13.270 1.00 23.66  ? 97  TYR A O   1 
ATOM   813  C CB  . TYR A 1 98  ? 8.320   -2.961  -15.892 1.00 17.95  ? 97  TYR A CB  1 
ATOM   814  C CG  . TYR A 1 98  ? 8.673   -2.972  -17.369 1.00 19.90  ? 97  TYR A CG  1 
ATOM   815  C CD1 . TYR A 1 98  ? 9.879   -2.473  -17.785 1.00 21.05  ? 97  TYR A CD1 1 
ATOM   816  C CD2 . TYR A 1 98  ? 7.818   -3.538  -18.288 1.00 21.36  ? 97  TYR A CD2 1 
ATOM   817  C CE1 . TYR A 1 98  ? 10.247  -2.547  -19.131 1.00 21.21  ? 97  TYR A CE1 1 
ATOM   818  C CE2 . TYR A 1 98  ? 8.167   -3.599  -19.626 1.00 20.79  ? 97  TYR A CE2 1 
ATOM   819  C CZ  . TYR A 1 98  ? 9.370   -3.092  -20.013 1.00 19.91  ? 97  TYR A CZ  1 
ATOM   820  O OH  . TYR A 1 98  ? 9.728   -3.147  -21.362 1.00 19.82  ? 97  TYR A OH  1 
ATOM   821  N N   . GLU A 1 99  ? 9.754   -4.235  -12.905 1.00 19.37  ? 98  GLU A N   1 
ATOM   822  C CA  . GLU A 1 99  ? 9.562   -4.409  -11.445 1.00 20.43  ? 98  GLU A CA  1 
ATOM   823  C C   . GLU A 1 99  ? 10.011  -3.150  -10.728 1.00 19.57  ? 98  GLU A C   1 
ATOM   824  O O   . GLU A 1 99  ? 11.169  -2.720  -10.808 1.00 24.11  ? 98  GLU A O   1 
ATOM   825  C CB  . GLU A 1 99  ? 10.313  -5.652  -10.972 1.00 23.14  ? 98  GLU A CB  1 
ATOM   826  C CG  . GLU A 1 99  ? 9.901   -6.896  -11.735 1.00 25.85  ? 98  GLU A CG  1 
ATOM   827  C CD  . GLU A 1 99  ? 10.538  -8.162  -11.152 1.00 40.52  ? 98  GLU A CD  1 
ATOM   828  O OE1 . GLU A 1 99  ? 11.394  -8.045  -10.250 1.00 34.91  ? 98  GLU A OE1 1 
ATOM   829  O OE2 . GLU A 1 99  ? 10.184  -9.267  -11.607 1.00 52.77  ? 98  GLU A OE2 1 
ATOM   830  N N   . TYR A 1 100 ? 9.063   -2.498  -10.067 1.00 16.58  ? 99  TYR A N   1 
ATOM   831  C CA  . TYR A 1 100 ? 9.343   -1.305  -9.307  1.00 15.70  ? 99  TYR A CA  1 
ATOM   832  C C   . TYR A 1 100 ? 9.454   -1.694  -7.825  1.00 18.12  ? 99  TYR A C   1 
ATOM   833  O O   . TYR A 1 100 ? 8.477   -2.127  -7.245  1.00 18.88  ? 99  TYR A O   1 
ATOM   834  C CB  . TYR A 1 100 ? 8.204   -0.313  -9.457  1.00 16.21  ? 99  TYR A CB  1 
ATOM   835  C CG  . TYR A 1 100 ? 8.130   0.388   -10.824 1.00 15.64  ? 99  TYR A CG  1 
ATOM   836  C CD1 . TYR A 1 100 ? 7.500   -0.234  -11.885 1.00 19.18  ? 99  TYR A CD1 1 
ATOM   837  C CD2 . TYR A 1 100 ? 8.642   1.671   -10.980 1.00 19.41  ? 99  TYR A CD2 1 
ATOM   838  C CE1 . TYR A 1 100 ? 7.374   0.421   -13.111 1.00 19.56  ? 99  TYR A CE1 1 
ATOM   839  C CE2 . TYR A 1 100 ? 8.533   2.342   -12.199 1.00 18.26  ? 99  TYR A CE2 1 
ATOM   840  C CZ  . TYR A 1 100 ? 7.921   1.689   -13.259 1.00 19.92  ? 99  TYR A CZ  1 
ATOM   841  O OH  . TYR A 1 100 ? 7.809   2.344   -14.489 1.00 20.89  ? 99  TYR A OH  1 
ATOM   842  N N   . LYS A 1 101 ? 10.612  -1.556  -7.229  1.00 16.35  ? 100 LYS A N   1 
ATOM   843  C CA  . LYS A 1 101 ? 10.751  -1.992  -5.815  1.00 16.40  ? 100 LYS A CA  1 
ATOM   844  C C   . LYS A 1 101 ? 10.102  -0.940  -4.923  1.00 17.42  ? 100 LYS A C   1 
ATOM   845  O O   . LYS A 1 101 ? 10.185  0.265   -5.165  1.00 17.68  ? 100 LYS A O   1 
ATOM   846  C CB  . LYS A 1 101 ? 12.230  -2.144  -5.406  1.00 20.65  ? 100 LYS A CB  1 
ATOM   847  C CG  . LYS A 1 101 ? 12.886  -3.373  -6.058  1.00 23.49  ? 100 LYS A CG  1 
ATOM   848  C CD  . LYS A 1 101 ? 14.371  -3.405  -5.710  1.00 29.63  ? 100 LYS A CD  1 
ATOM   849  C CE  . LYS A 1 101 ? 15.045  -4.663  -6.240  1.00 47.56  ? 100 LYS A CE  1 
ATOM   850  N NZ  . LYS A 1 101 ? 16.482  -4.374  -6.525  1.00 55.93  ? 100 LYS A NZ  1 
ATOM   851  N N   . PHE A 1 102 ? 9.508   -1.413  -3.836  1.00 14.63  ? 101 PHE A N   1 
ATOM   852  C CA  . PHE A 1 102 ? 9.091   -0.477  -2.777  1.00 13.82  ? 101 PHE A CA  1 
ATOM   853  C C   . PHE A 1 102 ? 9.459   -1.054  -1.396  1.00 12.98  ? 101 PHE A C   1 
ATOM   854  O O   . PHE A 1 102 ? 9.570   -2.267  -1.185  1.00 14.40  ? 101 PHE A O   1 
ATOM   855  C CB  . PHE A 1 102 ? 7.555   -0.146  -2.824  1.00 13.76  ? 101 PHE A CB  1 
ATOM   856  C CG  . PHE A 1 102 ? 6.645   -1.306  -2.508  1.00 13.36  ? 101 PHE A CG  1 
ATOM   857  C CD1 . PHE A 1 102 ? 6.310   -1.616  -1.172  1.00 15.59  ? 101 PHE A CD1 1 
ATOM   858  C CD2 . PHE A 1 102 ? 6.070   -2.090  -3.519  1.00 15.54  ? 101 PHE A CD2 1 
ATOM   859  C CE1 . PHE A 1 102 ? 5.465   -2.678  -0.849  1.00 15.51  ? 101 PHE A CE1 1 
ATOM   860  C CE2 . PHE A 1 102 ? 5.230   -3.177  -3.189  1.00 16.12  ? 101 PHE A CE2 1 
ATOM   861  C CZ  . PHE A 1 102 ? 4.917   -3.455  -1.853  1.00 16.92  ? 101 PHE A CZ  1 
ATOM   862  N N   . GLY A 1 103 ? 9.514   -0.127  -0.440  1.00 13.07  ? 102 GLY A N   1 
ATOM   863  C CA  . GLY A 1 103 ? 9.755   -0.515  0.948   1.00 13.93  ? 102 GLY A CA  1 
ATOM   864  C C   . GLY A 1 103 ? 9.486   0.649   1.858   1.00 15.22  ? 102 GLY A C   1 
ATOM   865  O O   . GLY A 1 103 ? 9.866   1.814   1.579   1.00 18.20  ? 102 GLY A O   1 
ATOM   866  N N   . PHE A 1 104 ? 8.812   0.373   2.970   1.00 13.11  ? 103 PHE A N   1 
ATOM   867  C CA  . PHE A 1 104 ? 8.568   1.396   3.988   1.00 12.79  ? 103 PHE A CA  1 
ATOM   868  C C   . PHE A 1 104 ? 8.484   0.712   5.347   1.00 14.23  ? 103 PHE A C   1 
ATOM   869  O O   . PHE A 1 104 ? 8.213   -0.477  5.414   1.00 13.95  ? 103 PHE A O   1 
ATOM   870  C CB  . PHE A 1 104 ? 7.257   2.175   3.696   1.00 12.48  ? 103 PHE A CB  1 
ATOM   871  C CG  . PHE A 1 104 ? 6.061   1.295   3.591   1.00 12.13  ? 103 PHE A CG  1 
ATOM   872  C CD1 . PHE A 1 104 ? 5.255   1.046   4.696   1.00 13.81  ? 103 PHE A CD1 1 
ATOM   873  C CD2 . PHE A 1 104 ? 5.723   0.709   2.365   1.00 13.36  ? 103 PHE A CD2 1 
ATOM   874  C CE1 . PHE A 1 104 ? 4.163   0.154   4.604   1.00 13.98  ? 103 PHE A CE1 1 
ATOM   875  C CE2 . PHE A 1 104 ? 4.625   -0.156  2.279   1.00 16.34  ? 103 PHE A CE2 1 
ATOM   876  C CZ  . PHE A 1 104 ? 3.860   -0.441  3.411   1.00 13.77  ? 103 PHE A CZ  1 
ATOM   877  N N   . GLU A 1 105 ? 8.629   1.474   6.427   1.00 14.27  ? 104 GLU A N   1 
ATOM   878  C CA  A GLU A 1 105 ? 8.511   0.886   7.772   0.50 13.29  ? 104 GLU A CA  1 
ATOM   879  C CA  B GLU A 1 105 ? 8.575   0.946   7.801   0.50 15.40  ? 104 GLU A CA  1 
ATOM   880  C C   . GLU A 1 105 ? 7.195   1.291   8.377   1.00 14.33  ? 104 GLU A C   1 
ATOM   881  O O   . GLU A 1 105 ? 6.718   2.430   8.211   1.00 15.16  ? 104 GLU A O   1 
ATOM   882  C CB  A GLU A 1 105 ? 9.603   1.363   8.701   0.50 15.16  ? 104 GLU A CB  1 
ATOM   883  C CB  B GLU A 1 105 ? 9.641   1.645   8.652   0.50 20.28  ? 104 GLU A CB  1 
ATOM   884  C CG  A GLU A 1 105 ? 10.915  0.698   8.436   0.50 13.24  ? 104 GLU A CG  1 
ATOM   885  C CG  B GLU A 1 105 ? 10.987  1.783   7.954   0.50 27.07  ? 104 GLU A CG  1 
ATOM   886  C CD  A GLU A 1 105 ? 11.967  1.299   9.314   0.50 22.06  ? 104 GLU A CD  1 
ATOM   887  C CD  B GLU A 1 105 ? 11.755  0.477   7.915   0.50 36.19  ? 104 GLU A CD  1 
ATOM   888  O OE1 A GLU A 1 105 ? 11.659  2.296   9.987   0.50 25.64  ? 104 GLU A OE1 1 
ATOM   889  O OE1 B GLU A 1 105 ? 11.769  -0.253  8.938   0.50 37.22  ? 104 GLU A OE1 1 
ATOM   890  O OE2 A GLU A 1 105 ? 13.054  0.742   9.341   0.50 22.30  ? 104 GLU A OE2 1 
ATOM   891  O OE2 B GLU A 1 105 ? 12.348  0.184   6.855   0.50 38.33  ? 104 GLU A OE2 1 
ATOM   892  N N   . LEU A 1 106 ? 6.562   0.326   9.053   1.00 11.46  ? 105 LEU A N   1 
ATOM   893  C CA  . LEU A 1 106 ? 5.424   0.627   9.869   1.00 11.99  ? 105 LEU A CA  1 
ATOM   894  C C   . LEU A 1 106 ? 5.899   1.445   11.076  1.00 12.61  ? 105 LEU A C   1 
ATOM   895  O O   . LEU A 1 106 ? 7.019   1.249   11.554  1.00 13.31  ? 105 LEU A O   1 
ATOM   896  C CB  . LEU A 1 106 ? 4.785   -0.708  10.345  1.00 12.63  ? 105 LEU A CB  1 
ATOM   897  C CG  . LEU A 1 106 ? 4.129   -1.504  9.207   1.00 14.11  ? 105 LEU A CG  1 
ATOM   898  C CD1 . LEU A 1 106 ? 3.729   -2.873  9.682   1.00 12.62  ? 105 LEU A CD1 1 
ATOM   899  C CD2 . LEU A 1 106 ? 2.885   -0.765  8.725   1.00 13.68  ? 105 LEU A CD2 1 
ATOM   900  N N   . PRO A 1 107 ? 5.020   2.293   11.613  1.00 12.67  ? 106 PRO A N   1 
ATOM   901  C CA  . PRO A 1 107 ? 5.371   3.062   12.818  1.00 11.24  ? 106 PRO A CA  1 
ATOM   902  C C   . PRO A 1 107 ? 5.598   2.110   14.011  1.00 11.28  ? 106 PRO A C   1 
ATOM   903  O O   . PRO A 1 107 ? 4.974   1.024   14.087  1.00 11.70  ? 106 PRO A O   1 
ATOM   904  C CB  . PRO A 1 107 ? 4.131   3.954   13.030  1.00 12.80  ? 106 PRO A CB  1 
ATOM   905  C CG  . PRO A 1 107 ? 2.998   3.221   12.364  1.00 15.01  ? 106 PRO A CG  1 
ATOM   906  C CD  . PRO A 1 107 ? 3.649   2.559   11.145  1.00 12.77  ? 106 PRO A CD  1 
ATOM   907  N N   . GLN A 1 108 ? 6.444   2.513   14.951  1.00 13.97  ? 107 GLN A N   1 
ATOM   908  C CA  . GLN A 1 108 ? 6.400   1.884   16.282  1.00 14.37  ? 107 GLN A CA  1 
ATOM   909  C C   . GLN A 1 108 ? 5.084   2.207   16.973  1.00 14.57  ? 107 GLN A C   1 
ATOM   910  O O   . GLN A 1 108 ? 4.396   3.138   16.563  1.00 15.48  ? 107 GLN A O   1 
ATOM   911  C CB  . GLN A 1 108 ? 7.608   2.295   17.167  1.00 16.91  ? 107 GLN A CB  1 
ATOM   912  C CG  . GLN A 1 108 ? 8.949   1.899   16.567  1.00 20.20  ? 107 GLN A CG  1 
ATOM   913  C CD  . GLN A 1 108 ? 9.351   0.422   16.762  1.00 22.13  ? 107 GLN A CD  1 
ATOM   914  O OE1 . GLN A 1 108 ? 8.673   -0.414  17.425  1.00 23.83  ? 107 GLN A OE1 1 
ATOM   915  N NE2 . GLN A 1 108 ? 10.486  0.087   16.167  1.00 24.85  ? 107 GLN A NE2 1 
ATOM   916  N N   . GLY A 1 109 ? 4.738   1.432   17.962  1.00 14.48  ? 108 GLY A N   1 
ATOM   917  C CA  . GLY A 1 109 ? 3.539   1.761   18.728  1.00 14.13  ? 108 GLY A CA  1 
ATOM   918  C C   . GLY A 1 109 ? 2.338   1.054   18.181  1.00 12.38  ? 108 GLY A C   1 
ATOM   919  O O   . GLY A 1 109 ? 2.429   0.064   17.430  1.00 13.98  ? 108 GLY A O   1 
ATOM   920  N N   . PRO A 1 110 ? 1.169   1.453   18.624  1.00 11.25  ? 109 PRO A N   1 
ATOM   921  C CA  . PRO A 1 110 ? -0.061  0.762   18.215  1.00 11.96  ? 109 PRO A CA  1 
ATOM   922  C C   . PRO A 1 110 ? -0.346  0.891   16.729  1.00 11.94  ? 109 PRO A C   1 
ATOM   923  O O   . PRO A 1 110 ? -0.091  1.915   16.116  1.00 13.23  ? 109 PRO A O   1 
ATOM   924  C CB  . PRO A 1 110 ? -1.178  1.539   18.960  1.00 12.52  ? 109 PRO A CB  1 
ATOM   925  C CG  . PRO A 1 110 ? -0.533  2.856   19.331  1.00 14.20  ? 109 PRO A CG  1 
ATOM   926  C CD  . PRO A 1 110 ? 0.948   2.566   19.569  1.00 12.94  ? 109 PRO A CD  1 
ATOM   927  N N   . LEU A 1 111 ? -0.935  -0.177  16.177  1.00 11.04  ? 110 LEU A N   1 
ATOM   928  C CA  . LEU A 1 111 ? -1.371  -0.222  14.789  1.00 11.69  ? 110 LEU A CA  1 
ATOM   929  C C   . LEU A 1 111 ? -2.881  -0.436  14.718  1.00 10.52  ? 110 LEU A C   1 
ATOM   930  O O   . LEU A 1 111 ? -3.467  -0.464  13.636  1.00 11.37  ? 110 LEU A O   1 
ATOM   931  C CB  . LEU A 1 111 ? -0.671  -1.348  14.019  1.00 10.22  ? 110 LEU A CB  1 
ATOM   932  C CG  . LEU A 1 111 ? 0.870   -1.204  13.949  1.00 11.08  ? 110 LEU A CG  1 
ATOM   933  C CD1 . LEU A 1 111 ? 1.400   -2.403  13.144  1.00 11.97  ? 110 LEU A CD1 1 
ATOM   934  C CD2 . LEU A 1 111 ? 1.277   0.088   13.259  1.00 12.44  ? 110 LEU A CD2 1 
ATOM   935  N N   . GLY A 1 112 ? -3.509  -0.628  15.880  1.00 12.03  ? 111 GLY A N   1 
ATOM   936  C CA  . GLY A 1 112 ? -4.951  -0.903  15.942  1.00 12.23  ? 111 GLY A CA  1 
ATOM   937  C C   . GLY A 1 112 ? -5.331  -2.296  16.348  1.00 14.23  ? 111 GLY A C   1 
ATOM   938  O O   . GLY A 1 112 ? -6.534  -2.553  16.568  1.00 14.49  ? 111 GLY A O   1 
ATOM   939  N N   . THR A 1 113 ? -4.363  -3.208  16.431  1.00 13.18  ? 112 THR A N   1 
ATOM   940  C CA  . THR A 1 113 ? -4.770  -4.619  16.618  1.00 12.99  ? 112 THR A CA  1 
ATOM   941  C C   . THR A 1 113 ? -5.070  -5.002  18.058  1.00 16.57  ? 112 THR A C   1 
ATOM   942  O O   . THR A 1 113 ? -5.570  -6.116  18.287  1.00 20.21  ? 112 THR A O   1 
ATOM   943  C CB  . THR A 1 113 ? -3.737  -5.588  15.997  1.00 14.71  ? 112 THR A CB  1 
ATOM   944  O OG1 . THR A 1 113 ? -2.598  -5.699  16.849  1.00 14.29  ? 112 THR A OG1 1 
ATOM   945  C CG2 . THR A 1 113 ? -3.287  -5.169  14.590  1.00 15.66  ? 112 THR A CG2 1 
ATOM   946  N N   . SER A 1 114 ? -4.790  -4.119  18.992  1.00 15.78  ? 113 SER A N   1 
ATOM   947  C CA  . SER A 1 114 ? -5.130  -4.297  20.422  1.00 19.47  ? 113 SER A CA  1 
ATOM   948  C C   . SER A 1 114 ? -6.421  -3.584  20.802  1.00 24.55  ? 113 SER A C   1 
ATOM   949  O O   . SER A 1 114 ? -6.787  -3.599  21.964  1.00 26.55  ? 113 SER A O   1 
ATOM   950  C CB  . SER A 1 114 ? -4.007  -3.788  21.311  1.00 22.12  ? 113 SER A CB  1 
ATOM   951  O OG  . SER A 1 114 ? -2.780  -4.498  21.044  1.00 21.49  ? 113 SER A OG  1 
ATOM   952  N N   . PHE A 1 115 ? -7.091  -2.950  19.848  1.00 22.06  ? 114 PHE A N   1 
ATOM   953  C CA  . PHE A 1 115 ? -8.334  -2.210  20.188  1.00 28.25  ? 114 PHE A CA  1 
ATOM   954  C C   . PHE A 1 115 ? -9.341  -3.210  20.757  1.00 33.51  ? 114 PHE A C   1 
ATOM   955  O O   . PHE A 1 115 ? -9.381  -4.369  20.318  1.00 31.96  ? 114 PHE A O   1 
ATOM   956  C CB  . PHE A 1 115 ? -8.925  -1.548  18.944  1.00 27.59  ? 114 PHE A CB  1 
ATOM   957  C CG  . PHE A 1 115 ? -8.232  -0.256  18.501  1.00 24.12  ? 114 PHE A CG  1 
ATOM   958  C CD1 . PHE A 1 115 ? -7.198  0.320   19.231  1.00 22.27  ? 114 PHE A CD1 1 
ATOM   959  C CD2 . PHE A 1 115 ? -8.676  0.402   17.350  1.00 23.87  ? 114 PHE A CD2 1 
ATOM   960  C CE1 . PHE A 1 115 ? -6.593  1.501   18.796  1.00 22.28  ? 114 PHE A CE1 1 
ATOM   961  C CE2 . PHE A 1 115 ? -8.104  1.606   16.931  1.00 25.81  ? 114 PHE A CE2 1 
ATOM   962  C CZ  . PHE A 1 115 ? -7.051  2.139   17.633  1.00 19.00  ? 114 PHE A CZ  1 
ATOM   963  N N   A LYS A 1 116 ? -10.003 -2.722  21.822  0.50 24.19  ? 115 LYS A N   1 
ATOM   964  N N   B LYS A 1 116 ? -10.297 -2.818  21.598  0.50 37.70  ? 115 LYS A N   1 
ATOM   965  C CA  A LYS A 1 116 ? -10.868 -3.472  22.713  0.50 21.32  ? 115 LYS A CA  1 
ATOM   966  C CA  B LYS A 1 116 ? -11.413 -3.779  21.785  0.50 36.32  ? 115 LYS A CA  1 
ATOM   967  C C   A LYS A 1 116 ? -12.234 -2.782  22.757  0.50 16.65  ? 115 LYS A C   1 
ATOM   968  C C   B LYS A 1 116 ? -12.881 -3.496  21.399  0.50 29.77  ? 115 LYS A C   1 
ATOM   969  O O   A LYS A 1 116 ? -12.365 -1.610  23.061  0.50 17.45  ? 115 LYS A O   1 
ATOM   970  O O   B LYS A 1 116 ? -13.342 -3.932  20.356  0.50 44.28  ? 115 LYS A O   1 
ATOM   971  C CB  A LYS A 1 116 ? -10.280 -3.476  24.122  0.50 28.83  ? 115 LYS A CB  1 
ATOM   972  C CB  B LYS A 1 116 ? -11.253 -4.654  23.036  0.50 31.82  ? 115 LYS A CB  1 
ATOM   973  C CG  A LYS A 1 116 ? -8.932  -4.174  24.221  0.50 31.25  ? 115 LYS A CG  1 
ATOM   974  C CG  B LYS A 1 116 ? -10.653 -3.959  24.242  0.50 37.56  ? 115 LYS A CG  1 
ATOM   975  C CD  A LYS A 1 116 ? -9.003  -5.382  25.137  0.50 31.20  ? 115 LYS A CD  1 
ATOM   976  C CD  B LYS A 1 116 ? -9.711  -4.894  24.987  0.50 35.27  ? 115 LYS A CD  1 
ATOM   977  C CE  A LYS A 1 116 ? -8.233  -6.549  24.548  0.50 32.98  ? 115 LYS A CE  1 
ATOM   978  C CE  B LYS A 1 116 ? -8.754  -4.118  25.879  0.50 37.17  ? 115 LYS A CE  1 
ATOM   979  N NZ  A LYS A 1 116 ? -7.333  -7.153  25.569  0.50 30.57  ? 115 LYS A NZ  1 
ATOM   980  N NZ  B LYS A 1 116 ? -8.529  -4.810  27.177  0.50 40.24  ? 115 LYS A NZ  1 
ATOM   981  N N   A GLY A 1 117 ? -13.270 -3.517  22.481  0.50 20.40  ? 116 GLY A N   1 
ATOM   982  N N   B GLY A 1 117 ? -13.632 -2.799  22.227  0.50 33.68  ? 116 GLY A N   1 
ATOM   983  C CA  A GLY A 1 117 ? -14.567 -2.913  22.660  0.50 16.67  ? 116 GLY A CA  1 
ATOM   984  C CA  B GLY A 1 117 ? -14.971 -2.360  21.806  0.50 20.86  ? 116 GLY A CA  1 
ATOM   985  C C   A GLY A 1 117 ? -15.551 -3.729  21.897  0.50 12.74  ? 116 GLY A C   1 
ATOM   986  C C   B GLY A 1 117 ? -15.977 -3.235  21.036  0.50 22.37  ? 116 GLY A C   1 
ATOM   987  O O   A GLY A 1 117 ? -15.258 -4.862  21.492  0.50 18.80  ? 116 GLY A O   1 
ATOM   988  O O   B GLY A 1 117 ? -15.706 -4.393  20.661  0.50 27.66  ? 116 GLY A O   1 
ATOM   989  N N   A LYS A 1 118 ? -16.691 -3.120  21.616  0.50 10.74  ? 117 LYS A N   1 
ATOM   990  N N   B LYS A 1 118 ? -17.153 -2.653  20.790  0.50 20.36  ? 117 LYS A N   1 
ATOM   991  C CA  A LYS A 1 118 ? -17.759 -3.813  20.958  0.50 10.54  ? 117 LYS A CA  1 
ATOM   992  C CA  B LYS A 1 118 ? -18.250 -3.340  20.098  0.50 20.25  ? 117 LYS A CA  1 
ATOM   993  C C   A LYS A 1 118 ? -17.591 -3.774  19.427  0.50 12.72  ? 117 LYS A C   1 
ATOM   994  C C   B LYS A 1 118 ? -18.194 -3.199  18.577  0.50 18.30  ? 117 LYS A C   1 
ATOM   995  O O   A LYS A 1 118 ? -18.244 -4.505  18.706  0.50 9.99   ? 117 LYS A O   1 
ATOM   996  O O   B LYS A 1 118 ? -18.989 -3.784  17.850  0.50 17.86  ? 117 LYS A O   1 
ATOM   997  C CB  A LYS A 1 118 ? -19.132 -3.290  21.406  0.50 10.78  ? 117 LYS A CB  1 
ATOM   998  C CB  B LYS A 1 118 ? -19.608 -2.846  20.620  0.50 18.26  ? 117 LYS A CB  1 
ATOM   999  C CG  A LYS A 1 118 ? -19.453 -1.853  20.998  0.50 11.07  ? 117 LYS A CG  1 
ATOM   1000 C CG  B LYS A 1 118 ? -19.824 -1.378  20.341  0.50 17.30  ? 117 LYS A CG  1 
ATOM   1001 C CD  A LYS A 1 118 ? -20.772 -1.372  21.624  0.50 9.62   ? 117 LYS A CD  1 
ATOM   1002 C CD  B LYS A 1 118 ? -21.141 -0.918  20.956  0.50 14.71  ? 117 LYS A CD  1 
ATOM   1003 C CE  A LYS A 1 118 ? -21.969 -2.194  21.167  0.50 10.84  ? 117 LYS A CE  1 
ATOM   1004 C CE  B LYS A 1 118 ? -22.318 -1.787  20.525  0.50 14.06  ? 117 LYS A CE  1 
ATOM   1005 N NZ  A LYS A 1 118 ? -23.210 -1.699  21.835  0.50 10.16  ? 117 LYS A NZ  1 
ATOM   1006 N NZ  B LYS A 1 118 ? -23.520 -1.195  21.187  0.50 16.68  ? 117 LYS A NZ  1 
ATOM   1007 N N   A TYR A 1 119 ? -16.688 -2.949  18.921  0.50 9.36   ? 118 TYR A N   1 
ATOM   1008 N N   B TYR A 1 119 ? -17.252 -2.412  18.083  0.50 12.17  ? 118 TYR A N   1 
ATOM   1009 C CA  A TYR A 1 119 ? -16.430 -2.863  17.492  0.50 8.55   ? 118 TYR A CA  1 
ATOM   1010 C CA  B TYR A 1 119 ? -16.976 -2.308  16.651  0.50 13.11  ? 118 TYR A CA  1 
ATOM   1011 C C   A TYR A 1 119 ? -14.961 -2.518  17.352  0.50 8.51   ? 118 TYR A C   1 
ATOM   1012 C C   B TYR A 1 119 ? -15.506 -2.022  16.531  0.50 15.13  ? 118 TYR A C   1 
ATOM   1013 O O   A TYR A 1 119 ? -14.454 -1.613  18.041  0.50 8.52   ? 118 TYR A O   1 
ATOM   1014 O O   B TYR A 1 119 ? -14.974 -1.198  17.289  0.50 14.28  ? 118 TYR A O   1 
ATOM   1015 C CB  A TYR A 1 119 ? -17.327 -1.819  16.779  0.50 11.38  ? 118 TYR A CB  1 
ATOM   1016 C CB  B TYR A 1 119 ? -17.746 -1.147  16.019  0.50 16.39  ? 118 TYR A CB  1 
ATOM   1017 C CG  A TYR A 1 119 ? -16.947 -1.545  15.315  0.50 14.19  ? 118 TYR A CG  1 
ATOM   1018 C CG  B TYR A 1 119 ? -17.327 -0.818  14.581  0.50 19.18  ? 118 TYR A CG  1 
ATOM   1019 C CD1 A TYR A 1 119 ? -17.714 -2.113  14.300  0.50 19.23  ? 118 TYR A CD1 1 
ATOM   1020 C CD1 B TYR A 1 119 ? -18.045 -1.347  13.504  0.50 22.92  ? 118 TYR A CD1 1 
ATOM   1021 C CD2 A TYR A 1 119 ? -15.858 -0.744  14.939  0.50 21.70  ? 118 TYR A CD2 1 
ATOM   1022 C CD2 B TYR A 1 119 ? -16.242 0.054   14.298  0.50 20.43  ? 118 TYR A CD2 1 
ATOM   1023 C CE1 A TYR A 1 119 ? -17.427 -1.913  12.978  0.50 20.72  ? 118 TYR A CE1 1 
ATOM   1024 C CE1 B TYR A 1 119 ? -17.697 -1.061  12.198  0.50 30.12  ? 118 TYR A CE1 1 
ATOM   1025 C CE2 A TYR A 1 119 ? -15.555 -0.554  13.567  0.50 18.43  ? 118 TYR A CE2 1 
ATOM   1026 C CE2 B TYR A 1 119 ? -15.886 0.330   12.979  0.50 25.29  ? 118 TYR A CE2 1 
ATOM   1027 C CZ  A TYR A 1 119 ? -16.359 -1.154  12.607  0.50 19.55  ? 118 TYR A CZ  1 
ATOM   1028 C CZ  B TYR A 1 119 ? -16.624 -0.220  11.939  0.50 35.07  ? 118 TYR A CZ  1 
ATOM   1029 O OH  A TYR A 1 119 ? -16.187 -1.033  11.225  0.50 25.80  ? 118 TYR A OH  1 
ATOM   1030 O OH  B TYR A 1 119 ? -16.295 0.053   10.622  0.50 37.24  ? 118 TYR A OH  1 
ATOM   1031 N N   A GLY A 1 120 ? -14.292 -3.185  16.443  0.50 6.76   ? 119 GLY A N   1 
ATOM   1032 N N   B GLY A 1 120 ? -14.860 -2.699  15.597  0.50 14.37  ? 119 GLY A N   1 
ATOM   1033 C CA  A GLY A 1 120 ? -12.883 -2.921  16.141  0.50 7.21   ? 119 GLY A CA  1 
ATOM   1034 C CA  B GLY A 1 120 ? -13.421 -2.544  15.337  0.50 13.02  ? 119 GLY A CA  1 
ATOM   1035 C C   A GLY A 1 120 ? -12.601 -3.229  14.700  0.50 6.29   ? 119 GLY A C   1 
ATOM   1036 C C   B GLY A 1 120 ? -13.202 -2.748  13.860  0.50 14.46  ? 119 GLY A C   1 
ATOM   1037 O O   A GLY A 1 120 ? -13.115 -4.193  14.163  0.50 7.05   ? 119 GLY A O   1 
ATOM   1038 O O   B GLY A 1 120 ? -13.829 -3.611  13.234  0.50 12.42  ? 119 GLY A O   1 
ATOM   1039 N N   A SER A 1 121 ? -11.743 -2.451  14.057  0.50 6.24   ? 120 SER A N   1 
ATOM   1040 N N   B SER A 1 121 ? -12.297 -1.971  13.286  0.50 12.13  ? 120 SER A N   1 
ATOM   1041 C CA  A SER A 1 121 ? -11.291 -2.717  12.704  0.50 7.99   ? 120 SER A CA  1 
ATOM   1042 C CA  B SER A 1 121 ? -11.845 -2.140  11.891  0.50 12.66  ? 120 SER A CA  1 
ATOM   1043 C C   A SER A 1 121 ? -9.826  -2.270  12.561  0.50 7.27   ? 120 SER A C   1 
ATOM   1044 C C   B SER A 1 121 ? -10.328 -1.908  11.902  0.50 10.74  ? 120 SER A C   1 
ATOM   1045 O O   A SER A 1 121 ? -9.400  -1.275  13.193  0.50 9.56   ? 120 SER A O   1 
ATOM   1046 O O   B SER A 1 121 ? -9.859  -0.907  12.437  0.50 8.39   ? 120 SER A O   1 
ATOM   1047 C CB  A SER A 1 121 ? -12.223 -1.955  11.724  0.50 11.45  ? 120 SER A CB  1 
ATOM   1048 C CB  B SER A 1 121 ? -12.433 -1.016  11.034  0.50 12.11  ? 120 SER A CB  1 
ATOM   1049 O OG  A SER A 1 121 ? -12.118 -2.371  10.380  0.50 24.97  ? 120 SER A OG  1 
ATOM   1050 O OG  B SER A 1 121 ? -12.083 -1.177  9.657   0.50 23.53  ? 120 SER A OG  1 
ATOM   1051 N N   A VAL A 1 122 ? -9.004  -3.021  11.832  0.50 7.17   ? 121 VAL A N   1 
ATOM   1052 N N   B VAL A 1 122 ? -9.571  -2.757  11.269  0.50 10.16  ? 121 VAL A N   1 
ATOM   1053 C CA  A VAL A 1 122 ? -7.766  -2.475  11.197  0.50 9.15   ? 121 VAL A CA  1 
ATOM   1054 C CA  B VAL A 1 122 ? -8.153  -2.480  11.048  0.50 11.25  ? 121 VAL A CA  1 
ATOM   1055 C C   A VAL A 1 122 ? -7.689  -2.809  9.711   0.50 10.26  ? 121 VAL A C   1 
ATOM   1056 C C   B VAL A 1 122 ? -8.047  -2.702  9.568   0.50 11.05  ? 121 VAL A C   1 
ATOM   1057 O O   A VAL A 1 122 ? -7.928  -3.960  9.320   0.50 8.40   ? 121 VAL A O   1 
ATOM   1058 O O   B VAL A 1 122 ? -8.620  -3.653  9.011   0.50 8.14   ? 121 VAL A O   1 
ATOM   1059 C CB  A VAL A 1 122 ? -6.480  -2.993  11.842  0.50 13.40  ? 121 VAL A CB  1 
ATOM   1060 C CB  B VAL A 1 122 ? -7.261  -3.450  11.847  0.50 12.33  ? 121 VAL A CB  1 
ATOM   1061 C CG1 A VAL A 1 122 ? -6.419  -2.670  13.325  0.50 14.72  ? 121 VAL A CG1 1 
ATOM   1062 C CG1 B VAL A 1 122 ? -5.774  -3.257  11.523  0.50 14.45  ? 121 VAL A CG1 1 
ATOM   1063 C CG2 A VAL A 1 122 ? -6.327  -4.487  11.569  0.50 15.59  ? 121 VAL A CG2 1 
ATOM   1064 C CG2 B VAL A 1 122 ? -7.508  -3.325  13.345  0.50 15.45  ? 121 VAL A CG2 1 
ATOM   1065 N N   . ASP A 1 123 ? -7.350  -1.826  8.890   1.00 10.31  ? 122 ASP A N   1 
ATOM   1066 C CA  . ASP A 1 123 ? -7.394  -1.892  7.401   1.00 9.81   ? 122 ASP A CA  1 
ATOM   1067 C C   . ASP A 1 123 ? -6.100  -1.314  6.873   1.00 9.52   ? 122 ASP A C   1 
ATOM   1068 O O   . ASP A 1 123 ? -5.950  -0.075  6.789   1.00 10.19  ? 122 ASP A O   1 
ATOM   1069 C CB  . ASP A 1 123 ? -8.620  -1.123  6.850   1.00 11.43  ? 122 ASP A CB  1 
ATOM   1070 C CG  . ASP A 1 123 ? -8.810  -1.306  5.329   1.00 13.55  ? 122 ASP A CG  1 
ATOM   1071 O OD1 . ASP A 1 123 ? -8.388  -2.350  4.799   1.00 14.90  ? 122 ASP A OD1 1 
ATOM   1072 O OD2 . ASP A 1 123 ? -9.400  -0.378  4.722   1.00 21.79  ? 122 ASP A OD2 1 
ATOM   1073 N N   . TYR A 1 124 ? -5.195  -2.208  6.499   1.00 9.62   ? 123 TYR A N   1 
ATOM   1074 C CA  . TYR A 1 124 ? -3.864  -1.795  5.956   1.00 8.55   ? 123 TYR A CA  1 
ATOM   1075 C C   . TYR A 1 124 ? -3.733  -2.312  4.555   1.00 9.64   ? 123 TYR A C   1 
ATOM   1076 O O   . TYR A 1 124 ? -4.114  -3.477  4.242   1.00 10.41  ? 123 TYR A O   1 
ATOM   1077 C CB  . TYR A 1 124 ? -2.731  -2.417  6.816   1.00 9.35   ? 123 TYR A CB  1 
ATOM   1078 C CG  . TYR A 1 124 ? -2.539  -1.625  8.109   1.00 11.20  ? 123 TYR A CG  1 
ATOM   1079 C CD1 . TYR A 1 124 ? -3.499  -1.612  9.103   1.00 10.68  ? 123 TYR A CD1 1 
ATOM   1080 C CD2 . TYR A 1 124 ? -1.378  -0.900  8.313   1.00 11.55  ? 123 TYR A CD2 1 
ATOM   1081 C CE1 . TYR A 1 124 ? -3.314  -0.916  10.277  1.00 11.40  ? 123 TYR A CE1 1 
ATOM   1082 C CE2 . TYR A 1 124 ? -1.196  -0.156  9.465   1.00 10.33  ? 123 TYR A CE2 1 
ATOM   1083 C CZ  . TYR A 1 124 ? -2.163  -0.175  10.449  1.00 9.24   ? 123 TYR A CZ  1 
ATOM   1084 O OH  . TYR A 1 124 ? -1.984  0.562   11.600  1.00 10.57  ? 123 TYR A OH  1 
ATOM   1085 N N   . TRP A 1 125 ? -3.259  -1.478  3.639   1.00 10.46  ? 124 TRP A N   1 
ATOM   1086 C CA  . TRP A 1 125 ? -3.072  -1.896  2.258   1.00 10.65  ? 124 TRP A CA  1 
ATOM   1087 C C   . TRP A 1 125 ? -2.085  -1.054  1.551   1.00 10.71  ? 124 TRP A C   1 
ATOM   1088 O O   . TRP A 1 125 ? -1.729  0.040   2.008   1.00 10.94  ? 124 TRP A O   1 
ATOM   1089 C CB  . TRP A 1 125 ? -4.439  -1.862  1.509   1.00 11.95  ? 124 TRP A CB  1 
ATOM   1090 C CG  . TRP A 1 125 ? -5.299  -0.666  1.789   1.00 13.44  ? 124 TRP A CG  1 
ATOM   1091 C CD1 . TRP A 1 125 ? -6.432  -0.623  2.606   1.00 13.18  ? 124 TRP A CD1 1 
ATOM   1092 C CD2 . TRP A 1 125 ? -5.168  0.677   1.260   1.00 12.57  ? 124 TRP A CD2 1 
ATOM   1093 N NE1 . TRP A 1 125 ? -6.997  0.597   2.598   1.00 13.62  ? 124 TRP A NE1 1 
ATOM   1094 C CE2 . TRP A 1 125 ? -6.280  1.426   1.761   1.00 14.49  ? 124 TRP A CE2 1 
ATOM   1095 C CE3 . TRP A 1 125 ? -4.253  1.320   0.393   1.00 13.92  ? 124 TRP A CE3 1 
ATOM   1096 C CZ2 . TRP A 1 125 ? -6.461  2.783   1.464   1.00 14.87  ? 124 TRP A CZ2 1 
ATOM   1097 C CZ3 . TRP A 1 125 ? -4.440  2.669   0.102   1.00 14.22  ? 124 TRP A CZ3 1 
ATOM   1098 C CH2 . TRP A 1 125 ? -5.551  3.379   0.628   1.00 14.07  ? 124 TRP A CH2 1 
ATOM   1099 N N   . VAL A 1 126 ? -1.654  -1.546  0.397   1.00 11.22  ? 125 VAL A N   1 
ATOM   1100 C CA  . VAL A 1 126 ? -0.852  -0.782  -0.564  1.00 11.86  ? 125 VAL A CA  1 
ATOM   1101 C C   . VAL A 1 126 ? -1.667  -0.626  -1.831  1.00 12.98  ? 125 VAL A C   1 
ATOM   1102 O O   . VAL A 1 126 ? -2.171  -1.631  -2.370  1.00 13.69  ? 125 VAL A O   1 
ATOM   1103 C CB  . VAL A 1 126 ? 0.458   -1.519  -0.880  1.00 11.44  ? 125 VAL A CB  1 
ATOM   1104 C CG1 . VAL A 1 126 ? 1.192   -0.852  -2.068  1.00 15.12  ? 125 VAL A CG1 1 
ATOM   1105 C CG2 . VAL A 1 126 ? 1.369   -1.661  0.364   1.00 13.58  ? 125 VAL A CG2 1 
ATOM   1106 N N   . LYS A 1 127 ? -1.748  0.596   -2.325  1.00 13.19  ? 126 LYS A N   1 
ATOM   1107 C CA  . LYS A 1 127 ? -2.316  0.842   -3.655  1.00 13.73  ? 126 LYS A CA  1 
ATOM   1108 C C   . LYS A 1 127 ? -1.183  1.327   -4.529  1.00 14.76  ? 126 LYS A C   1 
ATOM   1109 O O   . LYS A 1 127 ? -0.363  2.138   -4.105  1.00 15.12  ? 126 LYS A O   1 
ATOM   1110 C CB  . LYS A 1 127 ? -3.326  1.965   -3.606  1.00 18.82  ? 126 LYS A CB  1 
ATOM   1111 C CG  . LYS A 1 127 ? -4.744  1.546   -3.270  1.00 20.98  ? 126 LYS A CG  1 
ATOM   1112 C CD  . LYS A 1 127 ? -5.694  2.744   -3.250  1.00 20.78  ? 126 LYS A CD  1 
ATOM   1113 C CE  . LYS A 1 127 ? -6.997  2.278   -2.613  1.00 25.37  ? 126 LYS A CE  1 
ATOM   1114 N NZ  . LYS A 1 127 ? -7.940  3.385   -2.295  1.00 27.19  ? 126 LYS A NZ  1 
ATOM   1115 N N   . ALA A 1 128 ? -1.166  0.887   -5.790  1.00 15.04  ? 127 ALA A N   1 
ATOM   1116 C CA  . ALA A 1 128 ? -0.209  1.423   -6.763  1.00 13.80  ? 127 ALA A CA  1 
ATOM   1117 C C   . ALA A 1 128 ? -1.038  2.093   -7.852  1.00 15.63  ? 127 ALA A C   1 
ATOM   1118 O O   . ALA A 1 128 ? -2.186  1.746   -8.129  1.00 15.76  ? 127 ALA A O   1 
ATOM   1119 C CB  . ALA A 1 128 ? 0.625   0.325   -7.365  1.00 15.13  ? 127 ALA A CB  1 
ATOM   1120 N N   . PHE A 1 129 ? -0.445  3.123   -8.399  1.00 14.85  ? 128 PHE A N   1 
ATOM   1121 C CA  . PHE A 1 129 ? -1.096  3.971   -9.418  1.00 15.51  ? 128 PHE A CA  1 
ATOM   1122 C C   . PHE A 1 129 ? -0.173  4.013   -10.643 1.00 18.09  ? 128 PHE A C   1 
ATOM   1123 O O   . PHE A 1 129 ? 1.018   4.249   -10.527 1.00 15.86  ? 128 PHE A O   1 
ATOM   1124 C CB  . PHE A 1 129 ? -1.238  5.407   -8.880  1.00 14.11  ? 128 PHE A CB  1 
ATOM   1125 C CG  . PHE A 1 129 ? -2.044  5.495   -7.610  1.00 15.13  ? 128 PHE A CG  1 
ATOM   1126 C CD1 . PHE A 1 129 ? -3.426  5.574   -7.651  1.00 20.60  ? 128 PHE A CD1 1 
ATOM   1127 C CD2 . PHE A 1 129 ? -1.392  5.507   -6.383  1.00 17.51  ? 128 PHE A CD2 1 
ATOM   1128 C CE1 . PHE A 1 129 ? -4.160  5.636   -6.465  1.00 22.64  ? 128 PHE A CE1 1 
ATOM   1129 C CE2 . PHE A 1 129 ? -2.131  5.573   -5.194  1.00 18.89  ? 128 PHE A CE2 1 
ATOM   1130 C CZ  . PHE A 1 129 ? -3.492  5.634   -5.255  1.00 19.72  ? 128 PHE A CZ  1 
ATOM   1131 N N   . LEU A 1 130 ? -0.741  3.742   -11.820 1.00 16.94  ? 129 LEU A N   1 
ATOM   1132 C CA  . LEU A 1 130 ? 0.026   3.781   -13.085 1.00 17.42  ? 129 LEU A CA  1 
ATOM   1133 C C   . LEU A 1 130 ? -0.504  4.987   -13.890 1.00 17.98  ? 129 LEU A C   1 
ATOM   1134 O O   . LEU A 1 130 ? -1.684  5.019   -14.283 1.00 18.46  ? 129 LEU A O   1 
ATOM   1135 C CB  . LEU A 1 130 ? -0.283  2.495   -13.856 1.00 18.02  ? 129 LEU A CB  1 
ATOM   1136 C CG  . LEU A 1 130 ? 0.361   2.398   -15.257 1.00 19.53  ? 129 LEU A CG  1 
ATOM   1137 C CD1 . LEU A 1 130 ? 1.853   2.271   -15.117 1.00 22.92  ? 129 LEU A CD1 1 
ATOM   1138 C CD2 . LEU A 1 130 ? -0.184  1.177   -15.994 1.00 21.16  ? 129 LEU A CD2 1 
ATOM   1139 N N   . ASP A 1 131 ? 0.353   5.995   -14.057 1.00 16.85  ? 130 ASP A N   1 
ATOM   1140 C CA  . ASP A 1 131 ? -0.002  7.211   -14.803 1.00 16.34  ? 130 ASP A CA  1 
ATOM   1141 C C   . ASP A 1 131 ? 0.558   7.066   -16.226 1.00 19.06  ? 130 ASP A C   1 
ATOM   1142 O O   . ASP A 1 131 ? 1.722   6.721   -16.395 1.00 18.02  ? 130 ASP A O   1 
ATOM   1143 C CB  . ASP A 1 131 ? 0.601   8.467   -14.160 1.00 18.61  ? 130 ASP A CB  1 
ATOM   1144 C CG  . ASP A 1 131 ? 0.149   8.685   -12.693 1.00 22.02  ? 130 ASP A CG  1 
ATOM   1145 O OD1 . ASP A 1 131 ? -0.969  8.319   -12.336 1.00 21.29  ? 130 ASP A OD1 1 
ATOM   1146 O OD2 . ASP A 1 131 ? 0.971   9.204   -11.926 1.00 25.86  ? 130 ASP A OD2 1 
ATOM   1147 N N   . ARG A 1 132 ? -0.290  7.319   -17.232 1.00 19.44  ? 131 ARG A N   1 
ATOM   1148 C CA  . ARG A 1 132 ? 0.139   7.188   -18.653 1.00 22.42  ? 131 ARG A CA  1 
ATOM   1149 C C   . ARG A 1 132 ? -0.414  8.352   -19.410 1.00 23.66  ? 131 ARG A C   1 
ATOM   1150 O O   . ARG A 1 132 ? -1.529  8.760   -19.146 1.00 25.46  ? 131 ARG A O   1 
ATOM   1151 C CB  . ARG A 1 132 ? -0.522  5.965   -19.249 1.00 24.59  ? 131 ARG A CB  1 
ATOM   1152 C CG  . ARG A 1 132 ? 0.067   4.693   -18.692 1.00 28.38  ? 131 ARG A CG  1 
ATOM   1153 C CD  . ARG A 1 132 ? -0.123  3.554   -19.648 1.00 39.70  ? 131 ARG A CD  1 
ATOM   1154 N NE  . ARG A 1 132 ? -1.476  3.063   -19.610 1.00 43.40  ? 131 ARG A NE  1 
ATOM   1155 C CZ  . ARG A 1 132 ? -2.209  2.784   -20.683 1.00 39.07  ? 131 ARG A CZ  1 
ATOM   1156 N NH1 . ARG A 1 132 ? -1.733  2.959   -21.917 1.00 47.03  ? 131 ARG A NH1 1 
ATOM   1157 N NH2 . ARG A 1 132 ? -3.432  2.315   -20.512 1.00 35.23  ? 131 ARG A NH2 1 
ATOM   1158 N N   . PRO A 1 133 ? 0.321   8.818   -20.432 1.00 21.43  ? 132 PRO A N   1 
ATOM   1159 C CA  . PRO A 1 133 ? -0.255  9.936   -21.197 1.00 23.64  ? 132 PRO A CA  1 
ATOM   1160 C C   . PRO A 1 133 ? -1.599  9.570   -21.850 1.00 23.21  ? 132 PRO A C   1 
ATOM   1161 O O   . PRO A 1 133 ? -1.769  8.462   -22.444 1.00 29.07  ? 132 PRO A O   1 
ATOM   1162 C CB  . PRO A 1 133 ? 0.786   10.223  -22.296 1.00 23.54  ? 132 PRO A CB  1 
ATOM   1163 C CG  . PRO A 1 133 ? 1.994   9.450   -21.944 1.00 26.41  ? 132 PRO A CG  1 
ATOM   1164 C CD  . PRO A 1 133 ? 1.625   8.365   -20.936 1.00 20.73  ? 132 PRO A CD  1 
ATOM   1165 N N   . SER A 1 134 ? -2.521  10.507  -21.735 1.00 24.76  ? 133 SER A N   1 
ATOM   1166 C CA  A SER A 1 134 ? -3.808  10.464  -22.388 0.50 24.33  ? 133 SER A CA  1 
ATOM   1167 C CA  B SER A 1 134 ? -3.784  10.423  -22.444 0.50 25.31  ? 133 SER A CA  1 
ATOM   1168 C C   . SER A 1 134 ? -4.758  9.381   -21.872 1.00 28.08  ? 133 SER A C   1 
ATOM   1169 O O   . SER A 1 134 ? -5.833  9.184   -22.420 1.00 25.58  ? 133 SER A O   1 
ATOM   1170 C CB  A SER A 1 134 ? -3.630  10.445  -23.914 0.50 23.74  ? 133 SER A CB  1 
ATOM   1171 C CB  B SER A 1 134 ? -3.552  10.223  -23.965 0.50 24.00  ? 133 SER A CB  1 
ATOM   1172 O OG  A SER A 1 134 ? -2.894  11.595  -24.291 0.50 24.66  ? 133 SER A OG  1 
ATOM   1173 O OG  B SER A 1 134 ? -3.285  8.867   -24.290 0.50 30.43  ? 133 SER A OG  1 
ATOM   1174 N N   . GLN A 1 135 ? -4.380  8.725   -20.759 1.00 23.52  ? 134 GLN A N   1 
ATOM   1175 C CA  . GLN A 1 135 ? -5.255  7.765   -20.060 1.00 27.39  ? 134 GLN A CA  1 
ATOM   1176 C C   . GLN A 1 135 ? -5.519  8.176   -18.612 1.00 24.26  ? 134 GLN A C   1 
ATOM   1177 O O   . GLN A 1 135 ? -4.694  8.808   -17.996 1.00 27.79  ? 134 GLN A O   1 
ATOM   1178 C CB  . GLN A 1 135 ? -4.577  6.391   -20.005 1.00 26.19  ? 134 GLN A CB  1 
ATOM   1179 C CG  . GLN A 1 135 ? -4.355  5.751   -21.354 1.00 26.85  ? 134 GLN A CG  1 
ATOM   1180 C CD  . GLN A 1 135 ? -5.661  5.455   -22.064 1.00 35.09  ? 134 GLN A CD  1 
ATOM   1181 O OE1 . GLN A 1 135 ? -6.611  4.948   -21.458 1.00 36.96  ? 134 GLN A OE1 1 
ATOM   1182 N NE2 . GLN A 1 135 ? -5.709  5.742   -23.359 1.00 34.48  ? 134 GLN A NE2 1 
ATOM   1183 N N   . PRO A 1 136 ? -6.671  7.778   -18.061 1.00 26.42  ? 135 PRO A N   1 
ATOM   1184 C CA  . PRO A 1 136 ? -6.831  7.994   -16.625 1.00 25.76  ? 135 PRO A CA  1 
ATOM   1185 C C   . PRO A 1 136 ? -5.857  7.068   -15.889 1.00 22.35  ? 135 PRO A C   1 
ATOM   1186 O O   . PRO A 1 136 ? -5.440  6.059   -16.437 1.00 21.26  ? 135 PRO A O   1 
ATOM   1187 C CB  . PRO A 1 136 ? -8.264  7.534   -16.359 1.00 26.30  ? 135 PRO A CB  1 
ATOM   1188 C CG  . PRO A 1 136 ? -8.665  6.730   -17.544 1.00 32.59  ? 135 PRO A CG  1 
ATOM   1189 C CD  . PRO A 1 136 ? -7.924  7.333   -18.699 1.00 26.80  ? 135 PRO A CD  1 
ATOM   1190 N N   . THR A 1 137 ? -5.553  7.440   -14.648 1.00 22.53  ? 136 THR A N   1 
ATOM   1191 C CA  . THR A 1 137 ? -4.660  6.649   -13.798 1.00 22.05  ? 136 THR A CA  1 
ATOM   1192 C C   . THR A 1 137 ? -5.304  5.308   -13.558 1.00 19.84  ? 136 THR A C   1 
ATOM   1193 O O   . THR A 1 137 ? -6.536  5.223   -13.379 1.00 24.63  ? 136 THR A O   1 
ATOM   1194 C CB  . THR A 1 137 ? -4.419  7.407   -12.499 1.00 20.98  ? 136 THR A CB  1 
ATOM   1195 O OG1 . THR A 1 137 ? -3.643  8.565   -12.785 1.00 28.34  ? 136 THR A OG1 1 
ATOM   1196 C CG2 . THR A 1 137 ? -3.607  6.534   -11.493 1.00 21.52  ? 136 THR A CG2 1 
ATOM   1197 N N   . GLN A 1 138 ? -4.515  4.242   -13.592 1.00 18.63  ? 137 GLN A N   1 
ATOM   1198 C CA  . GLN A 1 138 ? -5.000  2.917   -13.306 1.00 17.82  ? 137 GLN A CA  1 
ATOM   1199 C C   . GLN A 1 138 ? -4.530  2.587   -11.883 1.00 18.57  ? 137 GLN A C   1 
ATOM   1200 O O   . GLN A 1 138 ? -3.415  2.913   -11.536 1.00 19.08  ? 137 GLN A O   1 
ATOM   1201 C CB  . GLN A 1 138 ? -4.399  1.862   -14.268 1.00 18.37  ? 137 GLN A CB  1 
ATOM   1202 C CG  . GLN A 1 138 ? -4.942  0.471   -14.047 1.00 21.38  ? 137 GLN A CG  1 
ATOM   1203 C CD  . GLN A 1 138 ? -4.418  -0.558  -15.038 1.00 24.24  ? 137 GLN A CD  1 
ATOM   1204 O OE1 . GLN A 1 138 ? -4.000  -0.203  -16.163 1.00 28.76  ? 137 GLN A OE1 1 
ATOM   1205 N NE2 . GLN A 1 138 ? -4.384  -1.823  -14.614 1.00 25.38  ? 137 GLN A NE2 1 
ATOM   1206 N N   . GLU A 1 139 ? -5.388  1.937   -11.103 1.00 18.61  ? 138 GLU A N   1 
ATOM   1207 C CA  A GLU A 1 139 ? -5.040  1.583   -9.729  0.50 18.48  ? 138 GLU A CA  1 
ATOM   1208 C CA  B GLU A 1 139 ? -5.087  1.584   -9.714  0.50 17.48  ? 138 GLU A CA  1 
ATOM   1209 C C   . GLU A 1 139 ? -5.078  0.075   -9.519  1.00 19.00  ? 138 GLU A C   1 
ATOM   1210 O O   . GLU A 1 139 ? -5.877  -0.657  -10.141 1.00 20.31  ? 138 GLU A O   1 
ATOM   1211 C CB  A GLU A 1 139 ? -6.017  2.267   -8.760  0.50 20.47  ? 138 GLU A CB  1 
ATOM   1212 C CB  B GLU A 1 139 ? -6.183  2.183   -8.824  0.50 16.62  ? 138 GLU A CB  1 
ATOM   1213 C CG  A GLU A 1 139 ? -5.881  1.793   -7.315  0.50 26.46  ? 138 GLU A CG  1 
ATOM   1214 C CG  B GLU A 1 139 ? -6.054  3.680   -8.653  0.50 18.08  ? 138 GLU A CG  1 
ATOM   1215 C CD  A GLU A 1 139 ? -7.068  2.165   -6.456  0.50 29.78  ? 138 GLU A CD  1 
ATOM   1216 C CD  B GLU A 1 139 ? -7.127  4.271   -7.759  0.50 23.44  ? 138 GLU A CD  1 
ATOM   1217 O OE1 A GLU A 1 139 ? -7.371  3.370   -6.392  0.50 27.20  ? 138 GLU A OE1 1 
ATOM   1218 O OE1 B GLU A 1 139 ? -7.737  3.501   -6.995  0.50 23.15  ? 138 GLU A OE1 1 
ATOM   1219 O OE2 A GLU A 1 139 ? -7.671  1.252   -5.837  0.50 26.60  ? 138 GLU A OE2 1 
ATOM   1220 O OE2 B GLU A 1 139 ? -7.344  5.494   -7.835  0.50 25.75  ? 138 GLU A OE2 1 
ATOM   1221 N N   . THR A 1 140 ? -4.223  -0.422  -8.614  1.00 17.06  ? 139 THR A N   1 
ATOM   1222 C CA  . THR A 1 140 ? -4.382  -1.762  -8.103  1.00 16.74  ? 139 THR A CA  1 
ATOM   1223 C C   . THR A 1 140 ? -4.207  -1.676  -6.602  1.00 18.25  ? 139 THR A C   1 
ATOM   1224 O O   . THR A 1 140 ? -3.538  -0.760  -6.127  1.00 17.23  ? 139 THR A O   1 
ATOM   1225 C CB  . THR A 1 140 ? -3.369  -2.736  -8.723  1.00 20.45  ? 139 THR A CB  1 
ATOM   1226 O OG1 . THR A 1 140 ? -3.693  -4.090  -8.305  1.00 20.98  ? 139 THR A OG1 1 
ATOM   1227 C CG2 . THR A 1 140 ? -1.933  -2.389  -8.328  1.00 20.07  ? 139 THR A CG2 1 
ATOM   1228 N N   . LYS A 1 141 ? -4.793  -2.602  -5.862  1.00 15.44  ? 140 LYS A N   1 
ATOM   1229 C CA  . LYS A 1 141 ? -4.796  -2.478  -4.366  1.00 17.01  ? 140 LYS A CA  1 
ATOM   1230 C C   . LYS A 1 141 ? -4.574  -3.868  -3.809  1.00 15.93  ? 140 LYS A C   1 
ATOM   1231 O O   . LYS A 1 141 ? -5.196  -4.858  -4.262  1.00 17.68  ? 140 LYS A O   1 
ATOM   1232 C CB  . LYS A 1 141 ? -6.153  -1.991  -3.872  1.00 15.47  ? 140 LYS A CB  1 
ATOM   1233 C CG  . LYS A 1 141 ? -6.294  -2.012  -2.332  1.00 17.02  ? 140 LYS A CG  1 
ATOM   1234 C CD  . LYS A 1 141 ? -7.680  -1.454  -1.986  1.00 17.51  ? 140 LYS A CD  1 
ATOM   1235 C CE  . LYS A 1 141 ? -7.871  -1.327  -0.476  1.00 17.96  ? 140 LYS A CE  1 
ATOM   1236 N NZ  . LYS A 1 141 ? -9.305  -1.056  -0.105  1.00 22.10  ? 140 LYS A NZ  1 
ATOM   1237 N N   . LYS A 1 142 ? -3.695  -4.016  -2.814  1.00 14.70  ? 141 LYS A N   1 
ATOM   1238 C CA  . LYS A 1 142 ? -3.499  -5.263  -2.133  1.00 13.83  ? 141 LYS A CA  1 
ATOM   1239 C C   . LYS A 1 142 ? -3.375  -5.070  -0.619  1.00 16.56  ? 141 LYS A C   1 
ATOM   1240 O O   . LYS A 1 142 ? -2.585  -4.248  -0.130  1.00 13.12  ? 141 LYS A O   1 
ATOM   1241 C CB  . LYS A 1 142 ? -2.247  -5.976  -2.639  1.00 15.66  ? 141 LYS A CB  1 
ATOM   1242 C CG  . LYS A 1 142 ? -2.116  -7.401  -2.049  1.00 20.54  ? 141 LYS A CG  1 
ATOM   1243 C CD  . LYS A 1 142 ? -1.184  -8.392  -2.762  1.00 23.70  ? 141 LYS A CD  1 
ATOM   1244 C CE  . LYS A 1 142 ? -1.661  -8.884  -4.122  1.00 28.52  ? 141 LYS A CE  1 
ATOM   1245 N NZ  . LYS A 1 142 ? -0.552  -9.683  -4.742  1.00 26.12  ? 141 LYS A NZ  1 
ATOM   1246 N N   . ASN A 1 143 ? -4.176  -5.794  0.135   1.00 13.16  ? 142 ASN A N   1 
ATOM   1247 C CA  . ASN A 1 143 ? -4.151  -5.684  1.581   1.00 11.92  ? 142 ASN A CA  1 
ATOM   1248 C C   . ASN A 1 143 ? -2.896  -6.345  2.134   1.00 13.08  ? 142 ASN A C   1 
ATOM   1249 O O   . ASN A 1 143 ? -2.287  -7.208  1.473   1.00 14.22  ? 142 ASN A O   1 
ATOM   1250 C CB  . ASN A 1 143 ? -5.381  -6.365  2.214   1.00 12.12  ? 142 ASN A CB  1 
ATOM   1251 C CG  . ASN A 1 143 ? -6.688  -5.733  1.799   1.00 13.96  ? 142 ASN A CG  1 
ATOM   1252 O OD1 . ASN A 1 143 ? -6.786  -4.599  1.400   1.00 16.57  ? 142 ASN A OD1 1 
ATOM   1253 N ND2 . ASN A 1 143 ? -7.780  -6.538  1.974   1.00 18.80  ? 142 ASN A ND2 1 
ATOM   1254 N N   . PHE A 1 144 ? -2.466  -5.921  3.341   1.00 11.53  ? 143 PHE A N   1 
ATOM   1255 C CA  . PHE A 1 144 ? -1.530  -6.668  4.105   1.00 11.20  ? 143 PHE A CA  1 
ATOM   1256 C C   . PHE A 1 144 ? -1.929  -6.693  5.557   1.00 10.92  ? 143 PHE A C   1 
ATOM   1257 O O   . PHE A 1 144 ? -2.723  -5.841  6.000   1.00 12.38  ? 143 PHE A O   1 
ATOM   1258 C CB  . PHE A 1 144 ? -0.044  -6.191  3.929   1.00 13.36  ? 143 PHE A CB  1 
ATOM   1259 C CG  . PHE A 1 144 ? 0.224   -4.755  4.393   1.00 12.39  ? 143 PHE A CG  1 
ATOM   1260 C CD1 . PHE A 1 144 ? 0.767   -4.540  5.677   1.00 11.18  ? 143 PHE A CD1 1 
ATOM   1261 C CD2 . PHE A 1 144 ? -0.040  -3.667  3.540   1.00 11.04  ? 143 PHE A CD2 1 
ATOM   1262 C CE1 . PHE A 1 144 ? 1.054   -3.231  6.123   1.00 9.62   ? 143 PHE A CE1 1 
ATOM   1263 C CE2 . PHE A 1 144 ? 0.263   -2.349  3.995   1.00 11.30  ? 143 PHE A CE2 1 
ATOM   1264 C CZ  . PHE A 1 144 ? 0.773   -2.132  5.298   1.00 10.60  ? 143 PHE A CZ  1 
ATOM   1265 N N   . GLU A 1 145 ? -1.369  -7.639  6.301   1.00 11.07  ? 144 GLU A N   1 
ATOM   1266 C CA  . GLU A 1 145 ? -1.767  -7.870  7.663   1.00 13.81  ? 144 GLU A CA  1 
ATOM   1267 C C   . GLU A 1 145 ? -0.719  -7.345  8.610   1.00 12.58  ? 144 GLU A C   1 
ATOM   1268 O O   . GLU A 1 145 ? 0.491   -7.490  8.349   1.00 13.13  ? 144 GLU A O   1 
ATOM   1269 C CB  . GLU A 1 145 ? -1.970  -9.369  7.916   1.00 16.36  ? 144 GLU A CB  1 
ATOM   1270 C CG  . GLU A 1 145 ? -3.143  -9.921  7.093   1.00 17.68  ? 144 GLU A CG  1 
ATOM   1271 C CD  . GLU A 1 145 ? -4.413  -9.092  7.234   1.00 16.09  ? 144 GLU A CD  1 
ATOM   1272 O OE1 . GLU A 1 145 ? -4.905  -8.981  8.382   1.00 21.32  ? 144 GLU A OE1 1 
ATOM   1273 O OE2 . GLU A 1 145 ? -4.943  -8.599  6.225   1.00 18.67  ? 144 GLU A OE2 1 
ATOM   1274 N N   . VAL A 1 146 ? -1.201  -6.835  9.751   1.00 12.71  ? 145 VAL A N   1 
ATOM   1275 C CA  . VAL A 1 146 ? -0.282  -6.282  10.767  1.00 11.94  ? 145 VAL A CA  1 
ATOM   1276 C C   . VAL A 1 146 ? -0.584  -6.815  12.151  1.00 12.29  ? 145 VAL A C   1 
ATOM   1277 O O   . VAL A 1 146 ? -1.674  -7.364  12.423  1.00 14.62  ? 145 VAL A O   1 
ATOM   1278 C CB  . VAL A 1 146 ? -0.329  -4.722  10.756  1.00 12.82  ? 145 VAL A CB  1 
ATOM   1279 C CG1 . VAL A 1 146 ? 0.095   -4.169  9.373   1.00 13.09  ? 145 VAL A CG1 1 
ATOM   1280 C CG2 . VAL A 1 146 ? -1.725  -4.225  11.141  1.00 12.15  ? 145 VAL A CG2 1 
ATOM   1281 N N   . VAL A 1 147 ? 0.348   -6.603  13.065  1.00 11.81  ? 146 VAL A N   1 
ATOM   1282 C CA  . VAL A 1 147 ? 0.198   -6.968  14.490  1.00 12.70  ? 146 VAL A CA  1 
ATOM   1283 C C   . VAL A 1 147 ? 0.918   -5.905  15.339  1.00 11.56  ? 146 VAL A C   1 
ATOM   1284 O O   . VAL A 1 147 ? 2.071   -5.523  15.058  1.00 13.35  ? 146 VAL A O   1 
ATOM   1285 C CB  . VAL A 1 147 ? 0.712   -8.420  14.777  1.00 15.05  ? 146 VAL A CB  1 
ATOM   1286 C CG1 . VAL A 1 147 ? 2.216   -8.537  14.566  1.00 17.29  ? 146 VAL A CG1 1 
ATOM   1287 C CG2 . VAL A 1 147 ? 0.383   -8.772  16.246  1.00 17.67  ? 146 VAL A CG2 1 
ATOM   1288 N N   . ASP A 1 148 ? 0.264   -5.441  16.406  1.00 13.17  ? 147 ASP A N   1 
ATOM   1289 C CA  . ASP A 1 148 ? 0.951   -4.560  17.338  1.00 12.91  ? 147 ASP A CA  1 
ATOM   1290 C C   . ASP A 1 148 ? 2.135   -5.284  17.962  1.00 14.51  ? 147 ASP A C   1 
ATOM   1291 O O   . ASP A 1 148 ? 2.016   -6.469  18.348  1.00 15.19  ? 147 ASP A O   1 
ATOM   1292 C CB  . ASP A 1 148 ? 0.034   -4.219  18.541  1.00 12.40  ? 147 ASP A CB  1 
ATOM   1293 C CG  . ASP A 1 148 ? -1.027  -3.191  18.257  1.00 14.18  ? 147 ASP A CG  1 
ATOM   1294 O OD1 . ASP A 1 148 ? -1.254  -2.816  17.101  1.00 13.15  ? 147 ASP A OD1 1 
ATOM   1295 O OD2 . ASP A 1 148 ? -1.690  -2.766  19.267  1.00 17.60  ? 147 ASP A OD2 1 
ATOM   1296 N N   A LEU A 1 149 ? 3.280   -4.607  18.016  0.50 14.09  ? 148 LEU A N   1 
ATOM   1297 N N   B LEU A 1 149 ? 3.201   -4.552  18.176  0.50 14.55  ? 148 LEU A N   1 
ATOM   1298 C CA  A LEU A 1 149 ? 4.426   -5.084  18.832  0.50 15.55  ? 148 LEU A CA  1 
ATOM   1299 C CA  B LEU A 1 149 ? 4.361   -5.143  18.807  0.50 17.72  ? 148 LEU A CA  1 
ATOM   1300 C C   A LEU A 1 149 ? 4.749   -3.950  19.730  0.50 18.99  ? 148 LEU A C   1 
ATOM   1301 C C   B LEU A 1 149 ? 4.820   -4.036  19.719  0.50 20.00  ? 148 LEU A C   1 
ATOM   1302 O O   A LEU A 1 149 ? 5.312   -2.941  19.289  0.50 22.35  ? 148 LEU A O   1 
ATOM   1303 O O   B LEU A 1 149 ? 5.485   -3.102  19.257  0.50 21.00  ? 148 LEU A O   1 
ATOM   1304 C CB  A LEU A 1 149 ? 5.671   -5.290  17.966  0.50 17.21  ? 148 LEU A CB  1 
ATOM   1305 C CB  B LEU A 1 149 ? 5.376   -5.422  17.688  0.50 20.50  ? 148 LEU A CB  1 
ATOM   1306 C CG  A LEU A 1 149 ? 5.613   -6.345  16.893  0.50 14.70  ? 148 LEU A CG  1 
ATOM   1307 C CG  B LEU A 1 149 ? 6.726   -5.979  18.057  0.50 27.62  ? 148 LEU A CG  1 
ATOM   1308 C CD1 A LEU A 1 149 ? 6.933   -6.373  16.111  0.50 16.90  ? 148 LEU A CD1 1 
ATOM   1309 C CD1 B LEU A 1 149 ? 6.512   -7.435  18.428  0.50 30.09  ? 148 LEU A CD1 1 
ATOM   1310 C CD2 A LEU A 1 149 ? 5.331   -7.717  17.481  0.50 17.03  ? 148 LEU A CD2 1 
ATOM   1311 C CD2 B LEU A 1 149 ? 7.601   -5.840  16.825  0.50 21.03  ? 148 LEU A CD2 1 
ATOM   1312 N N   . VAL A 1 150 ? 4.407   -4.103  20.988  1.00 20.30  ? 149 VAL A N   1 
ATOM   1313 C CA  . VAL A 1 150 ? 4.533   -2.960  21.878  1.00 25.59  ? 149 VAL A CA  1 
ATOM   1314 C C   . VAL A 1 150 ? 5.065   -3.442  23.212  1.00 31.05  ? 149 VAL A C   1 
ATOM   1315 O O   . VAL A 1 150 ? 5.181   -4.644  23.428  1.00 31.58  ? 149 VAL A O   1 
ATOM   1316 C CB  . VAL A 1 150 ? 3.196   -2.185  22.040  1.00 25.28  ? 149 VAL A CB  1 
ATOM   1317 C CG1 . VAL A 1 150 ? 2.799   -1.446  20.733  1.00 22.97  ? 149 VAL A CG1 1 
ATOM   1318 C CG2 . VAL A 1 150 ? 2.089   -3.118  22.542  1.00 29.78  ? 149 VAL A CG2 1 
ATOM   1319 O OXT . VAL A 1 150 ? 5.405   -2.599  24.054  1.00 33.40  ? 149 VAL A OXT 1 
HETATM 1320 O O   . HOH B 2 .   ? -3.435  6.947   -24.587 1.00 26.58  ? 201 HOH A O   1 
HETATM 1321 O O   . HOH B 2 .   ? 0.321   -9.487  4.754   1.00 18.11  ? 202 HOH A O   1 
HETATM 1322 O O   . HOH B 2 .   ? -6.483  2.260   5.344   1.00 14.62  ? 203 HOH A O   1 
HETATM 1323 O O   . HOH B 2 .   ? -2.231  -5.813  -6.686  1.00 22.40  ? 204 HOH A O   1 
HETATM 1324 O O   . HOH B 2 .   ? -10.425 0.527   9.764   1.00 21.73  ? 205 HOH A O   1 
HETATM 1325 O O   . HOH B 2 .   ? -6.694  -4.523  4.731   1.00 15.89  ? 206 HOH A O   1 
HETATM 1326 O O   . HOH B 2 .   ? -3.673  -1.179  18.769  1.00 14.97  ? 207 HOH A O   1 
HETATM 1327 O O   . HOH B 2 .   ? -3.519  6.441   5.149   1.00 18.52  ? 208 HOH A O   1 
HETATM 1328 O O   . HOH B 2 .   ? 1.734   3.973   16.076  1.00 13.89  ? 209 HOH A O   1 
HETATM 1329 O O   . HOH B 2 .   ? -4.240  -6.658  9.801   1.00 15.16  ? 210 HOH A O   1 
HETATM 1330 O O   . HOH B 2 .   ? 9.202   -6.857  4.147   1.00 17.68  ? 211 HOH A O   1 
HETATM 1331 O O   . HOH B 2 .   ? 6.367   -0.564  19.132  1.00 18.50  ? 212 HOH A O   1 
HETATM 1332 O O   . HOH B 2 .   ? -5.639  -2.511  -12.072 1.00 28.78  ? 213 HOH A O   1 
HETATM 1333 O O   . HOH B 2 .   ? 8.485   6.826   -16.162 1.00 21.45  ? 214 HOH A O   1 
HETATM 1334 O O   . HOH B 2 .   ? -8.966  -3.140  2.197   1.00 18.56  ? 215 HOH A O   1 
HETATM 1335 O O   . HOH B 2 .   ? 8.174   -8.957  -4.274  1.00 27.59  ? 216 HOH A O   1 
HETATM 1336 O O   . HOH B 2 .   ? -0.035  -7.700  19.632  1.00 22.44  ? 217 HOH A O   1 
HETATM 1337 O O   . HOH B 2 .   ? -11.811 6.196   30.397  1.00 23.62  ? 218 HOH A O   1 
HETATM 1338 O O   . HOH B 2 .   ? -4.238  -9.430  3.704   1.00 23.50  ? 219 HOH A O   1 
HETATM 1339 O O   . HOH B 2 .   ? 10.002  -3.565  15.285  1.00 22.91  ? 220 HOH A O   1 
HETATM 1340 O O   . HOH B 2 .   ? 12.084  -2.431  -22.106 1.00 32.72  ? 221 HOH A O   1 
HETATM 1341 O O   . HOH B 2 .   ? 5.564   -5.994  -20.859 1.00 22.36  ? 222 HOH A O   1 
HETATM 1342 O O   . HOH B 2 .   ? -10.488 -0.251  2.338   1.00 25.23  ? 223 HOH A O   1 
HETATM 1343 O O   . HOH B 2 .   ? -16.818 9.394   24.264  1.00 16.45  ? 224 HOH A O   1 
HETATM 1344 O O   . HOH B 2 .   ? 8.557   5.008   -14.173 1.00 20.48  ? 225 HOH A O   1 
HETATM 1345 O O   . HOH B 2 .   ? -1.073  -1.528  21.541  1.00 29.26  ? 226 HOH A O   1 
HETATM 1346 O O   . HOH B 2 .   ? 1.864   5.259   -24.571 1.00 20.60  ? 227 HOH A O   1 
HETATM 1347 O O   . HOH B 2 .   ? 11.431  2.278   -6.403  1.00 23.13  ? 228 HOH A O   1 
HETATM 1348 O O   . HOH B 2 .   ? 2.111   -7.947  -12.852 1.00 30.14  ? 229 HOH A O   1 
HETATM 1349 O O   . HOH B 2 .   ? -6.999  9.720   -13.663 1.00 37.40  ? 230 HOH A O   1 
HETATM 1350 O O   . HOH B 2 .   ? -22.376 8.926   24.853  1.00 22.73  ? 231 HOH A O   1 
HETATM 1351 O O   . HOH B 2 .   ? 12.967  -0.456  -8.433  1.00 23.85  ? 232 HOH A O   1 
HETATM 1352 O O   . HOH B 2 .   ? -13.215 7.454   27.062  1.00 26.01  ? 233 HOH A O   1 
HETATM 1353 O O   . HOH B 2 .   ? -3.002  4.738   -16.706 1.00 23.28  ? 234 HOH A O   1 
HETATM 1354 O O   . HOH B 2 .   ? 3.051   -2.510  -29.717 1.00 28.22  ? 235 HOH A O   1 
HETATM 1355 O O   . HOH B 2 .   ? 5.299   9.389   2.843   1.00 20.72  ? 236 HOH A O   1 
HETATM 1356 O O   . HOH B 2 .   ? -17.649 -1.871  24.622  1.00 29.35  ? 237 HOH A O   1 
HETATM 1357 O O   . HOH B 2 .   ? 1.034   8.302   -3.975  1.00 32.74  ? 238 HOH A O   1 
HETATM 1358 O O   . HOH B 2 .   ? -4.836  -7.444  12.390  1.00 30.04  ? 239 HOH A O   1 
HETATM 1359 O O   . HOH B 2 .   ? 0.226   -15.586 7.783   1.00 38.67  ? 240 HOH A O   1 
HETATM 1360 O O   . HOH B 2 .   ? 2.420   11.368  -12.501 1.00 39.80  ? 241 HOH A O   1 
HETATM 1361 O O   . HOH B 2 .   ? -3.695  4.632   19.590  1.00 18.33  ? 242 HOH A O   1 
HETATM 1362 O O   . HOH B 2 .   ? 12.994  -2.716  -1.302  1.00 44.63  ? 243 HOH A O   1 
HETATM 1363 O O   . HOH B 2 .   ? 6.834   1.047   21.125  1.00 26.68  ? 244 HOH A O   1 
HETATM 1364 O O   . HOH B 2 .   ? -3.814  -4.561  -15.564 1.00 35.81  ? 245 HOH A O   1 
HETATM 1365 O O   . HOH B 2 .   ? 1.951   -10.479 -2.611  1.00 25.09  ? 246 HOH A O   1 
HETATM 1366 O O   . HOH B 2 .   ? -3.559  2.954   21.547  1.00 19.06  ? 247 HOH A O   1 
HETATM 1367 O O   . HOH B 2 .   ? 1.650   5.963   17.869  1.00 22.17  ? 248 HOH A O   1 
HETATM 1368 O O   . HOH B 2 .   ? 14.269  -1.023  7.584   1.00 32.07  ? 249 HOH A O   1 
HETATM 1369 O O   . HOH B 2 .   ? -10.804 -3.435  -1.043  1.00 35.19  ? 250 HOH A O   1 
HETATM 1370 O O   . HOH B 2 .   ? 3.601   11.628  2.577   1.00 31.32  ? 251 HOH A O   1 
HETATM 1371 O O   . HOH B 2 .   ? -1.261  2.546   22.999  1.00 22.57  ? 252 HOH A O   1 
HETATM 1372 O O   . HOH B 2 .   ? -4.036  0.195   21.162  1.00 22.95  ? 253 HOH A O   1 
HETATM 1373 O O   . HOH B 2 .   ? 8.219   8.898   -12.628 1.00 27.03  ? 254 HOH A O   1 
HETATM 1374 O O   . HOH B 2 .   ? 7.699   6.273   -11.843 1.00 18.28  ? 255 HOH A O   1 
HETATM 1375 O O   . HOH B 2 .   ? -3.738  2.098   -17.838 1.00 33.62  ? 256 HOH A O   1 
HETATM 1376 O O   . HOH B 2 .   ? 12.436  -4.355  -14.019 1.00 27.32  ? 257 HOH A O   1 
HETATM 1377 O O   . HOH B 2 .   ? -2.659  -7.479  18.799  1.00 27.53  ? 258 HOH A O   1 
HETATM 1378 O O   . HOH B 2 .   ? -5.757  -0.309  23.101  1.00 41.84  ? 259 HOH A O   1 
HETATM 1379 O O   . HOH B 2 .   ? 0.162   -10.493 19.303  1.00 40.05  ? 260 HOH A O   1 
HETATM 1380 O O   . HOH B 2 .   ? 11.527  0.747   12.611  1.00 35.26  ? 261 HOH A O   1 
HETATM 1381 O O   . HOH B 2 .   ? -3.694  -6.070  -22.513 1.00 42.39  ? 262 HOH A O   1 
HETATM 1382 O O   . HOH B 2 .   ? -5.042  12.086  6.269   1.00 44.62  ? 263 HOH A O   1 
HETATM 1383 O O   . HOH B 2 .   ? 7.874   5.010   14.464  1.00 29.53  ? 264 HOH A O   1 
HETATM 1384 O O   . HOH B 2 .   ? 3.618   -11.956 12.892  1.00 29.06  ? 265 HOH A O   1 
HETATM 1385 O O   . HOH B 2 .   ? 6.204   3.607   20.624  1.00 37.63  ? 266 HOH A O   1 
HETATM 1386 O O   . HOH B 2 .   ? -5.941  -7.727  -1.107  1.00 24.02  ? 267 HOH A O   1 
HETATM 1387 O O   . HOH B 2 .   ? -1.024  -3.306  -22.212 1.00 25.13  ? 268 HOH A O   1 
HETATM 1388 O O   . HOH B 2 .   ? -7.280  -3.903  -7.100  1.00 30.09  ? 269 HOH A O   1 
HETATM 1389 O O   . HOH B 2 .   ? -8.268  -1.175  -7.255  1.00 38.83  ? 270 HOH A O   1 
HETATM 1390 O O   . HOH B 2 .   ? -0.574  -1.017  -22.471 1.00 48.48  ? 271 HOH A O   1 
HETATM 1391 O O   . HOH B 2 .   ? -14.302 7.577   11.706  1.00 40.16  ? 272 HOH A O   1 
HETATM 1392 O O   . HOH B 2 .   ? -2.685  8.556   -16.211 1.00 22.80  ? 273 HOH A O   1 
HETATM 1393 O O   . HOH B 2 .   ? 9.330   2.632   -1.476  1.00 21.52  ? 274 HOH A O   1 
HETATM 1394 O O   . HOH B 2 .   ? -2.299  -14.048 7.941   1.00 33.46  ? 275 HOH A O   1 
HETATM 1395 O O   . HOH B 2 .   ? -2.739  -9.460  13.567  1.00 32.45  ? 276 HOH A O   1 
HETATM 1396 O O   . HOH B 2 .   ? 11.515  -4.691  -2.469  1.00 33.37  ? 277 HOH A O   1 
HETATM 1397 O O   . HOH B 2 .   ? 8.596   10.018  -24.484 1.00 37.59  ? 278 HOH A O   1 
HETATM 1398 O O   . HOH B 2 .   ? -8.182  1.487   -11.934 1.00 28.01  ? 279 HOH A O   1 
HETATM 1399 O O   . HOH B 2 .   ? -3.283  -7.054  -13.206 1.00 34.15  ? 280 HOH A O   1 
HETATM 1400 O O   . HOH B 2 .   ? 0.515   0.406   22.696  1.00 34.17  ? 281 HOH A O   1 
HETATM 1401 O O   . HOH B 2 .   ? -6.951  5.786   3.421   1.00 31.39  ? 282 HOH A O   1 
HETATM 1402 O O   . HOH B 2 .   ? 4.084   10.254  -5.111  1.00 40.33  ? 283 HOH A O   1 
HETATM 1403 O O   . HOH B 2 .   ? 4.762   -4.890  -29.833 1.00 38.90  ? 284 HOH A O   1 
HETATM 1404 O O   . HOH B 2 .   ? 9.471   -9.336  3.393   1.00 36.60  ? 285 HOH A O   1 
HETATM 1405 O O   . HOH B 2 .   ? -4.993  -5.638  -14.405 1.00 53.13  ? 286 HOH A O   1 
HETATM 1406 O O   . HOH B 2 .   ? -1.725  9.105   -3.020  1.00 40.41  ? 287 HOH A O   1 
HETATM 1407 O O   . HOH B 2 .   ? -6.787  6.991   1.309   1.00 40.00  ? 288 HOH A O   1 
HETATM 1408 O O   . HOH B 2 .   ? -9.343  0.087   22.775  1.00 41.80  ? 289 HOH A O   1 
HETATM 1409 O O   . HOH B 2 .   ? 3.160   1.090   22.464  1.00 34.59  ? 290 HOH A O   1 
HETATM 1410 O O   . HOH B 2 .   ? 0.227   -11.027 -0.543  1.00 31.58  ? 291 HOH A O   1 
HETATM 1411 O O   . HOH B 2 .   ? 4.027   -8.788  -22.205 1.00 33.80  ? 292 HOH A O   1 
HETATM 1412 O O   . HOH B 2 .   ? 1.271   -12.354 14.400  1.00 35.53  ? 293 HOH A O   1 
HETATM 1413 O O   . HOH B 2 .   ? 7.471   11.071  -16.251 1.00 37.49  ? 294 HOH A O   1 
HETATM 1414 O O   . HOH B 2 .   ? -1.405  13.039  7.103   1.00 35.40  ? 295 HOH A O   1 
HETATM 1415 O O   . HOH B 2 .   ? -8.547  4.630   -4.784  1.00 41.05  ? 296 HOH A O   1 
HETATM 1416 O O   . HOH B 2 .   ? -10.022 1.299   -4.101  1.00 48.02  ? 297 HOH A O   1 
HETATM 1417 O O   . HOH B 2 .   ? 11.893  -6.109  -25.076 1.00 44.95  ? 298 HOH A O   1 
HETATM 1418 O O   . HOH B 2 .   ? 5.787   0.286   23.474  1.00 35.20  ? 299 HOH A O   1 
HETATM 1419 O O   . HOH B 2 .   ? -1.051  -12.580 6.012   1.00 38.58  ? 300 HOH A O   1 
HETATM 1420 O O   . HOH B 2 .   ? 12.003  2.326   -0.447  1.00 40.77  ? 301 HOH A O   1 
HETATM 1421 O O   . HOH B 2 .   ? 11.981  -3.955  12.981  1.00 33.44  ? 302 HOH A O   1 
HETATM 1422 O O   . HOH B 2 .   ? 12.152  -6.133  4.202   1.00 32.12  ? 303 HOH A O   1 
HETATM 1423 O O   . HOH B 2 .   ? 9.933   8.773   -14.734 1.00 43.87  ? 304 HOH A O   1 
HETATM 1424 O O   . HOH B 2 .   ? -4.369  -8.039  20.861  1.00 37.60  ? 305 HOH A O   1 
HETATM 1425 O O   . HOH B 2 .   ? -9.643  1.900   -0.914  1.00 43.20  ? 306 HOH A O   1 
HETATM 1426 O O   . HOH B 2 .   ? 5.420   11.566  -8.968  1.00 42.91  ? 307 HOH A O   1 
HETATM 1427 O O   . HOH B 2 .   ? -4.536  -7.360  -5.252  1.00 40.49  ? 308 HOH A O   1 
HETATM 1428 O O   . HOH B 2 .   ? 8.794   -6.506  -27.386 1.00 41.63  ? 309 HOH A O   1 
HETATM 1429 O O   . HOH B 2 .   ? 14.250  3.873   9.554   1.00 48.74  ? 310 HOH A O   1 
HETATM 1430 O O   . HOH B 2 .   ? -2.902  -9.566  0.456   1.00 34.42  ? 311 HOH A O   1 
HETATM 1431 O O   . HOH B 2 .   ? -1.710  -11.103 3.803   1.00 44.66  ? 312 HOH A O   1 
HETATM 1432 O O   . HOH B 2 .   ? -4.954  -5.012  7.486   1.00 15.28  ? 313 HOH A O   1 
HETATM 1433 O O   . HOH B 2 .   ? 3.215   -6.994  21.557  1.00 28.29  ? 314 HOH A O   1 
HETATM 1434 O O   . HOH B 2 .   ? -14.051 8.754   25.121  1.00 22.65  ? 315 HOH A O   1 
HETATM 1435 O O   . HOH B 2 .   ? 7.116   -8.667  2.242   1.00 21.40  ? 316 HOH A O   1 
HETATM 1436 O O   . HOH B 2 .   ? 10.511  4.337   2.717   1.00 31.05  ? 317 HOH A O   1 
HETATM 1437 O O   . HOH B 2 .   ? -9.099  2.733   5.137   1.00 36.21  ? 318 HOH A O   1 
HETATM 1438 O O   . HOH B 2 .   ? -2.117  12.864  -20.548 1.00 44.46  ? 319 HOH A O   1 
HETATM 1439 O O   . HOH B 2 .   ? -22.666 9.330   29.274  1.00 34.80  ? 320 HOH A O   1 
HETATM 1440 O O   . HOH B 2 .   ? -15.037 -2.592  25.825  1.00 43.27  ? 321 HOH A O   1 
HETATM 1441 O O   . HOH B 2 .   ? -10.675 -5.740  1.674   1.00 46.27  ? 322 HOH A O   1 
HETATM 1442 O O   . HOH B 2 .   ? 3.327   3.570   22.211  1.00 36.64  ? 323 HOH A O   1 
HETATM 1443 O O   . HOH B 2 .   ? 11.814  -8.266  2.130   1.00 47.78  ? 324 HOH A O   1 
HETATM 1444 O O   . HOH B 2 .   ? -1.361  -11.790 14.289  1.00 38.76  ? 325 HOH A O   1 
HETATM 1445 O O   . HOH B 2 .   ? 6.921   11.389  -11.606 1.00 39.65  ? 326 HOH A O   1 
HETATM 1446 O O   . HOH B 2 .   ? 0.600   -6.885  22.071  1.00 39.79  ? 327 HOH A O   1 
HETATM 1447 O O   . HOH B 2 .   ? -19.450 -3.455  25.718  1.00 40.34  ? 328 HOH A O   1 
HETATM 1448 O O   . HOH B 2 .   ? 2.094   -12.612 -4.344  1.00 41.93  ? 329 HOH A O   1 
HETATM 1449 O O   . HOH B 2 .   ? -1.938  -11.881 17.245  1.00 45.37  ? 330 HOH A O   1 
HETATM 1450 O O   . HOH B 2 .   ? 14.079  -1.891  -10.866 1.00 53.27  ? 331 HOH A O   1 
HETATM 1451 O O   . HOH B 2 .   ? -24.909 4.920   22.542  1.00 44.60  ? 332 HOH A O   1 
HETATM 1452 O O   . HOH B 2 .   ? 8.183   -4.113  -28.634 1.00 39.56  ? 333 HOH A O   1 
HETATM 1453 O O   . HOH B 2 .   ? 1.162   -0.069  25.202  1.00 51.49  ? 334 HOH A O   1 
HETATM 1454 O O   . HOH B 2 .   ? -6.407  7.672   -9.067  1.00 49.89  ? 335 HOH A O   1 
HETATM 1455 O O   . HOH B 2 .   ? -4.176  9.135   -8.771  1.00 39.02  ? 336 HOH A O   1 
HETATM 1456 O O   . HOH B 2 .   ? -4.148  -2.547  -22.936 1.00 46.24  ? 337 HOH A O   1 
HETATM 1457 O O   . HOH B 2 .   ? -3.610  9.561   -6.433  1.00 52.68  ? 338 HOH A O   1 
HETATM 1458 O O   . HOH B 2 .   ? 13.243  4.376   -0.940  1.00 49.57  ? 339 HOH A O   1 
HETATM 1459 O O   . HOH B 2 .   ? -10.923 -0.095  24.662  1.00 48.02  ? 340 HOH A O   1 
HETATM 1460 O O   . HOH B 2 .   ? -6.982  5.945   -1.385  1.00 35.05  ? 341 HOH A O   1 
HETATM 1461 O O   . HOH B 2 .   ? -8.681  -4.853  16.401  1.00 35.78  ? 342 HOH A O   1 
HETATM 1462 O O   . HOH B 2 .   ? 4.261   -13.632 9.810   1.00 30.26  ? 343 HOH A O   1 
HETATM 1463 O O   . HOH B 2 .   ? -0.585  11.251  -25.292 1.00 28.78  ? 344 HOH A O   1 
HETATM 1464 O O   . HOH B 2 .   ? 4.859   -13.710 -4.856  1.00 48.40  ? 345 HOH A O   1 
HETATM 1465 O O   . HOH B 2 .   ? 12.013  3.213   4.710   1.00 43.92  ? 346 HOH A O   1 
HETATM 1466 O O   . HOH B 2 .   ? -7.901  9.846   11.592  0.50 18.62  ? 347 HOH A O   1 
HETATM 1467 O O   . HOH B 2 .   ? 5.458   5.750   16.148  1.00 36.26  ? 348 HOH A O   1 
HETATM 1468 O O   . HOH B 2 .   ? 1.421   10.166  -5.300  1.00 37.20  ? 349 HOH A O   1 
HETATM 1469 O O   . HOH B 2 .   ? -6.321  6.912   -3.277  1.00 52.78  ? 350 HOH A O   1 
HETATM 1470 O O   . HOH B 2 .   ? 4.285   4.973   20.342  1.00 40.11  ? 351 HOH A O   1 
HETATM 1471 O O   . HOH B 2 .   ? 10.798  9.768   -3.652  1.00 48.49  ? 352 HOH A O   1 
HETATM 1472 O O   . HOH B 2 .   ? -18.997 -1.849  28.201  1.00 41.76  ? 353 HOH A O   1 
HETATM 1473 O O   . HOH B 2 .   ? -23.560 9.805   26.835  1.00 50.60  ? 354 HOH A O   1 
HETATM 1474 O O   . HOH B 2 .   ? -11.078 -6.681  16.003  1.00 46.32  ? 355 HOH A O   1 
HETATM 1475 O O   . HOH B 2 .   ? 14.504  0.520   -3.656  1.00 51.75  ? 356 HOH A O   1 
HETATM 1476 O O   . HOH B 2 .   ? -8.747  6.631   -13.004 1.00 52.76  ? 357 HOH A O   1 
HETATM 1477 O O   . HOH B 2 .   ? -3.267  12.961  5.015   1.00 55.03  ? 358 HOH A O   1 
HETATM 1478 O O   . HOH B 2 .   ? -11.071 1.796   7.402   1.00 42.15  ? 359 HOH A O   1 
HETATM 1479 O O   . HOH B 2 .   ? 0.781   12.895  5.369   1.00 38.81  ? 360 HOH A O   1 
HETATM 1480 O O   . HOH B 2 .   ? 14.101  -4.892  0.379   1.00 49.98  ? 361 HOH A O   1 
HETATM 1481 O O   . HOH B 2 .   ? -9.697  3.642   -10.787 1.00 55.35  ? 362 HOH A O   1 
HETATM 1482 O O   . HOH B 2 .   ? -11.276 3.489   -5.607  1.00 59.47  ? 363 HOH A O   1 
HETATM 1483 O O   . HOH B 2 .   ? -12.175 -0.196  6.254   1.00 46.97  ? 364 HOH A O   1 
HETATM 1484 O O   . HOH B 2 .   ? 2.608   -9.795  -11.149 1.00 40.22  ? 365 HOH A O   1 
HETATM 1485 O O   . HOH B 2 .   ? -3.957  -8.443  -21.751 1.00 49.66  ? 366 HOH A O   1 
HETATM 1486 O O   . HOH B 2 .   ? -11.046 -4.454  8.301   1.00 29.76  ? 367 HOH A O   1 
HETATM 1487 O O   . HOH B 2 .   ? -0.490  -9.356  1.389   1.00 40.54  ? 368 HOH A O   1 
HETATM 1488 O O   . HOH B 2 .   ? 13.450  2.284   -23.458 1.00 47.70  ? 369 HOH A O   1 
HETATM 1489 O O   . HOH B 2 .   ? -8.250  -4.733  -1.118  1.00 39.59  ? 370 HOH A O   1 
HETATM 1490 O O   . HOH B 2 .   ? 7.069   -12.565 -3.675  1.00 41.97  ? 371 HOH A O   1 
HETATM 1491 O O   . HOH B 2 .   ? -8.617  2.397   22.412  1.00 41.63  ? 372 HOH A O   1 
HETATM 1492 O O   . HOH B 2 .   ? -6.976  -9.406  2.596   1.00 34.66  ? 373 HOH A O   1 
HETATM 1493 O O   . HOH B 2 .   ? -3.550  -9.414  16.549  1.00 46.29  ? 374 HOH A O   1 
HETATM 1494 O O   . HOH B 2 .   ? 9.988   8.315   -23.408 1.00 44.10  ? 375 HOH A O   1 
HETATM 1495 O O   . HOH B 2 .   ? 13.062  3.103   2.268   1.00 56.18  ? 376 HOH A O   1 
HETATM 1496 O O   . HOH B 2 .   ? 14.235  1.474   -6.310  1.00 46.26  ? 377 HOH A O   1 
HETATM 1497 O O   . HOH B 2 .   ? 13.722  -6.795  -13.549 1.00 56.81  ? 378 HOH A O   1 
HETATM 1498 O O   . HOH B 2 .   ? -7.755  6.843   -5.107  1.00 54.10  ? 379 HOH A O   1 
HETATM 1499 O O   . HOH B 2 .   ? 2.791   -9.775  2.924   1.00 26.61  ? 380 HOH A O   1 
HETATM 1500 O O   . HOH B 2 .   ? 10.880  9.029   -6.466  1.00 38.80  ? 381 HOH A O   1 
HETATM 1501 O O   . HOH B 2 .   ? 9.835   -12.694 -3.097  1.00 51.34  ? 382 HOH A O   1 
HETATM 1502 O O   . HOH B 2 .   ? -2.369  11.251  8.781   1.00 32.53  ? 383 HOH A O   1 
HETATM 1503 O O   . HOH B 2 .   ? 3.075   10.488  5.581   1.00 26.12  ? 384 HOH A O   1 
HETATM 1504 O O   . HOH B 2 .   ? -4.580  -4.875  -11.556 1.00 35.12  ? 385 HOH A O   1 
HETATM 1505 O O   . HOH B 2 .   ? -14.860 4.387   15.462  1.00 31.73  ? 386 HOH A O   1 
HETATM 1506 O O   . HOH B 2 .   ? -6.596  -6.674  14.486  1.00 34.53  ? 387 HOH A O   1 
HETATM 1507 O O   . HOH B 2 .   ? -7.008  3.542   -16.512 1.00 44.51  ? 388 HOH A O   1 
HETATM 1508 O O   . HOH B 2 .   ? -18.333 -1.227  9.072   0.50 44.46  ? 389 HOH A O   1 
HETATM 1509 O O   . HOH B 2 .   ? 12.844  -4.362  -17.253 1.00 56.77  ? 390 HOH A O   1 
HETATM 1510 O O   . HOH B 2 .   ? 12.919  -5.893  -8.679  1.00 55.01  ? 391 HOH A O   1 
HETATM 1511 O O   . HOH B 2 .   ? 10.878  10.287  -8.554  1.00 50.79  ? 392 HOH A O   1 
HETATM 1512 O O   . HOH B 2 .   ? -8.994  -2.241  15.695  1.00 46.47  ? 393 HOH A O   1 
HETATM 1513 O O   . HOH B 2 .   ? -7.188  7.578   4.864   1.00 53.65  ? 394 HOH A O   1 
HETATM 1514 O O   . HOH B 2 .   ? 8.365   21.564  -17.547 1.00 52.74  ? 395 HOH A O   1 
HETATM 1515 O O   . HOH B 2 .   ? 11.145  -9.467  -18.043 1.00 43.32  ? 396 HOH A O   1 
HETATM 1516 O O   . HOH B 2 .   ? 6.519   22.680  -15.754 1.00 52.39  ? 397 HOH A O   1 
HETATM 1517 O O   . HOH B 2 .   ? -8.763  -0.354  -10.241 1.00 58.47  ? 398 HOH A O   1 
HETATM 1518 O O   . HOH B 2 .   ? 9.217   -15.295 0.119   1.00 49.97  ? 399 HOH A O   1 
HETATM 1519 O O   . HOH B 2 .   ? 13.595  8.774   -5.732  1.00 57.91  ? 400 HOH A O   1 
HETATM 1520 O O   . HOH B 2 .   ? -6.187  -8.373  16.703  1.00 48.08  ? 401 HOH A O   1 
HETATM 1521 O O   . HOH B 2 .   ? 0.821   15.762  6.001   1.00 53.07  ? 402 HOH A O   1 
HETATM 1522 O O   . HOH B 2 .   ? 12.573  -2.119  10.814  1.00 36.68  ? 403 HOH A O   1 
HETATM 1523 O O   . HOH B 2 .   ? 7.376   10.892  0.315   1.00 57.31  ? 404 HOH A O   1 
HETATM 1524 O O   . HOH B 2 .   ? 0.874   -12.083 -6.674  1.00 60.61  ? 405 HOH A O   1 
HETATM 1525 O O   . HOH B 2 .   ? -10.292 -5.201  4.933   1.00 56.67  ? 406 HOH A O   1 
HETATM 1526 O O   . HOH B 2 .   ? 11.703  -8.671  -14.506 1.00 50.66  ? 407 HOH A O   1 
HETATM 1527 O O   . HOH B 2 .   ? -7.023  10.868  9.088   1.00 42.90  ? 408 HOH A O   1 
HETATM 1528 O O   . HOH B 2 .   ? 3.211   6.412   9.586   1.00 25.36  ? 409 HOH A O   1 
HETATM 1529 O O   . HOH B 2 .   ? 2.633   7.247   8.345   1.00 20.91  ? 410 HOH A O   1 
HETATM 1530 O O   . HOH B 2 .   ? -0.962  6.577   -23.048 1.00 44.69  ? 411 HOH A O   1 
HETATM 1531 O O   . HOH B 2 .   ? 0.332   5.393   -22.577 1.00 29.62  ? 412 HOH A O   1 
HETATM 1532 O O   . HOH B 2 .   ? -1.439  8.670   8.844   1.00 29.71  ? 413 HOH A O   1 
HETATM 1533 O O   . HOH B 2 .   ? 1.126   -9.809  2.707   1.00 43.50  ? 414 HOH A O   1 
HETATM 1534 O O   . HOH B 2 .   ? -23.240 1.429   21.049  1.00 33.96  ? 415 HOH A O   1 
HETATM 1535 O O   . HOH B 2 .   ? -12.673 -6.454  22.227  1.00 49.39  ? 416 HOH A O   1 
HETATM 1536 O O   . HOH B 2 .   ? -7.642  -6.365  -1.955  1.00 57.60  ? 417 HOH A O   1 
HETATM 1537 O O   . HOH B 2 .   ? -10.236 2.686   1.977   1.00 40.74  ? 418 HOH A O   1 
HETATM 1538 O O   . HOH B 2 .   ? 10.038  -0.492  -28.473 1.00 49.93  ? 419 HOH A O   1 
# 
